data_6MQM
#
_entry.id   6MQM
#
_cell.length_a   76.906
_cell.length_b   147.933
_cell.length_c   102.017
_cell.angle_alpha   90.000
_cell.angle_beta   93.020
_cell.angle_gamma   90.000
#
_symmetry.space_group_name_H-M   'P 1 21 1'
#
loop_
_entity.id
_entity.type
_entity.pdbx_description
1 polymer 'antibody Fab heavy chain'
2 polymer 'antibody Fab light chain'
3 polymer 'HIV Env fusion peptide residue 512-519'
#
loop_
_entity_poly.entity_id
_entity_poly.type
_entity_poly.pdbx_seq_one_letter_code
_entity_poly.pdbx_strand_id
1 'polypeptide(L)'
;QVQLVESGPGLVRPSETLSLTCAVSGASIRTKAWWSWIRQPPGKGLEWIGYVSGGWDLPNYNPSLKNRVIILKDTSLNQF
SLRLTSVTAADTALYYCAREGPEDFDVWGPGFLVTVSSASTKGPSVFPLAPSSKSTSGGTAALGCLVKDYFPEPVTVSWN
SGALTSGVHTFPAVLQSSGLYSLSSVVTVPSSSLGTQTYICNVNHKPSNTKVDKKVEPKSCD
;
A,D,G,J
2 'polypeptide(L)'
;DVVMTQSPLSLSITPGQPASISCRSSQSLVHSDGKTYLSWYQQKPGQPPRLLIYQVSNWYSGVPDRFSGSGTGTNFTLKI
SRVEAADVGVYYCGQGVHLPRTFGQGTKVDIKRTVAAPSVFIFPPSEDQVKSGTVSVVCLLNNFYPREASVKWKVDGVLK
TGNSQESVTEQDSKDNTYSLSSTLTLSNTDYQSHNVYACEVTHQGLSSPVTKSFNRG
;
B,E,H,K
3 'polypeptide(L)' AVGIGAV C,F,I,L
#
# COMPACT_ATOMS: atom_id res chain seq x y z
N GLN A 1 12.95 48.50 -31.80
CA GLN A 1 13.37 48.27 -33.19
C GLN A 1 14.43 47.19 -33.28
N VAL A 2 14.86 46.68 -32.13
CA VAL A 2 15.91 45.68 -32.10
C VAL A 2 15.32 44.30 -32.39
N GLN A 3 15.88 43.62 -33.39
CA GLN A 3 15.41 42.29 -33.78
C GLN A 3 16.58 41.35 -33.90
N LEU A 4 16.44 40.15 -33.35
CA LEU A 4 17.44 39.10 -33.43
C LEU A 4 16.84 37.88 -34.09
N VAL A 5 17.60 37.23 -34.96
CA VAL A 5 17.11 36.07 -35.70
C VAL A 5 18.15 34.97 -35.63
N GLU A 6 17.71 33.77 -35.26
CA GLU A 6 18.59 32.61 -35.20
C GLU A 6 18.52 31.83 -36.51
N SER A 7 19.66 31.31 -36.94
CA SER A 7 19.76 30.53 -38.15
C SER A 7 20.77 29.41 -37.94
N GLY A 8 20.61 28.35 -38.74
CA GLY A 8 21.49 27.22 -38.68
C GLY A 8 20.81 25.97 -39.16
N PRO A 9 21.33 24.82 -38.76
CA PRO A 9 20.70 23.55 -39.14
C PRO A 9 19.59 23.18 -38.17
N GLY A 10 18.62 22.44 -38.69
CA GLY A 10 17.52 21.97 -37.88
C GLY A 10 17.79 20.56 -37.39
N LEU A 11 18.72 19.89 -38.07
CA LEU A 11 19.13 18.55 -37.72
C LEU A 11 20.64 18.51 -37.56
N VAL A 12 21.09 17.93 -36.46
CA VAL A 12 22.51 17.64 -36.23
C VAL A 12 22.63 16.21 -35.75
N ARG A 13 23.62 15.50 -36.27
CA ARG A 13 23.86 14.13 -35.83
C ARG A 13 24.42 14.14 -34.42
N PRO A 14 24.20 13.08 -33.64
CA PRO A 14 24.74 13.06 -32.27
C PRO A 14 26.26 12.99 -32.30
N SER A 15 26.85 13.44 -31.19
CA SER A 15 28.30 13.51 -30.98
C SER A 15 28.95 14.55 -31.88
N GLU A 16 28.19 15.14 -32.79
CA GLU A 16 28.69 16.22 -33.62
C GLU A 16 28.58 17.54 -32.87
N THR A 17 28.86 18.65 -33.57
CA THR A 17 28.86 19.97 -32.97
C THR A 17 27.74 20.81 -33.54
N LEU A 18 26.96 21.42 -32.65
CA LEU A 18 25.83 22.26 -33.02
C LEU A 18 26.31 23.69 -33.19
N SER A 19 26.06 24.27 -34.37
CA SER A 19 26.39 25.66 -34.64
C SER A 19 25.09 26.43 -34.87
N LEU A 20 24.96 27.56 -34.19
CA LEU A 20 23.80 28.43 -34.34
C LEU A 20 24.28 29.87 -34.43
N THR A 21 23.63 30.67 -35.26
CA THR A 21 24.07 32.05 -35.46
C THR A 21 22.89 32.99 -35.23
N CYS A 22 23.08 33.99 -34.37
CA CYS A 22 22.07 35.00 -34.10
C CYS A 22 22.54 36.30 -34.72
N ALA A 23 21.76 36.79 -35.69
CA ALA A 23 22.02 38.06 -36.33
C ALA A 23 21.18 39.13 -35.64
N VAL A 24 21.84 40.25 -35.30
CA VAL A 24 21.23 41.35 -34.57
C VAL A 24 21.10 42.53 -35.52
N SER A 25 19.90 43.09 -35.60
CA SER A 25 19.65 44.34 -36.31
C SER A 25 18.95 45.30 -35.37
N GLY A 26 19.15 46.59 -35.62
CA GLY A 26 18.54 47.63 -34.81
C GLY A 26 19.43 48.19 -33.72
N ALA A 27 20.61 47.58 -33.51
CA ALA A 27 21.57 48.08 -32.54
C ALA A 27 22.91 47.41 -32.81
N SER A 28 23.98 48.14 -32.51
CA SER A 28 25.32 47.62 -32.73
C SER A 28 25.69 46.63 -31.65
N ILE A 29 26.41 45.57 -32.04
CA ILE A 29 26.79 44.54 -31.09
C ILE A 29 27.82 45.05 -30.10
N ARG A 30 28.48 46.16 -30.41
CA ARG A 30 29.51 46.75 -29.57
C ARG A 30 28.92 47.74 -28.58
N THR A 31 27.93 47.30 -27.81
CA THR A 31 27.26 48.13 -26.83
C THR A 31 27.34 47.47 -25.46
N LYS A 32 26.81 48.16 -24.45
CA LYS A 32 26.85 47.67 -23.08
C LYS A 32 25.74 46.63 -22.93
N ALA A 33 26.00 45.44 -23.46
CA ALA A 33 25.00 44.38 -23.45
C ALA A 33 25.72 43.03 -23.45
N TRP A 34 25.07 42.04 -22.86
CA TRP A 34 25.55 40.66 -22.88
C TRP A 34 24.68 39.87 -23.83
N TRP A 35 25.23 39.50 -24.98
CA TRP A 35 24.48 38.77 -26.00
C TRP A 35 24.48 37.29 -25.62
N SER A 36 23.31 36.75 -25.31
CA SER A 36 23.21 35.50 -24.58
C SER A 36 22.44 34.45 -25.37
N TRP A 37 22.74 33.19 -25.06
CA TRP A 37 22.03 32.03 -25.58
C TRP A 37 21.41 31.29 -24.41
N ILE A 38 20.14 30.92 -24.57
CA ILE A 38 19.34 30.22 -23.56
C ILE A 38 18.51 29.16 -24.28
N ARG A 39 18.46 27.95 -23.72
CA ARG A 39 17.72 26.88 -24.38
C ARG A 39 16.60 26.38 -23.48
N GLN A 40 15.60 25.79 -24.13
CA GLN A 40 14.39 25.29 -23.48
C GLN A 40 13.94 24.00 -24.16
N PRO A 41 14.02 22.85 -23.49
CA PRO A 41 13.46 21.64 -24.06
C PRO A 41 11.96 21.74 -24.12
N PRO A 42 11.34 21.29 -25.21
CA PRO A 42 9.93 21.64 -25.47
C PRO A 42 9.02 21.24 -24.33
N GLY A 43 8.20 22.19 -23.88
CA GLY A 43 7.31 21.95 -22.77
C GLY A 43 8.00 21.88 -21.42
N LYS A 44 9.18 22.46 -21.28
CA LYS A 44 9.91 22.44 -20.03
C LYS A 44 10.48 23.83 -19.79
N GLY A 45 11.36 23.93 -18.77
CA GLY A 45 11.86 25.22 -18.34
C GLY A 45 13.02 25.71 -19.16
N LEU A 46 13.51 26.90 -18.78
CA LEU A 46 14.60 27.55 -19.50
C LEU A 46 15.94 27.17 -18.87
N GLU A 47 16.91 26.87 -19.72
CA GLU A 47 18.28 26.62 -19.30
C GLU A 47 19.18 27.68 -19.89
N TRP A 48 19.83 28.45 -19.03
CA TRP A 48 20.73 29.51 -19.47
C TRP A 48 22.03 28.89 -19.95
N ILE A 49 22.38 29.14 -21.21
CA ILE A 49 23.62 28.59 -21.76
C ILE A 49 24.79 29.51 -21.50
N GLY A 50 24.69 30.79 -21.85
CA GLY A 50 25.78 31.69 -21.58
C GLY A 50 25.65 32.99 -22.35
N TYR A 51 26.74 33.75 -22.37
CA TYR A 51 26.75 35.05 -23.03
C TYR A 51 28.14 35.38 -23.55
N VAL A 52 28.18 36.31 -24.50
CA VAL A 52 29.40 36.98 -24.92
C VAL A 52 29.16 38.48 -24.80
N SER A 53 30.13 39.19 -24.22
CA SER A 53 29.95 40.59 -23.92
C SER A 53 30.18 41.46 -25.15
N GLY A 54 29.46 42.59 -25.20
CA GLY A 54 29.70 43.58 -26.24
C GLY A 54 30.96 44.38 -26.02
N GLY A 55 31.48 44.38 -24.80
CA GLY A 55 32.73 45.05 -24.49
C GLY A 55 33.90 44.10 -24.63
N TRP A 56 34.84 44.16 -23.68
CA TRP A 56 36.04 43.34 -23.73
C TRP A 56 36.12 42.30 -22.63
N ASP A 57 35.06 42.12 -21.84
CA ASP A 57 35.14 41.15 -20.75
C ASP A 57 34.91 39.74 -21.28
N LEU A 58 35.48 38.77 -20.57
CA LEU A 58 35.46 37.40 -21.05
C LEU A 58 34.06 36.80 -20.94
N PRO A 59 33.71 35.90 -21.85
CA PRO A 59 32.43 35.19 -21.74
C PRO A 59 32.40 34.25 -20.55
N ASN A 60 31.19 33.92 -20.13
CA ASN A 60 30.94 32.96 -19.06
C ASN A 60 29.80 32.05 -19.48
N TYR A 61 29.93 30.76 -19.17
CA TYR A 61 28.96 29.76 -19.58
C TYR A 61 28.44 29.01 -18.37
N ASN A 62 27.40 28.24 -18.59
CA ASN A 62 26.80 27.46 -17.52
C ASN A 62 27.67 26.25 -17.21
N PRO A 63 28.05 26.03 -15.96
CA PRO A 63 28.85 24.83 -15.63
C PRO A 63 28.14 23.54 -15.96
N SER A 64 26.81 23.55 -16.02
CA SER A 64 26.07 22.35 -16.37
C SER A 64 26.39 21.85 -17.77
N LEU A 65 26.97 22.70 -18.62
CA LEU A 65 27.25 22.34 -20.00
C LEU A 65 28.54 21.54 -20.15
N LYS A 66 29.28 21.34 -19.06
CA LYS A 66 30.44 20.44 -19.03
C LYS A 66 31.51 20.85 -20.05
N ASN A 67 31.79 22.15 -20.12
CA ASN A 67 32.88 22.67 -20.96
C ASN A 67 32.72 22.27 -22.42
N ARG A 68 31.49 22.31 -22.91
CA ARG A 68 31.20 22.01 -24.31
C ARG A 68 30.79 23.24 -25.10
N VAL A 69 30.71 24.41 -24.48
CA VAL A 69 30.11 25.60 -25.07
C VAL A 69 31.19 26.62 -25.42
N ILE A 70 31.09 27.18 -26.61
CA ILE A 70 31.86 28.34 -27.03
C ILE A 70 30.88 29.35 -27.59
N ILE A 71 30.96 30.59 -27.12
CA ILE A 71 30.10 31.66 -27.61
C ILE A 71 31.00 32.74 -28.18
N LEU A 72 30.77 33.09 -29.44
CA LEU A 72 31.66 33.97 -30.17
C LEU A 72 30.86 35.16 -30.68
N LYS A 73 31.56 36.26 -30.94
CA LYS A 73 30.93 37.46 -31.47
C LYS A 73 31.75 37.96 -32.65
N ASP A 74 31.05 38.46 -33.67
CA ASP A 74 31.67 38.97 -34.89
C ASP A 74 31.09 40.36 -35.11
N THR A 75 31.90 41.37 -34.79
CA THR A 75 31.46 42.77 -34.91
C THR A 75 31.25 43.17 -36.36
N SER A 76 32.12 42.70 -37.26
CA SER A 76 32.02 43.12 -38.65
C SER A 76 30.70 42.71 -39.27
N LEU A 77 30.26 41.48 -39.03
CA LEU A 77 28.96 41.03 -39.50
C LEU A 77 27.83 41.37 -38.54
N ASN A 78 28.16 41.90 -37.37
CA ASN A 78 27.20 42.24 -36.32
C ASN A 78 26.32 41.03 -35.97
N GLN A 79 26.99 39.97 -35.51
CA GLN A 79 26.27 38.75 -35.14
C GLN A 79 27.05 38.06 -34.03
N PHE A 80 26.37 37.13 -33.34
CA PHE A 80 27.09 36.26 -32.41
C PHE A 80 26.57 34.84 -32.54
N SER A 81 27.43 33.87 -32.26
CA SER A 81 27.15 32.48 -32.59
C SER A 81 27.53 31.54 -31.44
N LEU A 82 26.82 30.43 -31.39
CA LEU A 82 26.99 29.38 -30.38
C LEU A 82 27.53 28.11 -31.03
N ARG A 83 28.59 27.56 -30.46
CA ARG A 83 29.13 26.26 -30.85
C ARG A 83 29.06 25.34 -29.63
N LEU A 84 28.38 24.21 -29.77
CA LEU A 84 28.15 23.28 -28.68
C LEU A 84 28.59 21.90 -29.14
N THR A 85 29.67 21.38 -28.56
CA THR A 85 30.29 20.17 -29.08
C THR A 85 29.72 18.92 -28.42
N SER A 86 29.80 17.80 -29.14
CA SER A 86 29.45 16.47 -28.63
C SER A 86 28.00 16.43 -28.14
N VAL A 87 27.09 16.79 -29.03
CA VAL A 87 25.68 16.88 -28.67
C VAL A 87 25.08 15.48 -28.50
N THR A 88 24.09 15.38 -27.63
CA THR A 88 23.30 14.17 -27.44
C THR A 88 21.83 14.53 -27.61
N ALA A 89 20.96 13.53 -27.44
CA ALA A 89 19.52 13.78 -27.53
C ALA A 89 19.07 14.80 -26.49
N ALA A 90 19.76 14.87 -25.34
CA ALA A 90 19.40 15.84 -24.32
C ALA A 90 19.56 17.27 -24.80
N ASP A 91 20.37 17.50 -25.83
CA ASP A 91 20.58 18.84 -26.37
C ASP A 91 19.52 19.24 -27.39
N THR A 92 18.53 18.38 -27.65
CA THR A 92 17.43 18.70 -28.54
C THR A 92 16.46 19.65 -27.85
N ALA A 93 16.33 20.87 -28.37
CA ALA A 93 15.51 21.86 -27.66
C ALA A 93 15.27 23.07 -28.57
N LEU A 94 14.65 24.09 -28.00
CA LEU A 94 14.43 25.38 -28.63
C LEU A 94 15.47 26.34 -28.12
N TYR A 95 16.19 26.99 -29.04
CA TYR A 95 17.30 27.85 -28.70
C TYR A 95 16.90 29.30 -28.96
N TYR A 96 17.08 30.13 -27.94
CA TYR A 96 16.74 31.54 -27.99
C TYR A 96 18.03 32.33 -27.85
N CYS A 97 18.20 33.33 -28.71
CA CYS A 97 19.27 34.31 -28.56
C CYS A 97 18.64 35.60 -28.07
N ALA A 98 19.24 36.21 -27.06
CA ALA A 98 18.62 37.29 -26.33
C ALA A 98 19.66 38.33 -25.98
N ARG A 99 19.20 39.49 -25.54
CA ARG A 99 20.11 40.56 -25.12
C ARG A 99 19.86 40.89 -23.65
N GLU A 100 20.81 40.53 -22.78
CA GLU A 100 20.78 40.97 -21.39
C GLU A 100 21.32 42.38 -21.34
N GLY A 101 20.45 43.35 -21.03
CA GLY A 101 20.85 44.73 -21.04
C GLY A 101 20.84 45.40 -19.68
N PRO A 102 20.79 46.73 -19.69
CA PRO A 102 20.76 47.49 -18.42
C PRO A 102 19.51 47.21 -17.60
N GLU A 103 18.44 46.74 -18.23
CA GLU A 103 17.24 46.35 -17.49
C GLU A 103 17.31 44.87 -17.15
N ASP A 104 17.28 44.03 -18.17
CA ASP A 104 17.29 42.57 -18.07
C ASP A 104 17.26 42.05 -19.50
N PHE A 105 17.00 40.76 -19.68
CA PHE A 105 16.85 40.28 -21.06
C PHE A 105 15.80 41.14 -21.76
N ASP A 106 16.26 42.04 -22.61
CA ASP A 106 15.36 42.98 -23.29
C ASP A 106 14.61 42.30 -24.40
N VAL A 107 15.35 41.75 -25.36
CA VAL A 107 14.82 41.27 -26.62
C VAL A 107 15.25 39.83 -26.82
N TRP A 108 14.31 39.00 -27.28
CA TRP A 108 14.54 37.60 -27.56
C TRP A 108 14.30 37.32 -29.04
N GLY A 109 15.03 36.37 -29.57
CA GLY A 109 14.72 35.87 -30.89
C GLY A 109 13.50 34.97 -30.85
N PRO A 110 12.93 34.70 -32.02
CA PRO A 110 11.70 33.89 -32.04
C PRO A 110 11.89 32.47 -31.55
N GLY A 111 13.12 31.98 -31.50
CA GLY A 111 13.37 30.61 -31.09
C GLY A 111 13.60 29.71 -32.27
N PHE A 112 14.60 28.83 -32.17
CA PHE A 112 14.95 27.93 -33.27
C PHE A 112 15.04 26.52 -32.72
N LEU A 113 14.36 25.58 -33.37
CA LEU A 113 14.25 24.23 -32.85
C LEU A 113 15.34 23.36 -33.46
N VAL A 114 16.22 22.83 -32.61
CA VAL A 114 17.28 21.94 -33.04
C VAL A 114 16.98 20.56 -32.48
N THR A 115 16.93 19.58 -33.37
CA THR A 115 16.65 18.19 -33.04
C THR A 115 17.89 17.36 -33.28
N VAL A 116 18.31 16.59 -32.28
CA VAL A 116 19.48 15.74 -32.37
C VAL A 116 19.00 14.33 -32.68
N SER A 117 19.19 13.91 -33.92
CA SER A 117 18.75 12.59 -34.35
C SER A 117 19.55 12.18 -35.58
N SER A 118 19.65 10.87 -35.77
CA SER A 118 20.32 10.31 -36.94
C SER A 118 19.41 10.18 -38.15
N ALA A 119 18.11 10.42 -37.99
CA ALA A 119 17.14 10.09 -39.02
C ALA A 119 17.21 11.08 -40.19
N SER A 120 16.79 10.60 -41.36
CA SER A 120 16.90 11.37 -42.59
C SER A 120 15.68 12.27 -42.78
N THR A 121 15.94 13.49 -43.28
CA THR A 121 14.87 14.46 -43.49
C THR A 121 13.84 13.94 -44.49
N LYS A 122 12.57 14.20 -44.21
CA LYS A 122 11.49 13.84 -45.12
C LYS A 122 10.45 14.96 -45.17
N GLY A 123 10.04 15.32 -46.38
CA GLY A 123 9.01 16.33 -46.57
C GLY A 123 7.62 15.77 -46.39
N PRO A 124 6.68 16.63 -46.03
CA PRO A 124 5.32 16.17 -45.70
C PRO A 124 4.40 16.05 -46.91
N SER A 125 3.42 15.18 -46.75
CA SER A 125 2.28 15.08 -47.65
C SER A 125 1.11 15.87 -47.07
N VAL A 126 0.44 16.63 -47.94
CA VAL A 126 -0.67 17.49 -47.51
C VAL A 126 -1.96 16.99 -48.15
N PHE A 127 -2.93 16.66 -47.32
CA PHE A 127 -4.24 16.22 -47.80
C PHE A 127 -5.33 17.14 -47.29
N PRO A 128 -6.35 17.43 -48.09
CA PRO A 128 -7.44 18.28 -47.60
C PRO A 128 -8.42 17.50 -46.73
N LEU A 129 -8.89 18.15 -45.67
CA LEU A 129 -9.97 17.65 -44.83
C LEU A 129 -11.18 18.50 -45.19
N ALA A 130 -12.02 17.97 -46.08
CA ALA A 130 -13.08 18.74 -46.71
C ALA A 130 -14.32 18.78 -45.82
N PRO A 131 -15.03 19.90 -45.81
CA PRO A 131 -16.33 19.96 -45.12
C PRO A 131 -17.43 19.35 -45.98
N SER A 132 -18.51 18.97 -45.32
CA SER A 132 -19.66 18.42 -46.02
C SER A 132 -20.94 19.07 -45.50
N SER A 133 -22.01 18.91 -46.30
CA SER A 133 -23.33 19.39 -45.89
C SER A 133 -23.96 18.50 -44.83
N LYS A 134 -23.70 17.20 -44.88
CA LYS A 134 -24.13 16.27 -43.83
C LYS A 134 -23.47 16.57 -42.49
N SER A 135 -22.42 17.39 -42.46
CA SER A 135 -21.65 17.65 -41.25
C SER A 135 -21.79 19.07 -40.73
N THR A 136 -22.75 19.85 -41.25
CA THR A 136 -22.93 21.22 -40.80
C THR A 136 -23.49 21.23 -39.39
N SER A 137 -22.75 21.85 -38.46
CA SER A 137 -23.17 21.97 -37.06
C SER A 137 -23.73 23.38 -36.85
N GLY A 138 -25.00 23.53 -37.21
CA GLY A 138 -25.63 24.83 -37.20
C GLY A 138 -25.31 25.61 -38.47
N GLY A 139 -24.81 26.82 -38.31
CA GLY A 139 -24.48 27.67 -39.43
C GLY A 139 -23.03 27.74 -39.84
N THR A 140 -22.14 27.06 -39.14
CA THR A 140 -20.72 27.06 -39.46
C THR A 140 -20.25 25.63 -39.75
N ALA A 141 -19.37 25.50 -40.73
CA ALA A 141 -18.73 24.23 -41.04
C ALA A 141 -17.24 24.37 -40.82
N ALA A 142 -16.55 23.23 -40.75
CA ALA A 142 -15.12 23.21 -40.51
C ALA A 142 -14.40 22.53 -41.66
N LEU A 143 -13.22 23.05 -42.00
CA LEU A 143 -12.39 22.45 -43.02
C LEU A 143 -10.93 22.57 -42.59
N GLY A 144 -10.05 21.80 -43.23
CA GLY A 144 -8.67 21.84 -42.78
C GLY A 144 -7.72 21.12 -43.70
N CYS A 145 -6.50 20.94 -43.18
CA CYS A 145 -5.41 20.31 -43.90
C CYS A 145 -4.68 19.35 -42.97
N LEU A 146 -4.46 18.13 -43.44
CA LEU A 146 -3.69 17.13 -42.74
C LEU A 146 -2.29 17.09 -43.32
N VAL A 147 -1.29 17.20 -42.44
CA VAL A 147 0.12 17.23 -42.81
C VAL A 147 0.75 15.98 -42.23
N LYS A 148 1.08 15.01 -43.10
CA LYS A 148 1.54 13.69 -42.67
C LYS A 148 2.97 13.44 -43.09
N ASP A 149 3.66 12.64 -42.28
CA ASP A 149 4.90 11.97 -42.69
C ASP A 149 5.99 12.97 -43.08
N TYR A 150 6.35 13.80 -42.11
CA TYR A 150 7.45 14.73 -42.28
C TYR A 150 8.43 14.58 -41.12
N PHE A 151 9.66 15.04 -41.36
CA PHE A 151 10.69 15.00 -40.32
C PHE A 151 11.77 15.99 -40.70
N PRO A 152 12.31 16.77 -39.74
CA PRO A 152 11.85 16.85 -38.36
C PRO A 152 10.88 18.00 -38.14
N GLU A 153 10.60 18.31 -36.87
CA GLU A 153 9.84 19.50 -36.55
C GLU A 153 10.64 20.74 -36.96
N PRO A 154 9.96 21.87 -37.22
CA PRO A 154 8.51 22.06 -37.27
C PRO A 154 8.01 22.32 -38.69
N VAL A 155 6.69 22.38 -38.85
CA VAL A 155 6.07 22.94 -40.04
C VAL A 155 5.30 24.17 -39.61
N THR A 156 5.09 25.07 -40.57
CA THR A 156 4.25 26.23 -40.35
C THR A 156 3.04 26.15 -41.27
N VAL A 157 1.86 26.43 -40.73
CA VAL A 157 0.61 26.38 -41.47
C VAL A 157 -0.07 27.73 -41.35
N SER A 158 -0.42 28.31 -42.48
CA SER A 158 -1.22 29.52 -42.53
C SER A 158 -2.44 29.27 -43.41
N TRP A 159 -3.41 30.16 -43.33
CA TRP A 159 -4.63 30.04 -44.13
C TRP A 159 -4.81 31.31 -44.95
N ASN A 160 -5.06 31.14 -46.24
CA ASN A 160 -5.21 32.26 -47.18
C ASN A 160 -4.06 33.25 -47.06
N SER A 161 -2.84 32.71 -46.99
CA SER A 161 -1.61 33.50 -46.87
C SER A 161 -1.64 34.44 -45.67
N GLY A 162 -2.33 34.03 -44.60
CA GLY A 162 -2.39 34.83 -43.40
C GLY A 162 -3.61 35.72 -43.29
N ALA A 163 -4.41 35.83 -44.35
CA ALA A 163 -5.61 36.67 -44.27
C ALA A 163 -6.62 36.09 -43.29
N LEU A 164 -6.74 34.77 -43.23
CA LEU A 164 -7.67 34.10 -42.33
C LEU A 164 -6.93 33.72 -41.06
N THR A 165 -7.35 34.29 -39.94
CA THR A 165 -6.72 34.01 -38.65
C THR A 165 -7.70 33.55 -37.59
N SER A 166 -8.90 34.13 -37.56
CA SER A 166 -9.85 33.83 -36.48
C SER A 166 -10.42 32.43 -36.65
N GLY A 167 -10.45 31.67 -35.55
CA GLY A 167 -11.03 30.35 -35.55
C GLY A 167 -10.13 29.24 -36.05
N VAL A 168 -8.88 29.53 -36.33
CA VAL A 168 -7.95 28.51 -36.81
C VAL A 168 -7.30 27.83 -35.60
N HIS A 169 -7.22 26.51 -35.66
CA HIS A 169 -6.52 25.72 -34.66
C HIS A 169 -5.56 24.80 -35.40
N THR A 170 -4.26 25.02 -35.20
CA THR A 170 -3.23 24.10 -35.68
C THR A 170 -2.77 23.25 -34.50
N PHE A 171 -2.97 21.96 -34.62
CA PHE A 171 -2.77 21.07 -33.49
C PHE A 171 -1.29 20.72 -33.32
N PRO A 172 -0.88 20.39 -32.10
CA PRO A 172 0.46 19.83 -31.91
C PRO A 172 0.66 18.59 -32.75
N ALA A 173 1.85 18.46 -33.31
CA ALA A 173 2.18 17.26 -34.08
C ALA A 173 2.27 16.05 -33.16
N VAL A 174 1.84 14.91 -33.67
CA VAL A 174 1.94 13.64 -32.97
C VAL A 174 2.90 12.74 -33.74
N LEU A 175 3.83 12.11 -33.03
CA LEU A 175 4.84 11.28 -33.66
C LEU A 175 4.27 9.90 -33.96
N GLN A 176 4.30 9.51 -35.22
CA GLN A 176 3.79 8.20 -35.62
C GLN A 176 4.73 7.09 -35.16
N SER A 177 4.28 5.85 -35.36
CA SER A 177 5.14 4.69 -35.14
C SER A 177 6.25 4.61 -36.18
N SER A 178 6.08 5.25 -37.33
CA SER A 178 7.11 5.23 -38.36
C SER A 178 8.32 6.07 -37.99
N GLY A 179 8.20 6.95 -36.99
CA GLY A 179 9.24 7.89 -36.68
C GLY A 179 9.06 9.25 -37.30
N LEU A 180 7.98 9.45 -38.05
CA LEU A 180 7.67 10.72 -38.67
C LEU A 180 6.54 11.41 -37.90
N TYR A 181 6.32 12.67 -38.22
CA TYR A 181 5.33 13.46 -37.51
C TYR A 181 4.07 13.64 -38.37
N SER A 182 2.96 13.90 -37.69
CA SER A 182 1.71 14.20 -38.36
C SER A 182 0.94 15.20 -37.52
N LEU A 183 0.32 16.17 -38.19
CA LEU A 183 -0.56 17.11 -37.50
C LEU A 183 -1.72 17.47 -38.41
N SER A 184 -2.66 18.23 -37.85
CA SER A 184 -3.82 18.70 -38.58
C SER A 184 -4.05 20.16 -38.22
N SER A 185 -4.51 20.93 -39.20
CA SER A 185 -4.87 22.33 -38.98
C SER A 185 -6.29 22.54 -39.49
N VAL A 186 -7.18 22.97 -38.60
CA VAL A 186 -8.59 23.11 -38.95
C VAL A 186 -9.03 24.55 -38.72
N VAL A 187 -10.15 24.90 -39.34
CA VAL A 187 -10.75 26.22 -39.18
C VAL A 187 -12.26 26.09 -39.32
N THR A 188 -12.97 26.85 -38.50
CA THR A 188 -14.42 26.97 -38.60
C THR A 188 -14.76 28.23 -39.38
N VAL A 189 -15.81 28.14 -40.20
CA VAL A 189 -16.10 29.17 -41.18
C VAL A 189 -17.60 29.12 -41.48
N PRO A 190 -18.25 30.27 -41.67
CA PRO A 190 -19.68 30.26 -42.02
C PRO A 190 -19.92 29.42 -43.27
N SER A 191 -20.92 28.54 -43.20
CA SER A 191 -21.19 27.64 -44.32
C SER A 191 -21.59 28.41 -45.57
N SER A 192 -22.16 29.61 -45.40
CA SER A 192 -22.45 30.46 -46.54
C SER A 192 -21.17 30.77 -47.31
N SER A 193 -20.11 31.12 -46.57
CA SER A 193 -18.82 31.39 -47.21
C SER A 193 -18.38 30.25 -48.10
N LEU A 194 -18.80 29.02 -47.76
CA LEU A 194 -18.36 27.86 -48.53
C LEU A 194 -18.72 28.00 -50.01
N GLY A 195 -19.84 28.68 -50.30
CA GLY A 195 -20.22 28.84 -51.69
C GLY A 195 -19.41 29.88 -52.43
N THR A 196 -18.89 30.88 -51.72
CA THR A 196 -18.25 32.01 -52.38
C THR A 196 -16.76 32.12 -52.10
N GLN A 197 -16.34 32.04 -50.84
CA GLN A 197 -14.95 32.27 -50.47
C GLN A 197 -14.16 30.97 -50.59
N THR A 198 -12.98 31.05 -51.20
CA THR A 198 -12.12 29.89 -51.38
C THR A 198 -11.12 29.82 -50.24
N TYR A 199 -10.81 28.59 -49.82
CA TYR A 199 -10.01 28.37 -48.62
C TYR A 199 -8.78 27.55 -48.96
N ILE A 200 -7.61 28.10 -48.65
CA ILE A 200 -6.33 27.56 -49.04
C ILE A 200 -5.45 27.45 -47.81
N CYS A 201 -4.86 26.28 -47.58
CA CYS A 201 -3.88 26.08 -46.52
C CYS A 201 -2.48 26.12 -47.12
N ASN A 202 -1.61 26.89 -46.49
CA ASN A 202 -0.22 27.04 -46.92
C ASN A 202 0.66 26.37 -45.87
N VAL A 203 1.27 25.25 -46.26
CA VAL A 203 2.16 24.48 -45.40
C VAL A 203 3.59 24.73 -45.84
N ASN A 204 4.47 24.94 -44.87
CA ASN A 204 5.88 25.17 -45.14
C ASN A 204 6.71 24.28 -44.22
N HIS A 205 7.64 23.54 -44.81
CA HIS A 205 8.59 22.70 -44.08
C HIS A 205 9.97 23.05 -44.63
N LYS A 206 10.67 23.93 -43.94
CA LYS A 206 11.96 24.42 -44.40
C LYS A 206 13.03 23.33 -44.43
N PRO A 207 13.16 22.48 -43.39
CA PRO A 207 14.20 21.43 -43.47
C PRO A 207 14.13 20.58 -44.72
N SER A 208 12.94 20.37 -45.27
CA SER A 208 12.78 19.62 -46.51
C SER A 208 12.52 20.53 -47.71
N ASN A 209 12.60 21.85 -47.52
CA ASN A 209 12.38 22.82 -48.59
C ASN A 209 11.10 22.52 -49.35
N THR A 210 10.02 22.24 -48.61
CA THR A 210 8.73 21.95 -49.22
C THR A 210 7.74 23.04 -48.85
N LYS A 211 7.03 23.54 -49.84
CA LYS A 211 5.97 24.52 -49.63
C LYS A 211 4.78 24.08 -50.47
N VAL A 212 3.64 23.87 -49.81
CA VAL A 212 2.45 23.33 -50.46
C VAL A 212 1.27 24.24 -50.16
N ASP A 213 0.60 24.70 -51.22
CA ASP A 213 -0.63 25.47 -51.09
C ASP A 213 -1.75 24.59 -51.62
N LYS A 214 -2.66 24.19 -50.74
CA LYS A 214 -3.71 23.23 -51.09
C LYS A 214 -5.06 23.83 -50.73
N LYS A 215 -5.96 23.89 -51.70
CA LYS A 215 -7.28 24.47 -51.46
C LYS A 215 -8.23 23.37 -51.01
N VAL A 216 -9.02 23.69 -49.99
CA VAL A 216 -9.95 22.76 -49.38
C VAL A 216 -11.35 23.17 -49.78
N GLU A 217 -12.03 22.32 -50.55
CA GLU A 217 -13.38 22.59 -51.02
C GLU A 217 -14.22 21.35 -50.83
N PRO A 218 -15.54 21.50 -50.70
CA PRO A 218 -16.39 20.32 -50.52
C PRO A 218 -16.32 19.39 -51.72
N LYS A 219 -16.77 18.16 -51.52
CA LYS A 219 -16.62 17.14 -52.55
C LYS A 219 -17.49 17.47 -53.75
N SER A 220 -17.14 16.87 -54.89
CA SER A 220 -17.77 17.24 -56.15
C SER A 220 -19.22 16.79 -56.22
N CYS A 221 -19.62 15.84 -55.38
CA CYS A 221 -21.00 15.37 -55.31
C CYS A 221 -21.74 16.00 -54.14
N ASP A 222 -21.07 16.85 -53.35
CA ASP A 222 -21.67 17.50 -52.21
C ASP A 222 -22.32 18.82 -52.62
N ASP B 1 24.52 26.68 -8.28
CA ASP B 1 23.53 27.62 -8.82
C ASP B 1 22.68 28.23 -7.72
N VAL B 2 22.06 29.36 -8.01
CA VAL B 2 21.04 29.94 -7.15
C VAL B 2 19.70 29.34 -7.58
N VAL B 3 19.15 28.48 -6.73
CA VAL B 3 17.96 27.72 -7.11
C VAL B 3 16.72 28.58 -6.92
N MET B 4 15.93 28.71 -7.97
CA MET B 4 14.69 29.48 -7.96
C MET B 4 13.51 28.51 -7.95
N THR B 5 12.59 28.73 -7.03
CA THR B 5 11.43 27.85 -6.85
C THR B 5 10.16 28.68 -6.98
N GLN B 6 9.28 28.28 -7.88
CA GLN B 6 8.01 28.95 -8.07
C GLN B 6 6.89 28.15 -7.43
N SER B 7 5.83 28.86 -7.03
CA SER B 7 4.71 28.25 -6.37
C SER B 7 3.46 29.08 -6.63
N PRO B 8 2.36 28.47 -7.12
CA PRO B 8 2.29 27.04 -7.46
C PRO B 8 2.81 26.76 -8.86
N LEU B 9 2.97 25.48 -9.21
CA LEU B 9 3.43 25.13 -10.54
C LEU B 9 2.28 25.12 -11.55
N SER B 10 1.04 25.10 -11.06
CA SER B 10 -0.14 25.17 -11.92
C SER B 10 -1.15 26.03 -11.21
N LEU B 11 -1.58 27.11 -11.85
CA LEU B 11 -2.43 28.12 -11.22
C LEU B 11 -3.60 28.42 -12.15
N SER B 12 -4.80 28.04 -11.73
CA SER B 12 -6.02 28.36 -12.46
C SER B 12 -6.65 29.61 -11.85
N ILE B 13 -6.81 30.65 -12.65
CA ILE B 13 -7.31 31.92 -12.17
C ILE B 13 -8.82 31.96 -12.39
N THR B 14 -9.51 32.58 -11.47
CA THR B 14 -10.95 32.71 -11.51
C THR B 14 -11.30 34.10 -12.04
N PRO B 15 -12.20 34.22 -13.02
CA PRO B 15 -12.44 35.54 -13.63
C PRO B 15 -12.90 36.54 -12.59
N GLY B 16 -12.57 37.80 -12.83
CA GLY B 16 -12.89 38.84 -11.88
C GLY B 16 -12.08 38.82 -10.60
N GLN B 17 -11.15 37.88 -10.45
CA GLN B 17 -10.37 37.72 -9.24
C GLN B 17 -8.90 38.03 -9.50
N PRO B 18 -8.13 38.32 -8.46
CA PRO B 18 -6.69 38.49 -8.63
C PRO B 18 -5.98 37.14 -8.59
N ALA B 19 -4.72 37.16 -9.03
CA ALA B 19 -3.92 35.93 -9.05
C ALA B 19 -2.51 36.24 -8.61
N SER B 20 -1.89 35.27 -7.94
CA SER B 20 -0.61 35.49 -7.26
C SER B 20 0.30 34.30 -7.45
N ILE B 21 1.52 34.56 -7.94
CA ILE B 21 2.59 33.58 -8.07
C ILE B 21 3.73 34.01 -7.15
N SER B 22 4.37 33.05 -6.50
CA SER B 22 5.48 33.33 -5.60
C SER B 22 6.75 32.68 -6.14
N CYS B 23 7.88 33.36 -5.93
CA CYS B 23 9.17 32.87 -6.40
C CYS B 23 10.20 33.11 -5.30
N ARG B 24 10.87 32.05 -4.90
CA ARG B 24 11.81 32.09 -3.78
C ARG B 24 13.18 31.61 -4.24
N SER B 25 14.21 32.32 -3.80
CA SER B 25 15.58 32.04 -4.21
C SER B 25 16.38 31.49 -3.03
N SER B 26 17.37 30.65 -3.36
CA SER B 26 18.19 30.04 -2.33
C SER B 26 19.18 31.03 -1.72
N GLN B 27 19.45 32.13 -2.39
CA GLN B 27 20.32 33.19 -1.89
C GLN B 27 19.64 34.53 -2.11
N SER B 28 20.11 35.53 -1.39
CA SER B 28 19.60 36.88 -1.59
C SER B 28 19.97 37.39 -2.97
N LEU B 29 19.02 38.08 -3.61
CA LEU B 29 19.26 38.70 -4.92
C LEU B 29 19.61 40.17 -4.80
N VAL B 30 20.05 40.62 -3.62
CA VAL B 30 20.47 42.00 -3.43
C VAL B 30 21.92 42.12 -3.86
N HIS B 31 22.19 43.04 -4.78
CA HIS B 31 23.53 43.28 -5.26
C HIS B 31 24.20 44.37 -4.42
N SER B 32 25.52 44.47 -4.56
CA SER B 32 26.26 45.45 -3.79
C SER B 32 25.94 46.89 -4.20
N ASP B 33 25.31 47.09 -5.36
CA ASP B 33 24.93 48.44 -5.77
C ASP B 33 23.62 48.88 -5.17
N GLY B 34 23.01 48.07 -4.30
CA GLY B 34 21.77 48.42 -3.65
C GLY B 34 20.51 48.01 -4.38
N LYS B 35 20.63 47.51 -5.60
CA LYS B 35 19.46 47.12 -6.39
C LYS B 35 19.21 45.62 -6.25
N THR B 36 17.95 45.23 -6.45
CA THR B 36 17.54 43.83 -6.41
C THR B 36 17.20 43.40 -7.83
N TYR B 37 17.93 42.40 -8.34
CA TYR B 37 17.82 42.02 -9.75
C TYR B 37 16.99 40.75 -9.85
N LEU B 38 15.67 40.94 -9.84
CA LEU B 38 14.72 39.87 -10.06
C LEU B 38 13.79 40.30 -11.19
N SER B 39 13.45 39.36 -12.07
CA SER B 39 12.65 39.69 -13.23
C SER B 39 11.56 38.66 -13.44
N TRP B 40 10.47 39.10 -14.07
CA TRP B 40 9.30 38.30 -14.35
C TRP B 40 9.02 38.34 -15.85
N TYR B 41 8.86 37.16 -16.44
CA TYR B 41 8.65 36.97 -17.87
C TYR B 41 7.38 36.15 -18.11
N GLN B 42 6.69 36.45 -19.21
CA GLN B 42 5.49 35.73 -19.63
C GLN B 42 5.75 35.09 -20.98
N GLN B 43 5.38 33.81 -21.13
CA GLN B 43 5.63 33.06 -22.35
C GLN B 43 4.33 32.42 -22.82
N LYS B 44 3.78 32.94 -23.90
CA LYS B 44 2.67 32.32 -24.59
C LYS B 44 3.21 31.22 -25.51
N PRO B 45 2.40 30.22 -25.86
CA PRO B 45 2.95 29.04 -26.53
C PRO B 45 3.44 29.35 -27.94
N GLY B 46 4.58 28.75 -28.27
CA GLY B 46 5.20 28.86 -29.58
C GLY B 46 5.95 30.14 -29.86
N GLN B 47 6.16 30.98 -28.86
CA GLN B 47 6.88 32.24 -29.01
C GLN B 47 7.84 32.38 -27.84
N PRO B 48 8.84 33.24 -27.94
CA PRO B 48 9.76 33.44 -26.83
C PRO B 48 9.08 34.19 -25.69
N PRO B 49 9.66 34.14 -24.50
CA PRO B 49 9.10 34.90 -23.37
C PRO B 49 9.09 36.40 -23.63
N ARG B 50 8.21 37.08 -22.91
CA ARG B 50 8.13 38.54 -22.93
C ARG B 50 8.65 39.06 -21.60
N LEU B 51 9.48 40.09 -21.66
CA LEU B 51 9.92 40.73 -20.42
C LEU B 51 8.77 41.57 -19.88
N LEU B 52 8.33 41.26 -18.67
CA LEU B 52 7.29 42.04 -18.01
C LEU B 52 7.87 42.97 -16.96
N ILE B 53 8.61 42.40 -16.01
CA ILE B 53 9.13 43.18 -14.89
C ILE B 53 10.62 42.89 -14.74
N TYR B 54 11.40 43.94 -14.53
CA TYR B 54 12.76 43.84 -14.02
C TYR B 54 12.82 44.66 -12.75
N GLN B 55 13.79 44.35 -11.87
CA GLN B 55 13.96 45.18 -10.68
C GLN B 55 12.66 45.26 -9.89
N VAL B 56 12.41 44.28 -9.01
CA VAL B 56 11.15 43.59 -8.75
C VAL B 56 9.87 44.36 -9.09
N SER B 57 9.87 45.68 -9.01
CA SER B 57 8.62 46.41 -9.19
C SER B 57 8.59 47.34 -10.40
N ASN B 58 9.68 47.48 -11.15
CA ASN B 58 9.65 48.30 -12.37
C ASN B 58 9.08 47.53 -13.56
N TRP B 59 8.25 48.22 -14.33
CA TRP B 59 7.61 47.63 -15.50
C TRP B 59 8.44 47.91 -16.76
N TYR B 60 8.57 46.89 -17.60
CA TYR B 60 9.19 47.11 -18.89
C TYR B 60 8.26 47.91 -19.78
N SER B 61 8.87 48.66 -20.70
CA SER B 61 8.12 49.52 -21.61
C SER B 61 7.01 48.74 -22.31
N GLY B 62 5.78 49.24 -22.19
CA GLY B 62 4.63 48.64 -22.85
C GLY B 62 3.87 47.62 -22.03
N VAL B 63 4.32 47.32 -20.81
CA VAL B 63 3.65 46.33 -19.97
C VAL B 63 2.57 47.04 -19.14
N PRO B 64 1.35 46.51 -19.07
CA PRO B 64 0.28 47.23 -18.36
C PRO B 64 0.46 47.15 -16.84
N ASP B 65 -0.10 48.17 -16.17
CA ASP B 65 -0.02 48.26 -14.72
C ASP B 65 -0.72 47.12 -13.98
N ARG B 66 -1.52 46.29 -14.67
CA ARG B 66 -2.22 45.23 -13.94
C ARG B 66 -1.26 44.15 -13.47
N PHE B 67 -0.08 44.08 -14.07
CA PHE B 67 0.96 43.16 -13.62
C PHE B 67 1.78 43.88 -12.55
N SER B 68 1.92 43.26 -11.39
CA SER B 68 2.63 43.93 -10.30
C SER B 68 3.58 42.95 -9.63
N GLY B 69 4.68 43.49 -9.14
CA GLY B 69 5.70 42.68 -8.48
C GLY B 69 6.07 43.27 -7.14
N SER B 70 6.22 42.39 -6.15
CA SER B 70 6.58 42.79 -4.80
C SER B 70 7.61 41.79 -4.26
N GLY B 71 8.13 42.10 -3.09
CA GLY B 71 9.02 41.19 -2.40
C GLY B 71 10.34 41.86 -2.02
N THR B 72 11.09 41.12 -1.20
CA THR B 72 12.38 41.55 -0.70
C THR B 72 13.25 40.31 -0.52
N GLY B 73 14.56 40.49 -0.71
CA GLY B 73 15.49 39.43 -0.37
C GLY B 73 15.28 38.17 -1.20
N THR B 74 14.67 37.16 -0.58
CA THR B 74 14.41 35.89 -1.23
C THR B 74 12.94 35.67 -1.57
N ASN B 75 12.02 36.48 -1.05
CA ASN B 75 10.60 36.31 -1.32
C ASN B 75 10.15 37.32 -2.37
N PHE B 76 9.50 36.84 -3.42
CA PHE B 76 9.00 37.70 -4.48
C PHE B 76 7.63 37.22 -4.91
N THR B 77 6.78 38.15 -5.35
CA THR B 77 5.40 37.84 -5.68
C THR B 77 4.94 38.63 -6.88
N LEU B 78 4.41 37.93 -7.88
CA LEU B 78 3.79 38.54 -9.05
C LEU B 78 2.28 38.40 -8.96
N LYS B 79 1.57 39.51 -9.09
CA LYS B 79 0.11 39.51 -9.05
C LYS B 79 -0.47 40.06 -10.34
N ILE B 80 -1.46 39.34 -10.86
CA ILE B 80 -2.27 39.78 -11.99
C ILE B 80 -3.59 40.23 -11.41
N SER B 81 -3.83 41.54 -11.44
CA SER B 81 -4.93 42.12 -10.68
C SER B 81 -6.27 41.72 -11.27
N ARG B 82 -6.47 41.96 -12.57
CA ARG B 82 -7.69 41.55 -13.25
C ARG B 82 -7.30 41.05 -14.63
N VAL B 83 -7.58 39.77 -14.87
CA VAL B 83 -6.94 39.05 -15.97
C VAL B 83 -7.64 39.38 -17.28
N GLU B 84 -6.93 39.10 -18.37
CA GLU B 84 -7.45 39.12 -19.72
C GLU B 84 -7.42 37.70 -20.26
N ALA B 85 -8.16 37.48 -21.34
CA ALA B 85 -8.17 36.15 -21.93
C ALA B 85 -6.80 35.78 -22.50
N ALA B 86 -6.08 36.77 -23.03
CA ALA B 86 -4.77 36.52 -23.62
C ALA B 86 -3.71 36.10 -22.60
N ASP B 87 -4.00 36.20 -21.31
CA ASP B 87 -2.96 36.05 -20.29
C ASP B 87 -2.63 34.61 -19.95
N VAL B 88 -3.15 33.63 -20.70
CA VAL B 88 -2.77 32.24 -20.45
C VAL B 88 -1.31 32.04 -20.84
N GLY B 89 -0.64 31.08 -20.21
CA GLY B 89 0.71 30.81 -20.61
C GLY B 89 1.57 30.42 -19.42
N VAL B 90 2.89 30.44 -19.61
CA VAL B 90 3.82 30.03 -18.57
C VAL B 90 4.59 31.26 -18.09
N TYR B 91 4.67 31.42 -16.78
CA TYR B 91 5.34 32.58 -16.18
C TYR B 91 6.61 32.14 -15.48
N TYR B 92 7.69 32.89 -15.69
CA TYR B 92 8.99 32.56 -15.14
C TYR B 92 9.55 33.73 -14.34
N CYS B 93 10.21 33.41 -13.24
CA CYS B 93 11.05 34.36 -12.53
C CYS B 93 12.51 34.06 -12.81
N GLY B 94 13.31 35.11 -12.89
CA GLY B 94 14.73 34.95 -13.18
C GLY B 94 15.60 35.95 -12.47
N GLN B 95 16.70 35.48 -11.88
CA GLN B 95 17.65 36.36 -11.23
C GLN B 95 18.74 36.76 -12.22
N GLY B 96 19.09 38.04 -12.19
CA GLY B 96 20.09 38.54 -13.11
C GLY B 96 21.26 39.17 -12.36
N VAL B 97 21.59 38.60 -11.20
CA VAL B 97 22.67 39.18 -10.40
C VAL B 97 23.77 38.14 -10.22
N HIS B 98 23.39 36.86 -10.16
CA HIS B 98 24.34 35.79 -9.89
C HIS B 98 24.59 34.97 -11.15
N LEU B 99 25.83 34.52 -11.31
CA LEU B 99 26.21 33.62 -12.38
C LEU B 99 26.45 32.23 -11.81
N PRO B 100 25.88 31.18 -12.42
CA PRO B 100 25.10 31.22 -13.67
C PRO B 100 23.71 31.80 -13.50
N ARG B 101 23.20 32.43 -14.57
CA ARG B 101 21.82 32.89 -14.56
C ARG B 101 20.88 31.70 -14.38
N THR B 102 19.82 31.91 -13.61
CA THR B 102 18.87 30.84 -13.34
C THR B 102 17.45 31.36 -13.48
N PHE B 103 16.55 30.45 -13.81
CA PHE B 103 15.13 30.75 -13.93
C PHE B 103 14.36 29.78 -13.05
N GLY B 104 13.12 30.14 -12.73
CA GLY B 104 12.23 29.20 -12.12
C GLY B 104 11.83 28.13 -13.12
N GLN B 105 11.23 27.06 -12.59
CA GLN B 105 10.74 26.01 -13.49
C GLN B 105 9.52 26.47 -14.27
N GLY B 106 8.82 27.50 -13.78
CA GLY B 106 7.71 28.07 -14.52
C GLY B 106 6.37 27.67 -13.94
N THR B 107 5.42 28.61 -13.95
CA THR B 107 4.08 28.37 -13.45
C THR B 107 3.13 28.45 -14.64
N LYS B 108 2.40 27.38 -14.89
CA LYS B 108 1.46 27.32 -16.00
C LYS B 108 0.12 27.90 -15.57
N VAL B 109 -0.34 28.92 -16.27
CA VAL B 109 -1.55 29.66 -15.95
C VAL B 109 -2.59 29.33 -17.00
N ASP B 110 -3.72 28.78 -16.54
CA ASP B 110 -4.89 28.49 -17.33
C ASP B 110 -6.08 29.14 -16.64
N ILE B 111 -7.05 29.57 -17.44
CA ILE B 111 -8.17 30.36 -16.93
C ILE B 111 -9.38 29.47 -16.73
N LYS B 112 -10.19 29.83 -15.73
CA LYS B 112 -11.48 29.20 -15.51
C LYS B 112 -12.54 29.97 -16.27
N ARG B 113 -13.46 29.25 -16.91
CA ARG B 113 -14.52 29.91 -17.68
C ARG B 113 -15.74 29.00 -17.73
N THR B 114 -16.80 29.51 -18.35
CA THR B 114 -18.04 28.76 -18.44
C THR B 114 -17.87 27.53 -19.31
N VAL B 115 -18.47 26.41 -18.88
CA VAL B 115 -18.39 25.18 -19.64
C VAL B 115 -19.06 25.37 -21.01
N ALA B 116 -18.53 24.68 -22.01
CA ALA B 116 -19.09 24.72 -23.36
C ALA B 116 -18.93 23.36 -24.01
N ALA B 117 -20.02 22.84 -24.57
CA ALA B 117 -19.95 21.57 -25.25
C ALA B 117 -19.17 21.72 -26.56
N PRO B 118 -18.42 20.70 -26.95
CA PRO B 118 -17.61 20.82 -28.16
C PRO B 118 -18.46 20.78 -29.42
N SER B 119 -18.03 21.53 -30.42
CA SER B 119 -18.60 21.36 -31.75
C SER B 119 -17.86 20.21 -32.43
N VAL B 120 -18.60 19.19 -32.87
CA VAL B 120 -17.99 17.94 -33.31
C VAL B 120 -18.10 17.86 -34.83
N PHE B 121 -16.98 17.51 -35.47
CA PHE B 121 -16.94 17.30 -36.90
C PHE B 121 -16.17 16.02 -37.20
N ILE B 122 -16.51 15.38 -38.31
CA ILE B 122 -15.76 14.22 -38.78
C ILE B 122 -15.30 14.51 -40.21
N PHE B 123 -14.07 14.10 -40.50
CA PHE B 123 -13.46 14.30 -41.81
C PHE B 123 -13.08 12.94 -42.37
N PRO B 124 -13.78 12.49 -43.40
CA PRO B 124 -13.39 11.28 -44.11
C PRO B 124 -12.18 11.56 -44.98
N PRO B 125 -11.42 10.54 -45.35
CA PRO B 125 -10.22 10.76 -46.15
C PRO B 125 -10.55 11.14 -47.58
N SER B 126 -9.69 11.98 -48.15
CA SER B 126 -9.78 12.26 -49.57
C SER B 126 -9.34 11.03 -50.36
N GLU B 127 -9.78 10.96 -51.63
CA GLU B 127 -9.38 9.85 -52.47
C GLU B 127 -7.87 9.76 -52.62
N ASP B 128 -7.18 10.89 -52.62
CA ASP B 128 -5.72 10.87 -52.64
C ASP B 128 -5.16 10.07 -51.48
N GLN B 129 -5.74 10.24 -50.28
CA GLN B 129 -5.29 9.47 -49.14
C GLN B 129 -5.48 7.97 -49.36
N VAL B 130 -6.62 7.58 -49.92
CA VAL B 130 -6.88 6.17 -50.19
C VAL B 130 -5.85 5.63 -51.18
N LYS B 131 -5.56 6.41 -52.22
CA LYS B 131 -4.52 6.02 -53.16
C LYS B 131 -3.15 5.95 -52.49
N SER B 132 -2.94 6.75 -51.45
CA SER B 132 -1.59 6.99 -50.93
C SER B 132 -0.98 5.77 -50.25
N GLY B 133 -1.79 4.80 -49.84
CA GLY B 133 -1.25 3.65 -49.13
C GLY B 133 -1.81 3.54 -47.73
N THR B 134 -2.02 4.68 -47.07
CA THR B 134 -2.61 4.72 -45.74
C THR B 134 -3.63 5.84 -45.68
N VAL B 135 -4.57 5.70 -44.74
CA VAL B 135 -5.75 6.54 -44.66
C VAL B 135 -5.87 7.06 -43.23
N SER B 136 -6.25 8.33 -43.10
CA SER B 136 -6.43 8.96 -41.79
C SER B 136 -7.81 9.60 -41.73
N VAL B 137 -8.65 9.11 -40.83
CA VAL B 137 -9.96 9.67 -40.55
C VAL B 137 -9.85 10.56 -39.33
N VAL B 138 -10.41 11.76 -39.40
CA VAL B 138 -10.17 12.77 -38.37
C VAL B 138 -11.48 13.09 -37.66
N CYS B 139 -11.47 13.10 -36.33
CA CYS B 139 -12.61 13.57 -35.55
C CYS B 139 -12.15 14.77 -34.75
N LEU B 140 -12.86 15.90 -34.92
CA LEU B 140 -12.45 17.17 -34.35
C LEU B 140 -13.50 17.63 -33.33
N LEU B 141 -13.02 17.99 -32.15
CA LEU B 141 -13.80 18.63 -31.10
C LEU B 141 -13.30 20.06 -30.98
N ASN B 142 -14.13 21.02 -31.29
CA ASN B 142 -13.72 22.41 -31.42
C ASN B 142 -14.24 23.18 -30.21
N ASN B 143 -13.38 23.96 -29.51
CA ASN B 143 -13.97 25.07 -28.75
C ASN B 143 -14.86 24.52 -27.63
N PHE B 144 -14.24 23.68 -26.78
CA PHE B 144 -14.91 23.14 -25.60
C PHE B 144 -14.14 23.52 -24.34
N TYR B 145 -14.83 23.40 -23.21
CA TYR B 145 -14.27 23.62 -21.89
C TYR B 145 -15.12 22.82 -20.92
N PRO B 146 -14.52 22.14 -19.93
CA PRO B 146 -13.09 22.06 -19.63
C PRO B 146 -12.33 21.08 -20.52
N ARG B 147 -11.07 20.84 -20.16
CA ARG B 147 -10.18 20.08 -21.02
C ARG B 147 -10.56 18.62 -21.13
N GLU B 148 -11.13 18.05 -20.07
CA GLU B 148 -11.41 16.62 -20.04
C GLU B 148 -12.50 16.24 -21.03
N ALA B 149 -12.20 15.25 -21.87
CA ALA B 149 -13.15 14.73 -22.85
C ALA B 149 -12.66 13.36 -23.30
N SER B 150 -13.58 12.55 -23.82
CA SER B 150 -13.24 11.21 -24.27
C SER B 150 -13.80 10.99 -25.68
N VAL B 151 -12.97 10.43 -26.55
CA VAL B 151 -13.36 10.11 -27.92
C VAL B 151 -13.21 8.62 -28.13
N LYS B 152 -14.27 7.98 -28.63
CA LYS B 152 -14.23 6.57 -28.98
C LYS B 152 -14.52 6.41 -30.46
N TRP B 153 -13.77 5.53 -31.12
CA TRP B 153 -13.94 5.29 -32.55
C TRP B 153 -14.74 4.02 -32.76
N LYS B 154 -15.76 4.08 -33.62
CA LYS B 154 -16.62 2.95 -33.90
C LYS B 154 -16.71 2.76 -35.41
N VAL B 155 -16.32 1.58 -35.88
CA VAL B 155 -16.36 1.22 -37.28
C VAL B 155 -17.39 0.12 -37.46
N ASP B 156 -18.35 0.35 -38.35
CA ASP B 156 -19.46 -0.58 -38.57
C ASP B 156 -20.12 -0.98 -37.26
N GLY B 157 -20.18 -0.03 -36.33
CA GLY B 157 -20.83 -0.23 -35.06
C GLY B 157 -19.95 -0.75 -33.94
N VAL B 158 -18.78 -1.31 -34.24
CA VAL B 158 -17.96 -1.93 -33.21
C VAL B 158 -16.84 -0.99 -32.81
N LEU B 159 -16.51 -0.99 -31.52
CA LEU B 159 -15.41 -0.19 -31.00
C LEU B 159 -14.09 -0.64 -31.59
N LYS B 160 -13.29 0.34 -32.05
CA LYS B 160 -11.96 0.09 -32.58
C LYS B 160 -10.95 0.83 -31.70
N THR B 161 -9.99 0.10 -31.16
CA THR B 161 -8.97 0.66 -30.27
C THR B 161 -7.58 0.41 -30.84
N GLY B 162 -6.63 1.21 -30.36
CA GLY B 162 -5.23 0.98 -30.65
C GLY B 162 -4.74 1.48 -31.99
N ASN B 163 -5.50 2.33 -32.69
CA ASN B 163 -5.05 2.89 -33.95
C ASN B 163 -5.30 4.40 -34.01
N SER B 164 -5.52 5.03 -32.85
CA SER B 164 -5.92 6.42 -32.79
C SER B 164 -4.87 7.23 -32.04
N GLN B 165 -4.78 8.52 -32.39
CA GLN B 165 -3.87 9.44 -31.74
C GLN B 165 -4.59 10.74 -31.44
N GLU B 166 -4.35 11.30 -30.27
CA GLU B 166 -5.02 12.52 -29.84
C GLU B 166 -4.01 13.66 -29.72
N SER B 167 -4.48 14.86 -30.04
CA SER B 167 -3.69 16.08 -29.87
C SER B 167 -4.60 17.20 -29.42
N VAL B 168 -4.19 17.93 -28.39
CA VAL B 168 -5.03 18.97 -27.78
C VAL B 168 -4.31 20.30 -27.89
N THR B 169 -5.06 21.34 -28.27
CA THR B 169 -4.50 22.68 -28.31
C THR B 169 -4.37 23.25 -26.91
N GLU B 170 -3.69 24.39 -26.82
CA GLU B 170 -3.64 25.12 -25.57
C GLU B 170 -4.85 26.02 -25.45
N GLN B 171 -5.08 26.51 -24.22
CA GLN B 171 -6.25 27.33 -23.96
C GLN B 171 -6.23 28.57 -24.84
N ASP B 172 -7.31 28.79 -25.58
CA ASP B 172 -7.34 29.81 -26.62
C ASP B 172 -7.20 31.20 -26.01
N SER B 173 -6.46 32.07 -26.71
CA SER B 173 -6.21 33.41 -26.21
C SER B 173 -7.43 34.32 -26.34
N LYS B 174 -8.41 33.94 -27.16
CA LYS B 174 -9.58 34.76 -27.36
C LYS B 174 -10.76 34.40 -26.45
N ASP B 175 -11.16 33.12 -26.37
CA ASP B 175 -12.39 32.71 -25.67
C ASP B 175 -12.15 31.70 -24.55
N ASN B 176 -10.90 31.46 -24.28
CA ASN B 176 -10.16 30.61 -23.32
C ASN B 176 -10.75 29.18 -23.35
N THR B 177 -10.83 28.65 -24.55
CA THR B 177 -11.37 27.32 -24.80
C THR B 177 -10.29 26.38 -25.31
N TYR B 178 -10.59 25.07 -25.28
CA TYR B 178 -9.69 24.05 -25.78
C TYR B 178 -10.28 23.36 -27.00
N SER B 179 -9.41 22.75 -27.80
CA SER B 179 -9.82 21.98 -28.97
C SER B 179 -8.95 20.73 -29.07
N LEU B 180 -9.52 19.67 -29.66
CA LEU B 180 -8.88 18.37 -29.68
C LEU B 180 -9.11 17.71 -31.03
N SER B 181 -8.08 17.02 -31.53
CA SER B 181 -8.17 16.23 -32.75
C SER B 181 -7.81 14.79 -32.46
N SER B 182 -8.59 13.87 -33.01
CA SER B 182 -8.33 12.44 -32.92
C SER B 182 -8.17 11.89 -34.34
N THR B 183 -7.01 11.29 -34.62
CA THR B 183 -6.69 10.82 -35.95
C THR B 183 -6.59 9.29 -35.90
N LEU B 184 -7.39 8.63 -36.73
CA LEU B 184 -7.40 7.17 -36.83
C LEU B 184 -6.72 6.80 -38.14
N THR B 185 -5.67 5.99 -38.06
CA THR B 185 -4.86 5.63 -39.22
C THR B 185 -5.03 4.15 -39.53
N LEU B 186 -5.36 3.85 -40.78
CA LEU B 186 -5.56 2.48 -41.22
C LEU B 186 -4.90 2.30 -42.59
N SER B 187 -4.78 1.04 -43.00
CA SER B 187 -4.43 0.79 -44.38
C SER B 187 -5.67 0.96 -45.26
N ASN B 188 -5.44 1.19 -46.56
CA ASN B 188 -6.57 1.28 -47.48
C ASN B 188 -7.31 -0.05 -47.55
N THR B 189 -6.57 -1.16 -47.44
CA THR B 189 -7.22 -2.47 -47.32
C THR B 189 -8.17 -2.48 -46.13
N ASP B 190 -7.66 -2.10 -44.95
CA ASP B 190 -8.51 -2.05 -43.76
C ASP B 190 -9.60 -1.00 -43.89
N TYR B 191 -9.30 0.12 -44.56
CA TYR B 191 -10.28 1.19 -44.68
C TYR B 191 -11.47 0.75 -45.54
N GLN B 192 -11.21 0.11 -46.67
CA GLN B 192 -12.26 -0.32 -47.57
C GLN B 192 -12.87 -1.66 -47.17
N SER B 193 -12.31 -2.34 -46.18
CA SER B 193 -12.95 -3.54 -45.65
C SER B 193 -14.21 -3.22 -44.85
N HIS B 194 -14.46 -1.95 -44.56
CA HIS B 194 -15.60 -1.54 -43.75
C HIS B 194 -16.27 -0.35 -44.42
N ASN B 195 -17.43 0.03 -43.89
CA ASN B 195 -18.28 1.01 -44.57
C ASN B 195 -18.60 2.25 -43.75
N VAL B 196 -18.93 2.10 -42.47
CA VAL B 196 -19.42 3.20 -41.66
C VAL B 196 -18.37 3.55 -40.62
N TYR B 197 -18.01 4.82 -40.54
CA TYR B 197 -17.02 5.29 -39.57
C TYR B 197 -17.65 6.37 -38.70
N ALA B 198 -17.42 6.29 -37.39
CA ALA B 198 -18.03 7.24 -36.47
C ALA B 198 -17.09 7.48 -35.30
N CYS B 199 -17.19 8.69 -34.74
CA CYS B 199 -16.59 9.00 -33.46
C CYS B 199 -17.69 9.41 -32.48
N GLU B 200 -17.62 8.86 -31.28
CA GLU B 200 -18.55 9.13 -30.21
C GLU B 200 -17.81 9.93 -29.15
N VAL B 201 -18.29 11.14 -28.89
CA VAL B 201 -17.66 12.07 -27.97
C VAL B 201 -18.46 12.08 -26.68
N THR B 202 -17.76 11.87 -25.56
CA THR B 202 -18.34 12.04 -24.23
C THR B 202 -17.64 13.22 -23.57
N HIS B 203 -18.43 14.13 -23.03
CA HIS B 203 -17.91 15.35 -22.44
C HIS B 203 -18.89 15.86 -21.42
N GLN B 204 -18.38 16.63 -20.45
CA GLN B 204 -19.22 17.09 -19.35
C GLN B 204 -20.39 17.92 -19.85
N GLY B 205 -20.17 18.74 -20.87
CA GLY B 205 -21.19 19.60 -21.43
C GLY B 205 -22.19 18.94 -22.35
N LEU B 206 -22.20 17.61 -22.42
CA LEU B 206 -23.11 16.86 -23.27
C LEU B 206 -24.00 15.99 -22.39
N SER B 207 -25.31 16.17 -22.53
CA SER B 207 -26.24 15.35 -21.76
C SER B 207 -26.11 13.88 -22.14
N SER B 208 -25.70 13.60 -23.37
CA SER B 208 -25.48 12.25 -23.86
C SER B 208 -24.32 12.31 -24.85
N PRO B 209 -23.53 11.25 -24.96
CA PRO B 209 -22.43 11.26 -25.93
C PRO B 209 -22.96 11.46 -27.34
N VAL B 210 -22.26 12.29 -28.10
CA VAL B 210 -22.69 12.67 -29.44
C VAL B 210 -21.85 11.90 -30.46
N THR B 211 -22.51 11.30 -31.44
CA THR B 211 -21.84 10.49 -32.44
C THR B 211 -21.93 11.16 -33.80
N LYS B 212 -20.79 11.25 -34.48
CA LYS B 212 -20.73 11.72 -35.86
C LYS B 212 -20.19 10.61 -36.73
N SER B 213 -20.79 10.42 -37.90
CA SER B 213 -20.45 9.27 -38.74
C SER B 213 -20.47 9.67 -40.21
N PHE B 214 -19.94 8.76 -41.03
CA PHE B 214 -20.03 8.88 -42.48
C PHE B 214 -19.97 7.48 -43.07
N ASN B 215 -20.41 7.39 -44.32
CA ASN B 215 -20.43 6.15 -45.09
C ASN B 215 -19.32 6.21 -46.12
N ARG B 216 -18.52 5.14 -46.20
CA ARG B 216 -17.38 5.13 -47.09
C ARG B 216 -17.82 5.27 -48.54
N GLY B 217 -17.51 6.40 -49.15
CA GLY B 217 -17.94 6.67 -50.52
C GLY B 217 -19.26 7.43 -50.57
N ALA C 1 21.10 40.99 -15.69
CA ALA C 1 21.54 42.34 -16.01
C ALA C 1 22.98 42.36 -16.48
N VAL C 2 23.29 43.23 -17.45
CA VAL C 2 24.62 43.26 -18.03
C VAL C 2 25.62 43.76 -16.98
N GLY C 3 26.71 43.03 -16.82
CA GLY C 3 27.79 43.46 -15.94
C GLY C 3 27.59 43.14 -14.47
N ILE C 4 26.54 42.43 -14.11
CA ILE C 4 26.22 42.12 -12.72
C ILE C 4 26.46 40.63 -12.50
N GLY C 5 27.51 40.30 -11.76
CA GLY C 5 27.80 38.91 -11.44
C GLY C 5 29.23 38.51 -11.74
N ALA C 6 29.85 39.15 -12.72
CA ALA C 6 31.28 39.01 -12.93
C ALA C 6 32.09 40.03 -12.14
N VAL C 7 31.41 41.03 -11.57
CA VAL C 7 32.03 42.04 -10.71
C VAL C 7 32.90 41.40 -9.62
N GLN D 1 14.99 -13.01 0.62
CA GLN D 1 14.87 -14.02 -0.42
C GLN D 1 13.87 -13.60 -1.48
N VAL D 2 13.24 -12.46 -1.28
CA VAL D 2 12.22 -11.98 -2.22
C VAL D 2 12.94 -11.34 -3.41
N GLN D 3 12.62 -11.82 -4.61
CA GLN D 3 13.25 -11.33 -5.81
C GLN D 3 12.18 -10.99 -6.85
N LEU D 4 12.36 -9.85 -7.49
CA LEU D 4 11.49 -9.38 -8.55
C LEU D 4 12.32 -9.27 -9.82
N VAL D 5 11.76 -9.71 -10.94
CA VAL D 5 12.49 -9.72 -12.21
C VAL D 5 11.62 -9.10 -13.28
N GLU D 6 12.18 -8.14 -14.01
CA GLU D 6 11.45 -7.47 -15.09
C GLU D 6 11.74 -8.15 -16.43
N SER D 7 10.70 -8.26 -17.26
CA SER D 7 10.85 -8.82 -18.59
C SER D 7 9.89 -8.11 -19.53
N GLY D 8 10.23 -8.15 -20.81
CA GLY D 8 9.40 -7.58 -21.84
C GLY D 8 10.20 -7.14 -23.04
N PRO D 9 9.62 -6.27 -23.86
CA PRO D 9 10.35 -5.73 -25.01
C PRO D 9 11.28 -4.60 -24.59
N GLY D 10 12.38 -4.48 -25.33
CA GLY D 10 13.33 -3.42 -25.08
C GLY D 10 13.16 -2.24 -26.01
N LEU D 11 12.49 -2.48 -27.14
CA LEU D 11 12.24 -1.44 -28.13
C LEU D 11 10.75 -1.42 -28.44
N VAL D 12 10.14 -0.24 -28.38
CA VAL D 12 8.77 -0.02 -28.81
C VAL D 12 8.71 1.21 -29.69
N ARG D 13 7.96 1.12 -30.78
CA ARG D 13 7.78 2.26 -31.65
C ARG D 13 6.89 3.29 -30.95
N PRO D 14 7.01 4.56 -31.32
CA PRO D 14 6.14 5.58 -30.70
C PRO D 14 4.68 5.33 -31.04
N SER D 15 3.81 5.87 -30.19
CA SER D 15 2.36 5.74 -30.30
C SER D 15 1.89 4.31 -30.04
N GLU D 16 2.83 3.37 -29.87
CA GLU D 16 2.48 2.00 -29.53
C GLU D 16 2.29 1.90 -28.02
N THR D 17 2.09 0.67 -27.53
CA THR D 17 1.85 0.42 -26.12
C THR D 17 3.00 -0.40 -25.55
N LEU D 18 3.56 0.08 -24.44
CA LEU D 18 4.67 -0.58 -23.77
C LEU D 18 4.12 -1.57 -22.75
N SER D 19 4.52 -2.83 -22.87
CA SER D 19 4.15 -3.86 -21.91
C SER D 19 5.40 -4.35 -21.17
N LEU D 20 5.31 -4.41 -19.85
CA LEU D 20 6.39 -4.92 -19.02
C LEU D 20 5.80 -5.81 -17.94
N THR D 21 6.48 -6.90 -17.62
CA THR D 21 5.96 -7.85 -16.63
C THR D 21 7.01 -8.12 -15.57
N CYS D 22 6.61 -8.03 -14.32
CA CYS D 22 7.46 -8.31 -13.18
C CYS D 22 7.02 -9.62 -12.54
N ALA D 23 7.93 -10.59 -12.55
CA ALA D 23 7.70 -11.89 -11.92
C ALA D 23 8.29 -11.86 -10.52
N VAL D 24 7.51 -12.34 -9.56
CA VAL D 24 7.87 -12.31 -8.14
C VAL D 24 8.14 -13.74 -7.68
N SER D 25 9.31 -13.93 -7.05
CA SER D 25 9.61 -15.18 -6.37
C SER D 25 10.02 -14.86 -4.94
N GLY D 26 9.80 -15.81 -4.04
CA GLY D 26 10.13 -15.64 -2.64
C GLY D 26 8.99 -15.18 -1.77
N ALA D 27 7.85 -14.82 -2.36
CA ALA D 27 6.68 -14.42 -1.59
C ALA D 27 5.46 -14.43 -2.51
N SER D 28 4.30 -14.75 -1.93
CA SER D 28 3.07 -14.80 -2.69
C SER D 28 2.54 -13.40 -2.95
N ILE D 29 1.99 -13.20 -4.15
CA ILE D 29 1.48 -11.89 -4.52
C ILE D 29 0.23 -11.52 -3.74
N ARG D 30 -0.43 -12.51 -3.14
CA ARG D 30 -1.67 -12.29 -2.40
C ARG D 30 -1.38 -11.98 -0.93
N THR D 31 -0.53 -10.98 -0.71
CA THR D 31 -0.11 -10.55 0.60
C THR D 31 -0.39 -9.06 0.79
N LYS D 32 -0.08 -8.54 1.97
CA LYS D 32 -0.33 -7.14 2.31
C LYS D 32 0.80 -6.30 1.71
N ALA D 33 0.70 -6.07 0.40
CA ALA D 33 1.72 -5.33 -0.31
C ALA D 33 1.11 -4.64 -1.51
N TRP D 34 1.70 -3.51 -1.90
CA TRP D 34 1.32 -2.77 -3.10
C TRP D 34 2.40 -3.02 -4.14
N TRP D 35 2.08 -3.78 -5.18
CA TRP D 35 3.05 -4.11 -6.21
C TRP D 35 3.11 -2.94 -7.18
N SER D 36 4.25 -2.28 -7.23
CA SER D 36 4.33 -0.94 -7.80
C SER D 36 5.33 -0.89 -8.94
N TRP D 37 5.11 0.06 -9.83
CA TRP D 37 6.01 0.37 -10.93
C TRP D 37 6.50 1.79 -10.76
N ILE D 38 7.82 1.97 -10.92
CA ILE D 38 8.50 3.25 -10.76
C ILE D 38 9.52 3.36 -11.88
N ARG D 39 9.60 4.50 -12.55
CA ARG D 39 10.55 4.63 -13.64
C ARG D 39 11.55 5.74 -13.38
N GLN D 40 12.69 5.61 -14.03
CA GLN D 40 13.81 6.54 -13.89
C GLN D 40 14.49 6.73 -15.24
N PRO D 41 14.36 7.89 -15.86
CA PRO D 41 15.10 8.15 -17.08
C PRO D 41 16.59 8.24 -16.77
N PRO D 42 17.43 7.66 -17.61
CA PRO D 42 18.83 7.42 -17.21
C PRO D 42 19.55 8.68 -16.77
N GLY D 43 20.17 8.61 -15.60
CA GLY D 43 20.86 9.74 -15.03
C GLY D 43 19.96 10.82 -14.47
N LYS D 44 18.72 10.50 -14.14
CA LYS D 44 17.78 11.47 -13.60
C LYS D 44 17.04 10.82 -12.43
N GLY D 45 16.00 11.51 -11.95
CA GLY D 45 15.32 11.09 -10.74
C GLY D 45 14.29 10.01 -10.95
N LEU D 46 13.68 9.60 -9.84
CA LEU D 46 12.69 8.52 -9.83
C LEU D 46 11.29 9.08 -10.01
N GLU D 47 10.51 8.46 -10.89
CA GLU D 47 9.12 8.82 -11.10
C GLU D 47 8.25 7.62 -10.79
N TRP D 48 7.36 7.77 -9.80
CA TRP D 48 6.45 6.70 -9.41
C TRP D 48 5.32 6.60 -10.44
N ILE D 49 5.16 5.42 -11.02
CA ILE D 49 4.11 5.20 -12.00
C ILE D 49 2.81 4.80 -11.34
N GLY D 50 2.84 3.79 -10.47
CA GLY D 50 1.62 3.41 -9.80
C GLY D 50 1.75 2.05 -9.13
N TYR D 51 0.60 1.52 -8.71
CA TYR D 51 0.62 0.23 -8.03
C TYR D 51 -0.69 -0.52 -8.29
N VAL D 52 -0.63 -1.83 -8.07
CA VAL D 52 -1.80 -2.68 -7.97
C VAL D 52 -1.69 -3.38 -6.62
N SER D 53 -2.79 -3.41 -5.88
CA SER D 53 -2.70 -3.94 -4.53
C SER D 53 -2.71 -5.46 -4.55
N GLY D 54 -2.03 -6.05 -3.56
CA GLY D 54 -2.07 -7.48 -3.41
C GLY D 54 -3.38 -7.98 -2.83
N GLY D 55 -4.16 -7.09 -2.21
CA GLY D 55 -5.47 -7.45 -1.72
C GLY D 55 -6.53 -7.12 -2.75
N TRP D 56 -7.66 -6.57 -2.30
CA TRP D 56 -8.77 -6.27 -3.20
C TRP D 56 -9.05 -4.77 -3.31
N ASP D 57 -8.17 -3.92 -2.80
CA ASP D 57 -8.39 -2.49 -2.88
C ASP D 57 -7.99 -1.97 -4.26
N LEU D 58 -8.57 -0.84 -4.65
CA LEU D 58 -8.42 -0.34 -6.00
C LEU D 58 -7.00 0.16 -6.25
N PRO D 59 -6.50 0.00 -7.47
CA PRO D 59 -5.19 0.56 -7.83
C PRO D 59 -5.25 2.09 -7.92
N ASN D 60 -4.06 2.68 -7.81
CA ASN D 60 -3.90 4.12 -7.97
C ASN D 60 -2.67 4.38 -8.83
N TYR D 61 -2.78 5.35 -9.74
CA TYR D 61 -1.71 5.68 -10.67
C TYR D 61 -1.33 7.14 -10.54
N ASN D 62 -0.22 7.49 -11.16
CA ASN D 62 0.25 8.87 -11.11
C ASN D 62 -0.57 9.73 -12.06
N PRO D 63 -1.13 10.85 -11.59
CA PRO D 63 -1.90 11.72 -12.50
C PRO D 63 -1.07 12.26 -13.65
N SER D 64 0.26 12.33 -13.50
CA SER D 64 1.10 12.82 -14.58
C SER D 64 1.02 11.95 -15.82
N LEU D 65 0.58 10.70 -15.68
CA LEU D 65 0.52 9.82 -16.84
C LEU D 65 -0.74 10.00 -17.66
N LYS D 66 -1.69 10.82 -17.19
CA LYS D 66 -2.86 11.22 -17.98
C LYS D 66 -3.66 10.02 -18.49
N ASN D 67 -3.92 9.07 -17.58
CA ASN D 67 -4.77 7.92 -17.86
C ASN D 67 -4.25 7.08 -19.02
N ARG D 68 -2.93 6.86 -19.05
CA ARG D 68 -2.31 5.98 -20.02
C ARG D 68 -1.80 4.69 -19.39
N VAL D 69 -1.98 4.52 -18.08
CA VAL D 69 -1.38 3.43 -17.33
C VAL D 69 -2.46 2.44 -16.93
N ILE D 70 -2.18 1.16 -17.13
CA ILE D 70 -2.98 0.07 -16.58
C ILE D 70 -2.01 -0.88 -15.90
N ILE D 71 -2.30 -1.24 -14.65
CA ILE D 71 -1.46 -2.17 -13.92
C ILE D 71 -2.31 -3.37 -13.52
N LEU D 72 -1.84 -4.56 -13.90
CA LEU D 72 -2.61 -5.79 -13.75
C LEU D 72 -1.82 -6.78 -12.91
N LYS D 73 -2.53 -7.72 -12.31
CA LYS D 73 -1.90 -8.76 -11.51
C LYS D 73 -2.48 -10.12 -11.86
N ASP D 74 -1.63 -11.14 -11.81
CA ASP D 74 -2.00 -12.52 -12.07
C ASP D 74 -1.51 -13.30 -10.85
N THR D 75 -2.46 -13.64 -9.97
CA THR D 75 -2.13 -14.36 -8.75
C THR D 75 -1.63 -15.77 -9.07
N SER D 76 -2.22 -16.40 -10.08
CA SER D 76 -1.84 -17.78 -10.41
C SER D 76 -0.39 -17.86 -10.84
N LEU D 77 0.07 -16.92 -11.68
CA LEU D 77 1.46 -16.87 -12.10
C LEU D 77 2.36 -16.15 -11.11
N ASN D 78 1.78 -15.50 -10.09
CA ASN D 78 2.53 -14.64 -9.18
C ASN D 78 3.31 -13.60 -9.99
N GLN D 79 2.55 -12.76 -10.70
CA GLN D 79 3.14 -11.74 -11.56
C GLN D 79 2.30 -10.49 -11.51
N PHE D 80 2.92 -9.36 -11.82
CA PHE D 80 2.15 -8.15 -12.08
C PHE D 80 2.80 -7.39 -13.22
N SER D 81 1.98 -6.69 -14.00
CA SER D 81 2.47 -6.13 -15.25
C SER D 81 1.93 -4.73 -15.46
N LEU D 82 2.71 -3.93 -16.18
CA LEU D 82 2.40 -2.55 -16.53
C LEU D 82 2.17 -2.44 -18.02
N ARG D 83 1.07 -1.80 -18.40
CA ARG D 83 0.78 -1.45 -19.78
C ARG D 83 0.67 0.08 -19.85
N LEU D 84 1.47 0.69 -20.70
CA LEU D 84 1.55 2.14 -20.81
C LEU D 84 1.30 2.52 -22.26
N THR D 85 0.18 3.18 -22.52
CA THR D 85 -0.28 3.41 -23.88
C THR D 85 0.26 4.72 -24.44
N SER D 86 0.37 4.75 -25.77
CA SER D 86 0.71 5.96 -26.53
C SER D 86 2.03 6.56 -26.05
N VAL D 87 3.08 5.73 -26.11
CA VAL D 87 4.38 6.15 -25.59
C VAL D 87 5.01 7.19 -26.52
N THR D 88 5.82 8.05 -25.94
CA THR D 88 6.63 9.03 -26.66
C THR D 88 8.08 8.85 -26.25
N ALA D 89 8.94 9.70 -26.80
CA ALA D 89 10.35 9.64 -26.42
C ALA D 89 10.53 9.88 -24.92
N ALA D 90 9.61 10.64 -24.32
CA ALA D 90 9.67 10.88 -22.88
C ALA D 90 9.51 9.60 -22.07
N ASP D 91 8.89 8.57 -22.65
CA ASP D 91 8.70 7.31 -21.94
C ASP D 91 9.90 6.38 -22.05
N THR D 92 10.97 6.80 -22.72
CA THR D 92 12.21 6.02 -22.78
C THR D 92 12.91 6.14 -21.45
N ALA D 93 13.04 5.04 -20.71
CA ALA D 93 13.59 5.16 -19.36
C ALA D 93 13.90 3.77 -18.80
N LEU D 94 14.29 3.76 -17.54
CA LEU D 94 14.54 2.54 -16.77
C LEU D 94 13.34 2.28 -15.88
N TYR D 95 12.78 1.08 -15.97
CA TYR D 95 11.57 0.71 -15.26
C TYR D 95 11.91 -0.30 -14.18
N TYR D 96 11.48 0.00 -12.96
CA TYR D 96 11.69 -0.83 -11.78
C TYR D 96 10.34 -1.30 -11.27
N CYS D 97 10.26 -2.58 -10.93
CA CYS D 97 9.11 -3.13 -10.24
C CYS D 97 9.49 -3.35 -8.79
N ALA D 98 8.62 -2.94 -7.88
CA ALA D 98 8.95 -2.86 -6.48
C ALA D 98 7.76 -3.32 -5.64
N ARG D 99 8.02 -3.54 -4.36
CA ARG D 99 6.98 -3.94 -3.41
C ARG D 99 6.92 -2.90 -2.30
N GLU D 100 5.85 -2.11 -2.28
CA GLU D 100 5.59 -1.20 -1.18
C GLU D 100 4.93 -1.99 -0.05
N GLY D 101 5.66 -2.18 1.05
CA GLY D 101 5.17 -2.93 2.18
C GLY D 101 5.08 -2.04 3.40
N PRO D 102 5.06 -2.64 4.59
CA PRO D 102 5.04 -1.81 5.80
C PRO D 102 6.29 -0.96 5.93
N GLU D 103 7.41 -1.45 5.40
CA GLU D 103 8.61 -0.67 5.19
C GLU D 103 8.58 -0.21 3.75
N ASP D 104 8.74 1.09 3.52
CA ASP D 104 8.48 1.60 2.18
C ASP D 104 9.47 0.97 1.19
N PHE D 105 8.94 0.59 0.03
CA PHE D 105 9.72 0.08 -1.10
C PHE D 105 10.81 -0.88 -0.63
N ASP D 106 10.40 -2.08 -0.23
CA ASP D 106 11.33 -3.06 0.32
C ASP D 106 12.25 -3.63 -0.75
N VAL D 107 11.67 -4.17 -1.81
CA VAL D 107 12.39 -4.96 -2.80
C VAL D 107 12.22 -4.32 -4.17
N TRP D 108 13.33 -4.20 -4.90
CA TRP D 108 13.32 -3.63 -6.23
C TRP D 108 13.81 -4.67 -7.23
N GLY D 109 13.28 -4.60 -8.45
CA GLY D 109 13.82 -5.38 -9.53
C GLY D 109 15.10 -4.76 -10.03
N PRO D 110 15.89 -5.52 -10.79
CA PRO D 110 17.18 -4.99 -11.26
C PRO D 110 17.05 -3.81 -12.19
N GLY D 111 15.87 -3.59 -12.77
CA GLY D 111 15.67 -2.49 -13.69
C GLY D 111 15.73 -2.95 -15.14
N PHE D 112 14.80 -2.45 -15.96
CA PHE D 112 14.73 -2.83 -17.36
C PHE D 112 14.64 -1.57 -18.21
N LEU D 113 15.49 -1.47 -19.22
CA LEU D 113 15.61 -0.27 -20.02
C LEU D 113 14.73 -0.38 -21.26
N VAL D 114 13.76 0.52 -21.39
CA VAL D 114 12.86 0.55 -22.53
C VAL D 114 13.16 1.81 -23.33
N THR D 115 13.43 1.62 -24.62
CA THR D 115 13.75 2.70 -25.54
C THR D 115 12.63 2.89 -26.54
N VAL D 116 12.15 4.13 -26.66
CA VAL D 116 11.08 4.47 -27.59
C VAL D 116 11.73 5.10 -28.82
N SER D 117 11.78 4.36 -29.92
CA SER D 117 12.40 4.87 -31.14
C SER D 117 11.85 4.08 -32.32
N SER D 118 11.91 4.71 -33.49
CA SER D 118 11.49 4.06 -34.72
C SER D 118 12.60 3.25 -35.37
N ALA D 119 13.83 3.37 -34.89
CA ALA D 119 14.96 2.78 -35.60
C ALA D 119 14.96 1.27 -35.44
N SER D 120 15.51 0.58 -36.43
CA SER D 120 15.48 -0.87 -36.45
C SER D 120 16.65 -1.42 -35.63
N THR D 121 16.37 -2.49 -34.90
CA THR D 121 17.38 -3.09 -34.04
C THR D 121 18.58 -3.56 -34.86
N LYS D 122 19.78 -3.34 -34.32
CA LYS D 122 21.00 -3.82 -34.94
C LYS D 122 21.92 -4.39 -33.88
N GLY D 123 22.45 -5.59 -34.14
CA GLY D 123 23.37 -6.23 -33.23
C GLY D 123 24.77 -5.70 -33.39
N PRO D 124 25.57 -5.80 -32.34
CA PRO D 124 26.92 -5.23 -32.36
C PRO D 124 27.96 -6.17 -32.93
N SER D 125 29.03 -5.55 -33.44
CA SER D 125 30.23 -6.27 -33.82
C SER D 125 31.23 -6.20 -32.67
N VAL D 126 31.88 -7.32 -32.39
CA VAL D 126 32.81 -7.42 -31.27
C VAL D 126 34.21 -7.62 -31.83
N PHE D 127 35.12 -6.72 -31.49
CA PHE D 127 36.50 -6.81 -31.93
C PHE D 127 37.42 -6.89 -30.72
N PRO D 128 38.49 -7.69 -30.78
CA PRO D 128 39.39 -7.78 -29.64
C PRO D 128 40.36 -6.60 -29.59
N LEU D 129 40.62 -6.13 -28.38
CA LEU D 129 41.67 -5.16 -28.11
C LEU D 129 42.75 -6.00 -27.43
N ALA D 130 43.69 -6.46 -28.22
CA ALA D 130 44.63 -7.46 -27.76
C ALA D 130 45.79 -6.80 -27.01
N PRO D 131 46.29 -7.45 -25.97
CA PRO D 131 47.51 -6.95 -25.32
C PRO D 131 48.72 -7.35 -26.14
N SER D 132 49.80 -6.60 -25.96
CA SER D 132 51.05 -6.86 -26.65
C SER D 132 52.20 -6.77 -25.66
N SER D 133 53.36 -7.28 -26.10
CA SER D 133 54.56 -7.10 -25.29
C SER D 133 55.01 -5.65 -25.34
N LYS D 134 54.76 -4.98 -26.47
CA LYS D 134 54.92 -3.54 -26.54
C LYS D 134 53.94 -2.82 -25.61
N SER D 135 52.92 -3.51 -25.10
CA SER D 135 51.88 -2.91 -24.29
C SER D 135 51.91 -3.36 -22.84
N THR D 136 52.90 -4.16 -22.45
CA THR D 136 53.07 -4.54 -21.06
C THR D 136 53.68 -3.37 -20.30
N SER D 137 52.95 -2.87 -19.29
CA SER D 137 53.43 -1.75 -18.47
C SER D 137 53.97 -2.34 -17.17
N GLY D 138 55.21 -2.83 -17.23
CA GLY D 138 55.76 -3.54 -16.10
C GLY D 138 55.29 -4.98 -16.11
N GLY D 139 54.68 -5.41 -15.01
CA GLY D 139 54.19 -6.76 -14.87
C GLY D 139 52.72 -6.96 -15.16
N THR D 140 51.98 -5.89 -15.47
CA THR D 140 50.56 -6.01 -15.79
C THR D 140 50.31 -5.49 -17.19
N ALA D 141 49.44 -6.19 -17.93
CA ALA D 141 48.99 -5.78 -19.25
C ALA D 141 47.48 -5.58 -19.21
N ALA D 142 46.97 -4.93 -20.26
CA ALA D 142 45.54 -4.66 -20.39
C ALA D 142 45.03 -5.32 -21.66
N LEU D 143 43.81 -5.84 -21.60
CA LEU D 143 43.15 -6.40 -22.78
C LEU D 143 41.68 -6.08 -22.72
N GLY D 144 40.99 -6.24 -23.85
CA GLY D 144 39.59 -5.88 -23.83
C GLY D 144 38.83 -6.27 -25.08
N CYS D 145 37.59 -5.77 -25.14
CA CYS D 145 36.68 -6.02 -26.24
C CYS D 145 35.97 -4.72 -26.60
N LEU D 146 35.96 -4.38 -27.88
CA LEU D 146 35.25 -3.23 -28.40
C LEU D 146 33.93 -3.70 -29.01
N VAL D 147 32.83 -3.06 -28.61
CA VAL D 147 31.49 -3.41 -29.03
C VAL D 147 30.94 -2.25 -29.84
N LYS D 148 30.79 -2.45 -31.15
CA LYS D 148 30.45 -1.39 -32.10
C LYS D 148 29.07 -1.60 -32.71
N ASP D 149 28.42 -0.48 -33.04
CA ASP D 149 27.31 -0.44 -33.99
C ASP D 149 26.14 -1.33 -33.57
N TYR D 150 25.59 -1.01 -32.40
CA TYR D 150 24.40 -1.69 -31.91
C TYR D 150 23.33 -0.66 -31.56
N PHE D 151 22.08 -1.14 -31.53
CA PHE D 151 20.95 -0.28 -31.17
C PHE D 151 19.82 -1.19 -30.75
N PRO D 152 19.10 -0.87 -29.68
CA PRO D 152 19.41 0.23 -28.76
C PRO D 152 20.23 -0.26 -27.56
N GLU D 153 20.36 0.60 -26.55
CA GLU D 153 20.95 0.18 -25.30
C GLU D 153 20.05 -0.86 -24.64
N PRO D 154 20.60 -1.72 -23.76
CA PRO D 154 22.01 -1.86 -23.39
C PRO D 154 22.64 -3.16 -23.87
N VAL D 155 23.95 -3.29 -23.69
CA VAL D 155 24.63 -4.57 -23.80
C VAL D 155 25.23 -4.89 -22.44
N THR D 156 25.43 -6.18 -22.17
CA THR D 156 26.12 -6.63 -20.97
C THR D 156 27.39 -7.37 -21.36
N VAL D 157 28.47 -7.10 -20.64
CA VAL D 157 29.75 -7.72 -20.92
C VAL D 157 30.24 -8.41 -19.65
N SER D 158 30.60 -9.69 -19.78
CA SER D 158 31.24 -10.45 -18.73
C SER D 158 32.54 -11.03 -19.25
N TRP D 159 33.38 -11.53 -18.35
CA TRP D 159 34.65 -12.12 -18.75
C TRP D 159 34.74 -13.53 -18.19
N ASN D 160 35.13 -14.48 -19.06
CA ASN D 160 35.25 -15.90 -18.69
C ASN D 160 33.97 -16.40 -18.00
N SER D 161 32.83 -16.03 -18.59
CA SER D 161 31.52 -16.40 -18.07
C SER D 161 31.32 -15.94 -16.62
N GLY D 162 31.95 -14.83 -16.26
CA GLY D 162 31.82 -14.30 -14.92
C GLY D 162 32.91 -14.71 -13.97
N ALA D 163 33.80 -15.63 -14.37
CA ALA D 163 34.90 -16.04 -13.49
C ALA D 163 35.85 -14.89 -13.23
N LEU D 164 36.10 -14.05 -14.24
CA LEU D 164 36.98 -12.90 -14.10
C LEU D 164 36.15 -11.66 -13.80
N THR D 165 36.35 -11.08 -12.62
CA THR D 165 35.64 -9.88 -12.20
C THR D 165 36.57 -8.76 -11.77
N SER D 166 37.67 -9.09 -11.09
CA SER D 166 38.54 -8.05 -10.53
C SER D 166 39.29 -7.32 -11.64
N GLY D 167 39.30 -5.99 -11.56
CA GLY D 167 40.02 -5.18 -12.52
C GLY D 167 39.30 -4.93 -13.82
N VAL D 168 38.05 -5.36 -13.95
CA VAL D 168 37.27 -5.17 -15.16
C VAL D 168 36.58 -3.82 -15.11
N HIS D 169 36.61 -3.10 -16.24
CA HIS D 169 35.89 -1.85 -16.41
C HIS D 169 35.11 -1.94 -17.71
N THR D 170 33.78 -1.88 -17.60
CA THR D 170 32.92 -1.75 -18.76
C THR D 170 32.48 -0.31 -18.87
N PHE D 171 32.85 0.33 -19.97
CA PHE D 171 32.66 1.76 -20.07
C PHE D 171 31.22 2.11 -20.48
N PRO D 172 30.75 3.29 -20.10
CA PRO D 172 29.47 3.77 -20.64
C PRO D 172 29.52 3.83 -22.16
N ALA D 173 28.41 3.45 -22.77
CA ALA D 173 28.31 3.53 -24.21
C ALA D 173 28.30 4.97 -24.69
N VAL D 174 28.92 5.20 -25.85
CA VAL D 174 28.91 6.50 -26.49
C VAL D 174 28.17 6.36 -27.81
N LEU D 175 27.25 7.30 -28.07
CA LEU D 175 26.42 7.24 -29.26
C LEU D 175 27.17 7.77 -30.47
N GLN D 176 27.28 6.95 -31.51
CA GLN D 176 27.99 7.37 -32.72
C GLN D 176 27.18 8.43 -33.45
N SER D 177 27.81 9.00 -34.49
CA SER D 177 27.08 9.89 -35.39
C SER D 177 26.08 9.14 -36.24
N SER D 178 26.27 7.82 -36.41
CA SER D 178 25.36 7.01 -37.19
C SER D 178 24.02 6.81 -36.49
N GLY D 179 23.95 7.09 -35.18
CA GLY D 179 22.78 6.77 -34.39
C GLY D 179 22.89 5.46 -33.67
N LEU D 180 24.02 4.75 -33.79
CA LEU D 180 24.25 3.50 -33.11
C LEU D 180 25.24 3.72 -31.96
N TYR D 181 25.35 2.72 -31.10
CA TYR D 181 26.15 2.83 -29.89
C TYR D 181 27.44 2.03 -29.99
N SER D 182 28.42 2.44 -29.19
CA SER D 182 29.68 1.72 -29.07
C SER D 182 30.19 1.86 -27.64
N LEU D 183 30.75 0.78 -27.11
CA LEU D 183 31.42 0.82 -25.81
C LEU D 183 32.62 -0.10 -25.83
N SER D 184 33.38 -0.09 -24.74
CA SER D 184 34.55 -0.92 -24.58
C SER D 184 34.57 -1.53 -23.19
N SER D 185 35.09 -2.75 -23.11
CA SER D 185 35.25 -3.43 -21.83
C SER D 185 36.70 -3.88 -21.72
N VAL D 186 37.41 -3.38 -20.70
CA VAL D 186 38.83 -3.67 -20.56
C VAL D 186 39.07 -4.31 -19.20
N VAL D 187 40.23 -4.95 -19.08
CA VAL D 187 40.64 -5.57 -17.83
C VAL D 187 42.16 -5.53 -17.77
N THR D 188 42.69 -5.25 -16.57
CA THR D 188 44.11 -5.32 -16.29
C THR D 188 44.41 -6.66 -15.64
N VAL D 189 45.55 -7.24 -16.00
CA VAL D 189 45.85 -8.62 -15.61
C VAL D 189 47.36 -8.80 -15.60
N PRO D 190 47.92 -9.55 -14.65
CA PRO D 190 49.36 -9.80 -14.66
C PRO D 190 49.81 -10.40 -15.99
N SER D 191 50.88 -9.82 -16.55
CA SER D 191 51.36 -10.26 -17.85
C SER D 191 51.82 -11.71 -17.86
N SER D 192 52.18 -12.25 -16.68
CA SER D 192 52.50 -13.67 -16.60
C SER D 192 51.31 -14.52 -17.01
N SER D 193 50.11 -14.17 -16.53
CA SER D 193 48.90 -14.91 -16.88
C SER D 193 48.70 -15.02 -18.38
N LEU D 194 49.19 -14.04 -19.15
CA LEU D 194 48.95 -14.04 -20.60
C LEU D 194 49.44 -15.32 -21.25
N GLY D 195 50.49 -15.93 -20.69
CA GLY D 195 51.02 -17.15 -21.26
C GLY D 195 50.18 -18.38 -20.96
N THR D 196 49.43 -18.36 -19.87
CA THR D 196 48.70 -19.54 -19.42
C THR D 196 47.18 -19.39 -19.46
N GLN D 197 46.64 -18.28 -18.94
CA GLN D 197 45.21 -18.12 -18.79
C GLN D 197 44.56 -17.57 -20.05
N THR D 198 43.43 -18.15 -20.43
CA THR D 198 42.69 -17.71 -21.61
C THR D 198 41.60 -16.72 -21.21
N TYR D 199 41.39 -15.72 -22.07
CA TYR D 199 40.52 -14.59 -21.73
C TYR D 199 39.44 -14.45 -22.79
N ILE D 200 38.19 -14.51 -22.35
CA ILE D 200 37.03 -14.50 -23.22
C ILE D 200 36.06 -13.43 -22.72
N CYS D 201 35.62 -12.56 -23.63
CA CYS D 201 34.59 -11.58 -23.33
C CYS D 201 33.26 -12.10 -23.88
N ASN D 202 32.23 -12.03 -23.03
CA ASN D 202 30.88 -12.47 -23.37
C ASN D 202 30.02 -11.22 -23.47
N VAL D 203 29.59 -10.92 -24.69
CA VAL D 203 28.76 -9.76 -24.98
C VAL D 203 27.34 -10.24 -25.22
N ASN D 204 26.37 -9.53 -24.64
CA ASN D 204 24.97 -9.86 -24.79
C ASN D 204 24.19 -8.61 -25.17
N HIS D 205 23.42 -8.70 -26.25
CA HIS D 205 22.54 -7.62 -26.71
C HIS D 205 21.17 -8.27 -26.94
N LYS D 206 20.29 -8.13 -25.94
CA LYS D 206 18.99 -8.79 -26.00
C LYS D 206 18.10 -8.24 -27.12
N PRO D 207 17.98 -6.93 -27.32
CA PRO D 207 17.11 -6.45 -28.41
C PRO D 207 17.41 -7.05 -29.77
N SER D 208 18.67 -7.40 -30.02
CA SER D 208 19.04 -8.05 -31.27
C SER D 208 19.23 -9.55 -31.10
N ASN D 209 18.92 -10.08 -29.91
CA ASN D 209 19.05 -11.50 -29.62
C ASN D 209 20.44 -12.02 -30.01
N THR D 210 21.47 -11.25 -29.67
CA THR D 210 22.83 -11.63 -30.00
C THR D 210 23.64 -11.90 -28.75
N LYS D 211 24.36 -13.02 -28.74
CA LYS D 211 25.30 -13.35 -27.67
C LYS D 211 26.58 -13.81 -28.35
N VAL D 212 27.69 -13.13 -28.05
CA VAL D 212 28.96 -13.35 -28.73
C VAL D 212 30.04 -13.58 -27.68
N ASP D 213 30.76 -14.69 -27.80
CA ASP D 213 31.91 -14.96 -26.95
C ASP D 213 33.17 -14.85 -27.80
N LYS D 214 34.02 -13.88 -27.47
CA LYS D 214 35.21 -13.58 -28.27
C LYS D 214 36.42 -13.66 -27.35
N LYS D 215 37.37 -14.50 -27.71
CA LYS D 215 38.56 -14.69 -26.90
C LYS D 215 39.66 -13.75 -27.38
N VAL D 216 40.32 -13.09 -26.44
CA VAL D 216 41.33 -12.07 -26.74
C VAL D 216 42.69 -12.66 -26.42
N GLU D 217 43.53 -12.77 -27.46
CA GLU D 217 44.87 -13.32 -27.33
C GLU D 217 45.84 -12.43 -28.09
N PRO D 218 47.11 -12.39 -27.67
CA PRO D 218 48.10 -11.56 -28.37
C PRO D 218 48.33 -12.02 -29.80
N LYS D 219 48.91 -11.14 -30.60
CA LYS D 219 49.10 -11.41 -32.01
C LYS D 219 50.12 -12.53 -32.20
N SER D 220 50.05 -13.16 -33.38
CA SER D 220 50.85 -14.35 -33.65
C SER D 220 52.32 -14.04 -33.84
N CYS D 221 52.69 -12.79 -34.14
CA CYS D 221 54.08 -12.41 -34.30
C CYS D 221 54.65 -11.72 -33.08
N ASP D 222 53.85 -11.48 -32.05
CA ASP D 222 54.33 -10.82 -30.84
C ASP D 222 54.85 -11.85 -29.84
N ASP E 1 1.09 17.06 -6.05
CA ASP E 1 2.09 16.18 -5.45
C ASP E 1 2.75 16.83 -4.24
N VAL E 2 3.34 16.02 -3.38
CA VAL E 2 4.20 16.50 -2.31
C VAL E 2 5.61 16.60 -2.88
N VAL E 3 6.09 17.83 -3.06
CA VAL E 3 7.35 18.06 -3.75
C VAL E 3 8.50 17.86 -2.78
N MET E 4 9.45 17.01 -3.16
CA MET E 4 10.62 16.70 -2.34
C MET E 4 11.84 17.37 -2.93
N THR E 5 12.59 18.08 -2.10
CA THR E 5 13.77 18.82 -2.51
C THR E 5 14.96 18.36 -1.68
N GLN E 6 16.02 17.89 -2.36
CA GLN E 6 17.24 17.45 -1.71
C GLN E 6 18.33 18.50 -1.85
N SER E 7 19.25 18.50 -0.89
CA SER E 7 20.37 19.44 -0.88
C SER E 7 21.52 18.81 -0.09
N PRO E 8 22.73 18.75 -0.65
CA PRO E 8 23.08 19.21 -2.00
C PRO E 8 22.77 18.19 -3.08
N LEU E 9 22.85 18.62 -4.33
CA LEU E 9 22.61 17.72 -5.45
C LEU E 9 23.86 16.92 -5.82
N SER E 10 25.02 17.37 -5.37
CA SER E 10 26.28 16.67 -5.58
C SER E 10 27.11 16.84 -4.32
N LEU E 11 27.51 15.73 -3.70
CA LEU E 11 28.17 15.78 -2.40
C LEU E 11 29.42 14.91 -2.45
N SER E 12 30.59 15.55 -2.38
CA SER E 12 31.86 14.86 -2.28
C SER E 12 32.25 14.80 -0.80
N ILE E 13 32.37 13.60 -0.27
CA ILE E 13 32.59 13.39 1.16
C ILE E 13 34.08 13.20 1.42
N THR E 14 34.51 13.63 2.60
CA THR E 14 35.90 13.53 3.04
C THR E 14 36.06 12.32 3.96
N PRO E 15 37.06 11.46 3.72
CA PRO E 15 37.15 10.21 4.49
C PRO E 15 37.28 10.46 5.98
N GLY E 16 36.79 9.49 6.76
CA GLY E 16 36.82 9.59 8.20
C GLY E 16 35.88 10.62 8.79
N GLN E 17 35.10 11.31 7.96
CA GLN E 17 34.23 12.38 8.41
C GLN E 17 32.78 11.99 8.21
N PRO E 18 31.86 12.67 8.88
CA PRO E 18 30.44 12.43 8.61
C PRO E 18 29.99 13.18 7.37
N ALA E 19 28.83 12.76 6.86
CA ALA E 19 28.27 13.36 5.67
C ALA E 19 26.77 13.52 5.87
N SER E 20 26.22 14.60 5.30
CA SER E 20 24.87 15.00 5.61
C SER E 20 24.13 15.45 4.36
N ILE E 21 22.97 14.85 4.12
CA ILE E 21 22.05 15.23 3.05
C ILE E 21 20.77 15.71 3.70
N SER E 22 20.16 16.76 3.14
CA SER E 22 18.92 17.31 3.65
C SER E 22 17.81 17.13 2.62
N CYS E 23 16.61 16.87 3.11
CA CYS E 23 15.44 16.63 2.28
C CYS E 23 14.24 17.33 2.88
N ARG E 24 13.58 18.17 2.09
CA ARG E 24 12.44 18.95 2.55
C ARG E 24 11.23 18.70 1.68
N SER E 25 10.07 18.55 2.32
CA SER E 25 8.83 18.25 1.63
C SER E 25 7.88 19.44 1.73
N SER E 26 7.04 19.59 0.70
CA SER E 26 6.10 20.70 0.65
C SER E 26 4.93 20.54 1.61
N GLN E 27 4.70 19.32 2.11
CA GLN E 27 3.65 19.06 3.08
C GLN E 27 4.23 18.23 4.21
N SER E 28 3.50 18.21 5.33
CA SER E 28 3.89 17.37 6.45
C SER E 28 3.77 15.90 6.07
N LEU E 29 4.75 15.10 6.49
CA LEU E 29 4.73 13.67 6.24
C LEU E 29 4.19 12.89 7.43
N VAL E 30 3.50 13.55 8.35
CA VAL E 30 2.88 12.91 9.49
C VAL E 30 1.49 12.40 9.09
N HIS E 31 1.26 11.11 9.29
CA HIS E 31 -0.03 10.50 9.00
C HIS E 31 -0.90 10.53 10.25
N SER E 32 -2.19 10.23 10.06
CA SER E 32 -3.12 10.25 11.18
C SER E 32 -2.81 9.19 12.23
N ASP E 33 -1.95 8.22 11.93
CA ASP E 33 -1.56 7.23 12.91
C ASP E 33 -0.44 7.70 13.84
N GLY E 34 0.02 8.94 13.68
CA GLY E 34 1.08 9.47 14.51
C GLY E 34 2.48 9.20 14.00
N LYS E 35 2.63 8.39 12.97
CA LYS E 35 3.94 8.04 12.45
C LYS E 35 4.31 8.95 11.29
N THR E 36 5.62 9.10 11.08
CA THR E 36 6.17 9.89 9.98
C THR E 36 6.80 8.93 8.98
N TYR E 37 6.31 8.96 7.74
CA TYR E 37 6.69 7.97 6.73
C TYR E 37 7.66 8.62 5.74
N LEU E 38 8.93 8.64 6.11
CA LEU E 38 10.00 9.11 5.25
C LEU E 38 11.05 8.02 5.14
N SER E 39 11.62 7.86 3.94
CA SER E 39 12.55 6.77 3.70
C SER E 39 13.76 7.26 2.93
N TRP E 40 14.88 6.57 3.13
CA TRP E 40 16.16 6.87 2.51
C TRP E 40 16.65 5.63 1.78
N TYR E 41 17.01 5.81 0.50
CA TYR E 41 17.41 4.74 -0.40
C TYR E 41 18.79 5.03 -0.99
N GLN E 42 19.56 3.98 -1.23
CA GLN E 42 20.87 4.06 -1.85
C GLN E 42 20.87 3.28 -3.16
N GLN E 43 21.43 3.89 -4.21
CA GLN E 43 21.47 3.30 -5.55
C GLN E 43 22.91 3.30 -6.04
N LYS E 44 23.53 2.12 -6.06
CA LYS E 44 24.84 1.95 -6.65
C LYS E 44 24.69 1.90 -8.18
N PRO E 45 25.74 2.23 -8.93
CA PRO E 45 25.57 2.33 -10.38
C PRO E 45 25.32 0.95 -10.98
N GLY E 46 24.37 0.88 -11.91
CA GLY E 46 24.05 -0.39 -12.52
C GLY E 46 23.21 -1.29 -11.64
N GLN E 47 22.64 -0.75 -10.57
CA GLN E 47 21.86 -1.51 -9.60
C GLN E 47 20.57 -0.78 -9.30
N PRO E 48 19.57 -1.49 -8.79
CA PRO E 48 18.35 -0.82 -8.30
C PRO E 48 18.63 -0.17 -6.97
N PRO E 49 17.76 0.75 -6.53
CA PRO E 49 17.95 1.36 -5.21
C PRO E 49 17.91 0.30 -4.11
N ARG E 50 18.55 0.64 -2.99
CA ARG E 50 18.54 -0.18 -1.80
C ARG E 50 17.74 0.53 -0.72
N LEU E 51 16.88 -0.21 -0.02
CA LEU E 51 16.18 0.38 1.11
C LEU E 51 17.14 0.46 2.29
N LEU E 52 17.38 1.67 2.78
CA LEU E 52 18.21 1.88 3.96
C LEU E 52 17.38 2.21 5.17
N ILE E 53 16.58 3.27 5.11
CA ILE E 53 15.81 3.72 6.26
C ILE E 53 14.36 3.90 5.84
N TYR E 54 13.43 3.46 6.68
CA TYR E 54 12.03 3.83 6.59
C TYR E 54 11.65 4.51 7.89
N GLN E 55 10.60 5.35 7.86
CA GLN E 55 10.12 5.94 9.11
C GLN E 55 11.25 6.64 9.85
N VAL E 56 11.53 7.89 9.51
CA VAL E 56 12.84 8.52 9.34
C VAL E 56 14.00 7.88 10.09
N SER E 57 13.77 7.24 11.22
CA SER E 57 14.87 6.76 12.04
C SER E 57 14.93 5.25 12.22
N ASN E 58 13.99 4.48 11.68
CA ASN E 58 14.03 3.03 11.76
C ASN E 58 14.94 2.39 10.72
N TRP E 59 15.67 1.35 11.14
CA TRP E 59 16.65 0.68 10.29
C TRP E 59 16.03 -0.51 9.55
N TYR E 60 16.31 -0.62 8.26
CA TYR E 60 15.97 -1.82 7.53
C TYR E 60 16.99 -2.92 7.84
N SER E 61 16.52 -4.17 7.74
CA SER E 61 17.38 -5.32 8.01
C SER E 61 18.67 -5.26 7.19
N GLY E 62 19.80 -5.36 7.89
CA GLY E 62 21.10 -5.40 7.25
C GLY E 62 21.76 -4.05 7.04
N VAL E 63 21.13 -2.95 7.42
CA VAL E 63 21.72 -1.64 7.22
C VAL E 63 22.57 -1.27 8.43
N PRO E 64 23.79 -0.79 8.22
CA PRO E 64 24.67 -0.51 9.36
C PRO E 64 24.23 0.73 10.13
N ASP E 65 24.63 0.77 11.40
CA ASP E 65 24.33 1.91 12.26
C ASP E 65 24.95 3.21 11.75
N ARG E 66 25.87 3.15 10.79
CA ARG E 66 26.50 4.37 10.32
C ARG E 66 25.56 5.22 9.49
N PHE E 67 24.49 4.63 8.96
CA PHE E 67 23.45 5.39 8.26
C PHE E 67 22.40 5.81 9.28
N SER E 68 22.13 7.10 9.37
CA SER E 68 21.18 7.58 10.37
C SER E 68 20.26 8.61 9.74
N GLY E 69 19.05 8.69 10.26
CA GLY E 69 18.06 9.62 9.76
C GLY E 69 17.46 10.43 10.89
N SER E 70 17.28 11.72 10.63
CA SER E 70 16.71 12.63 11.61
C SER E 70 15.71 13.54 10.94
N GLY E 71 14.99 14.31 11.75
CA GLY E 71 14.09 15.33 11.25
C GLY E 71 12.68 15.12 11.75
N THR E 72 11.87 16.16 11.51
CA THR E 72 10.46 16.19 11.86
C THR E 72 9.75 17.04 10.83
N GLY E 73 8.50 16.69 10.53
CA GLY E 73 7.71 17.54 9.67
C GLY E 73 8.25 17.67 8.26
N THR E 74 8.89 18.80 7.97
CA THR E 74 9.40 19.08 6.64
C THR E 74 10.91 19.04 6.50
N ASN E 75 11.67 19.03 7.60
CA ASN E 75 13.12 19.00 7.53
C ASN E 75 13.58 17.58 7.81
N PHE E 76 14.46 17.04 6.95
CA PHE E 76 14.94 15.68 7.14
C PHE E 76 16.42 15.65 6.80
N THR E 77 17.15 14.76 7.48
CA THR E 77 18.59 14.70 7.33
C THR E 77 19.08 13.26 7.40
N LEU E 78 19.84 12.85 6.39
CA LEU E 78 20.52 11.57 6.37
C LEU E 78 22.01 11.79 6.60
N LYS E 79 22.57 11.08 7.57
CA LYS E 79 23.98 11.19 7.90
C LYS E 79 24.68 9.85 7.73
N ILE E 80 25.83 9.89 7.05
CA ILE E 80 26.73 8.76 6.92
C ILE E 80 27.90 9.01 7.85
N SER E 81 27.97 8.25 8.94
CA SER E 81 28.87 8.60 10.03
C SER E 81 30.33 8.39 9.65
N ARG E 82 30.69 7.19 9.22
CA ARG E 82 32.06 6.92 8.78
C ARG E 82 32.00 6.02 7.55
N VAL E 83 32.51 6.54 6.44
CA VAL E 83 32.20 6.00 5.13
C VAL E 83 33.06 4.78 4.81
N GLU E 84 32.60 4.01 3.83
CA GLU E 84 33.35 2.94 3.19
C GLU E 84 33.57 3.33 1.73
N ALA E 85 34.49 2.61 1.08
CA ALA E 85 34.73 2.89 -0.34
C ALA E 85 33.51 2.55 -1.19
N ALA E 86 32.76 1.52 -0.78
CA ALA E 86 31.57 1.08 -1.51
C ALA E 86 30.44 2.10 -1.51
N ASP E 87 30.54 3.17 -0.73
CA ASP E 87 29.39 4.04 -0.49
C ASP E 87 29.13 5.04 -1.62
N VAL E 88 29.82 4.94 -2.75
CA VAL E 88 29.52 5.83 -3.86
C VAL E 88 28.14 5.49 -4.41
N GLY E 89 27.48 6.48 -4.99
CA GLY E 89 26.21 6.22 -5.63
C GLY E 89 25.26 7.39 -5.43
N VAL E 90 23.98 7.16 -5.72
CA VAL E 90 22.96 8.19 -5.63
C VAL E 90 22.03 7.87 -4.48
N TYR E 91 21.76 8.87 -3.64
CA TYR E 91 20.91 8.69 -2.48
C TYR E 91 19.62 9.47 -2.68
N TYR E 92 18.49 8.83 -2.36
CA TYR E 92 17.18 9.42 -2.57
C TYR E 92 16.39 9.43 -1.28
N CYS E 93 15.62 10.49 -1.06
CA CYS E 93 14.60 10.50 -0.03
C CYS E 93 13.23 10.32 -0.68
N GLY E 94 12.35 9.62 0.02
CA GLY E 94 11.03 9.34 -0.52
C GLY E 94 9.96 9.33 0.55
N GLN E 95 8.83 9.97 0.26
CA GLN E 95 7.70 10.01 1.19
C GLN E 95 6.77 8.84 0.91
N GLY E 96 6.28 8.23 2.00
CA GLY E 96 5.40 7.09 1.89
C GLY E 96 4.07 7.32 2.56
N VAL E 97 3.58 8.56 2.52
CA VAL E 97 2.33 8.94 3.17
C VAL E 97 1.30 9.45 2.18
N HIS E 98 1.73 10.19 1.16
CA HIS E 98 0.81 10.80 0.20
C HIS E 98 0.90 10.15 -1.17
N LEU E 99 -0.24 10.08 -1.83
CA LEU E 99 -0.31 9.64 -3.22
C LEU E 99 -0.55 10.85 -4.11
N PRO E 100 0.19 11.00 -5.21
CA PRO E 100 1.16 10.04 -5.72
C PRO E 100 2.46 10.01 -4.92
N ARG E 101 3.10 8.84 -4.88
CA ARG E 101 4.41 8.73 -4.27
C ARG E 101 5.41 9.65 -4.97
N THR E 102 6.28 10.27 -4.19
CA THR E 102 7.26 11.20 -4.74
C THR E 102 8.61 10.92 -4.11
N PHE E 103 9.66 11.25 -4.86
CA PHE E 103 11.04 11.09 -4.42
C PHE E 103 11.76 12.42 -4.58
N GLY E 104 12.88 12.55 -3.89
CA GLY E 104 13.78 13.65 -4.15
C GLY E 104 14.45 13.49 -5.50
N GLN E 105 15.09 14.56 -5.95
CA GLN E 105 15.80 14.50 -7.22
C GLN E 105 17.08 13.68 -7.11
N GLY E 106 17.61 13.49 -5.90
CA GLY E 106 18.75 12.61 -5.72
C GLY E 106 20.05 13.35 -5.50
N THR E 107 20.89 12.80 -4.61
CA THR E 107 22.20 13.36 -4.31
C THR E 107 23.27 12.37 -4.74
N LYS E 108 24.17 12.81 -5.63
CA LYS E 108 25.25 11.96 -6.10
C LYS E 108 26.43 12.10 -5.15
N VAL E 109 26.84 10.98 -4.56
CA VAL E 109 27.90 10.94 -3.57
C VAL E 109 29.11 10.23 -4.16
N ASP E 110 30.23 10.93 -4.18
CA ASP E 110 31.52 10.43 -4.62
C ASP E 110 32.54 10.68 -3.51
N ILE E 111 33.55 9.81 -3.42
CA ILE E 111 34.48 9.87 -2.31
C ILE E 111 35.72 10.65 -2.72
N LYS E 112 36.30 11.35 -1.75
CA LYS E 112 37.58 12.01 -1.93
C LYS E 112 38.69 11.07 -1.47
N ARG E 113 39.77 11.01 -2.23
CA ARG E 113 40.88 10.12 -1.87
C ARG E 113 42.17 10.67 -2.44
N THR E 114 43.26 9.95 -2.14
CA THR E 114 44.59 10.36 -2.56
C THR E 114 44.72 10.30 -4.08
N VAL E 115 45.45 11.28 -4.63
CA VAL E 115 45.65 11.35 -6.07
C VAL E 115 46.39 10.10 -6.56
N ALA E 116 46.05 9.66 -7.78
CA ALA E 116 46.70 8.51 -8.39
C ALA E 116 46.81 8.75 -9.90
N ALA E 117 48.02 8.57 -10.43
CA ALA E 117 48.23 8.76 -11.85
C ALA E 117 47.62 7.60 -12.65
N PRO E 118 47.12 7.87 -13.85
CA PRO E 118 46.52 6.81 -14.65
C PRO E 118 47.56 5.89 -15.27
N SER E 119 47.18 4.62 -15.39
CA SER E 119 47.94 3.67 -16.19
C SER E 119 47.45 3.78 -17.63
N VAL E 120 48.36 4.05 -18.55
CA VAL E 120 47.99 4.38 -19.93
C VAL E 120 48.32 3.19 -20.84
N PHE E 121 47.35 2.82 -21.67
CA PHE E 121 47.54 1.78 -22.67
C PHE E 121 46.97 2.25 -23.99
N ILE E 122 47.52 1.74 -25.09
CA ILE E 122 46.98 1.99 -26.41
C ILE E 122 46.68 0.65 -27.06
N PHE E 123 45.57 0.58 -27.77
CA PHE E 123 45.11 -0.61 -28.45
C PHE E 123 44.95 -0.30 -29.93
N PRO E 124 45.80 -0.88 -30.77
CA PRO E 124 45.63 -0.77 -32.21
C PRO E 124 44.48 -1.64 -32.66
N PRO E 125 43.88 -1.35 -33.81
CA PRO E 125 42.74 -2.14 -34.26
C PRO E 125 43.16 -3.53 -34.72
N SER E 126 42.28 -4.49 -34.51
CA SER E 126 42.49 -5.81 -35.08
C SER E 126 42.34 -5.74 -36.59
N GLU E 127 42.94 -6.71 -37.27
CA GLU E 127 42.84 -6.77 -38.72
C GLU E 127 41.39 -6.87 -39.17
N ASP E 128 40.54 -7.55 -38.38
CA ASP E 128 39.12 -7.61 -38.69
C ASP E 128 38.52 -6.21 -38.81
N GLN E 129 38.90 -5.31 -37.91
CA GLN E 129 38.41 -3.93 -37.99
C GLN E 129 38.84 -3.26 -39.29
N VAL E 130 40.10 -3.46 -39.69
CA VAL E 130 40.58 -2.85 -40.92
C VAL E 130 39.80 -3.37 -42.12
N LYS E 131 39.52 -4.68 -42.14
CA LYS E 131 38.67 -5.22 -43.20
C LYS E 131 37.25 -4.67 -43.12
N SER E 132 36.80 -4.32 -41.91
CA SER E 132 35.38 -4.06 -41.68
C SER E 132 34.88 -2.78 -42.33
N GLY E 133 35.77 -1.86 -42.69
CA GLY E 133 35.32 -0.61 -43.28
C GLY E 133 35.70 0.60 -42.47
N THR E 134 35.66 0.48 -41.14
CA THR E 134 36.06 1.56 -40.26
C THR E 134 36.91 0.99 -39.14
N VAL E 135 37.75 1.85 -38.56
CA VAL E 135 38.80 1.46 -37.63
C VAL E 135 38.70 2.33 -36.39
N SER E 136 38.89 1.70 -35.23
CA SER E 136 38.87 2.40 -33.95
C SER E 136 40.15 2.09 -33.19
N VAL E 137 40.95 3.12 -32.95
CA VAL E 137 42.14 3.02 -32.11
C VAL E 137 41.76 3.50 -30.73
N VAL E 138 42.10 2.73 -29.70
CA VAL E 138 41.58 2.98 -28.36
C VAL E 138 42.72 3.36 -27.43
N CYS E 139 42.53 4.41 -26.65
CA CYS E 139 43.48 4.79 -25.62
C CYS E 139 42.78 4.70 -24.27
N LEU E 140 43.37 3.93 -23.36
CA LEU E 140 42.76 3.63 -22.08
C LEU E 140 43.57 4.26 -20.96
N LEU E 141 42.89 4.99 -20.09
CA LEU E 141 43.44 5.56 -18.88
C LEU E 141 42.80 4.81 -17.72
N ASN E 142 43.60 4.06 -16.98
CA ASN E 142 43.10 3.16 -15.96
C ASN E 142 43.39 3.71 -14.57
N ASN E 143 42.33 3.78 -13.75
CA ASN E 143 42.47 3.89 -12.28
C ASN E 143 43.29 5.13 -11.90
N PHE E 144 42.71 6.29 -12.18
CA PHE E 144 43.31 7.56 -11.78
C PHE E 144 42.35 8.33 -10.88
N TYR E 145 42.90 9.35 -10.22
CA TYR E 145 42.17 10.28 -9.37
C TYR E 145 43.01 11.54 -9.36
N PRO E 146 42.38 12.73 -9.46
CA PRO E 146 40.95 12.96 -9.59
C PRO E 146 40.41 12.73 -10.99
N ARG E 147 39.15 13.10 -11.20
CA ARG E 147 38.45 12.73 -12.44
C ARG E 147 39.00 13.50 -13.65
N GLU E 148 39.49 14.72 -13.44
CA GLU E 148 39.92 15.55 -14.55
C GLU E 148 41.15 14.95 -15.24
N ALA E 149 41.07 14.81 -16.56
CA ALA E 149 42.17 14.32 -17.37
C ALA E 149 41.92 14.72 -18.81
N SER E 150 42.99 14.79 -19.59
CA SER E 150 42.89 15.19 -20.98
C SER E 150 43.66 14.21 -21.86
N VAL E 151 43.05 13.83 -22.98
CA VAL E 151 43.66 12.92 -23.94
C VAL E 151 43.80 13.65 -25.26
N LYS E 152 45.00 13.62 -25.85
CA LYS E 152 45.24 14.18 -27.16
C LYS E 152 45.68 13.07 -28.10
N TRP E 153 45.14 13.09 -29.32
CA TRP E 153 45.50 12.08 -30.31
C TRP E 153 46.50 12.69 -31.29
N LYS E 154 47.60 11.97 -31.52
CA LYS E 154 48.67 12.45 -32.38
C LYS E 154 49.01 11.36 -33.38
N VAL E 155 48.88 11.69 -34.67
CA VAL E 155 49.19 10.78 -35.75
C VAL E 155 50.40 11.32 -36.48
N ASP E 156 51.45 10.50 -36.58
CA ASP E 156 52.71 10.91 -37.20
C ASP E 156 53.19 12.26 -36.67
N GLY E 157 52.94 12.49 -35.38
CA GLY E 157 53.40 13.69 -34.72
C GLY E 157 52.43 14.86 -34.74
N VAL E 158 51.42 14.84 -35.61
CA VAL E 158 50.53 15.99 -35.76
C VAL E 158 49.23 15.72 -35.01
N LEU E 159 48.68 16.78 -34.43
CA LEU E 159 47.41 16.70 -33.71
C LEU E 159 46.28 16.30 -34.63
N LYS E 160 45.45 15.35 -34.18
CA LYS E 160 44.27 14.92 -34.92
C LYS E 160 43.05 15.22 -34.05
N THR E 161 42.13 16.01 -34.57
CA THR E 161 40.94 16.43 -33.84
C THR E 161 39.68 16.01 -34.59
N GLY E 162 38.57 15.98 -33.84
CA GLY E 162 37.26 15.81 -34.43
C GLY E 162 36.90 14.38 -34.77
N ASN E 163 37.65 13.40 -34.26
CA ASN E 163 37.34 11.99 -34.49
C ASN E 163 37.42 11.20 -33.20
N SER E 164 37.35 11.86 -32.05
CA SER E 164 37.58 11.21 -30.77
C SER E 164 36.32 11.24 -29.93
N GLN E 165 36.16 10.20 -29.11
CA GLN E 165 35.03 10.10 -28.21
C GLN E 165 35.52 9.64 -26.84
N GLU E 166 35.00 10.23 -25.78
CA GLU E 166 35.42 9.91 -24.43
C GLU E 166 34.28 9.25 -23.65
N SER E 167 34.64 8.32 -22.80
CA SER E 167 33.70 7.69 -21.89
C SER E 167 34.40 7.44 -20.56
N VAL E 168 33.75 7.83 -19.47
CA VAL E 168 34.36 7.78 -18.15
C VAL E 168 33.51 6.89 -17.25
N THR E 169 34.17 6.03 -16.49
CA THR E 169 33.45 5.18 -15.56
C THR E 169 32.99 6.00 -14.35
N GLU E 170 32.17 5.37 -13.53
CA GLU E 170 31.80 5.98 -12.26
C GLU E 170 32.87 5.64 -11.22
N GLN E 171 32.87 6.38 -10.12
CA GLN E 171 33.90 6.18 -9.11
C GLN E 171 33.82 4.75 -8.59
N ASP E 172 34.96 4.04 -8.67
CA ASP E 172 34.96 2.61 -8.40
C ASP E 172 34.62 2.32 -6.94
N SER E 173 33.88 1.23 -6.74
CA SER E 173 33.43 0.89 -5.40
C SER E 173 34.54 0.31 -4.53
N LYS E 174 35.64 -0.15 -5.13
CA LYS E 174 36.72 -0.74 -4.35
C LYS E 174 37.79 0.28 -3.96
N ASP E 175 38.30 1.05 -4.93
CA ASP E 175 39.43 1.94 -4.70
C ASP E 175 39.09 3.40 -4.97
N ASN E 176 37.82 3.72 -5.24
CA ASN E 176 37.35 5.09 -5.35
C ASN E 176 38.08 5.86 -6.45
N THR E 177 38.36 5.19 -7.55
CA THR E 177 39.09 5.76 -8.67
C THR E 177 38.22 5.80 -9.93
N TYR E 178 38.68 6.54 -10.92
CA TYR E 178 38.00 6.68 -12.19
C TYR E 178 38.83 6.05 -13.32
N SER E 179 38.15 5.74 -14.42
CA SER E 179 38.80 5.23 -15.61
C SER E 179 38.15 5.86 -16.84
N LEU E 180 38.93 5.97 -17.91
CA LEU E 180 38.51 6.70 -19.10
C LEU E 180 38.96 5.97 -20.35
N SER E 181 38.10 5.95 -21.36
CA SER E 181 38.45 5.43 -22.68
C SER E 181 38.25 6.53 -23.70
N SER E 182 39.23 6.70 -24.59
CA SER E 182 39.14 7.64 -25.70
C SER E 182 39.30 6.84 -26.98
N THR E 183 38.30 6.91 -27.86
CA THR E 183 38.24 6.12 -29.07
C THR E 183 38.35 7.04 -30.27
N LEU E 184 39.33 6.78 -31.13
CA LEU E 184 39.56 7.53 -32.35
C LEU E 184 39.08 6.68 -33.52
N THR E 185 38.15 7.21 -34.30
CA THR E 185 37.51 6.47 -35.37
C THR E 185 37.92 7.07 -36.72
N LEU E 186 38.41 6.21 -37.61
CA LEU E 186 38.84 6.63 -38.94
C LEU E 186 38.40 5.59 -39.96
N SER E 187 38.53 5.96 -41.24
CA SER E 187 38.41 4.99 -42.30
C SER E 187 39.69 4.16 -42.40
N ASN E 188 39.57 2.99 -43.02
CA ASN E 188 40.75 2.16 -43.21
C ASN E 188 41.76 2.84 -44.11
N THR E 189 41.28 3.57 -45.12
CA THR E 189 42.17 4.39 -45.94
C THR E 189 42.94 5.38 -45.09
N ASP E 190 42.23 6.17 -44.27
CA ASP E 190 42.89 7.13 -43.40
C ASP E 190 43.80 6.43 -42.40
N TYR E 191 43.39 5.25 -41.92
CA TYR E 191 44.20 4.54 -40.93
C TYR E 191 45.52 4.10 -41.55
N GLN E 192 45.47 3.55 -42.76
CA GLN E 192 46.66 3.07 -43.45
C GLN E 192 47.41 4.17 -44.18
N SER E 193 46.85 5.38 -44.22
CA SER E 193 47.57 6.53 -44.77
C SER E 193 48.69 7.01 -43.87
N HIS E 194 48.79 6.50 -42.64
CA HIS E 194 49.78 6.96 -41.68
C HIS E 194 50.43 5.76 -41.01
N ASN E 195 51.46 6.05 -40.20
CA ASN E 195 52.33 5.00 -39.66
C ASN E 195 52.32 4.94 -38.14
N VAL E 196 52.41 6.08 -37.46
CA VAL E 196 52.58 6.14 -36.01
C VAL E 196 51.32 6.71 -35.39
N TYR E 197 50.77 6.01 -34.40
CA TYR E 197 49.60 6.48 -33.68
C TYR E 197 49.92 6.58 -32.20
N ALA E 198 49.51 7.68 -31.58
CA ALA E 198 49.84 7.88 -30.17
C ALA E 198 48.72 8.64 -29.49
N CYS E 199 48.56 8.38 -28.19
CA CYS E 199 47.74 9.20 -27.33
C CYS E 199 48.63 9.77 -26.23
N GLU E 200 48.48 11.07 -26.01
CA GLU E 200 49.22 11.81 -25.00
C GLU E 200 48.25 12.19 -23.90
N VAL E 201 48.52 11.72 -22.69
CA VAL E 201 47.66 11.92 -21.53
C VAL E 201 48.25 13.01 -20.66
N THR E 202 47.43 14.00 -20.33
CA THR E 202 47.77 15.01 -19.35
C THR E 202 46.83 14.82 -18.16
N HIS E 203 47.41 14.77 -16.96
CA HIS E 203 46.64 14.51 -15.76
C HIS E 203 47.36 15.11 -14.57
N GLN E 204 46.60 15.43 -13.53
CA GLN E 204 47.17 16.13 -12.39
C GLN E 204 48.29 15.33 -11.74
N GLY E 205 48.14 14.02 -11.65
CA GLY E 205 49.11 13.16 -11.02
C GLY E 205 50.34 12.86 -11.84
N LEU E 206 50.55 13.55 -12.95
CA LEU E 206 51.71 13.33 -13.81
C LEU E 206 52.53 14.61 -13.88
N SER E 207 53.81 14.51 -13.52
CA SER E 207 54.70 15.66 -13.61
C SER E 207 54.87 16.14 -15.04
N SER E 208 54.71 15.24 -16.01
CA SER E 208 54.80 15.58 -17.42
C SER E 208 53.82 14.69 -18.17
N PRO E 209 53.21 15.20 -19.25
CA PRO E 209 52.28 14.38 -20.03
C PRO E 209 52.95 13.12 -20.56
N VAL E 210 52.25 12.00 -20.46
CA VAL E 210 52.80 10.70 -20.84
C VAL E 210 52.21 10.28 -22.18
N THR E 211 53.06 9.87 -23.10
CA THR E 211 52.64 9.50 -24.44
C THR E 211 52.83 8.00 -24.65
N LYS E 212 51.81 7.34 -25.17
CA LYS E 212 51.91 5.95 -25.57
C LYS E 212 51.60 5.84 -27.05
N SER E 213 52.39 5.05 -27.77
CA SER E 213 52.33 5.02 -29.22
C SER E 213 52.52 3.60 -29.74
N PHE E 214 52.25 3.43 -31.03
CA PHE E 214 52.55 2.20 -31.73
C PHE E 214 52.76 2.51 -33.20
N ASN E 215 53.40 1.56 -33.88
CA ASN E 215 53.69 1.65 -35.31
C ASN E 215 52.73 0.72 -36.04
N ARG E 216 52.11 1.23 -37.10
CA ARG E 216 51.09 0.46 -37.81
C ARG E 216 51.67 -0.82 -38.40
N GLY E 217 51.27 -1.96 -37.85
CA GLY E 217 51.82 -3.24 -38.28
C GLY E 217 53.00 -3.69 -37.45
N ALA F 1 4.38 3.35 2.70
CA ALA F 1 3.87 2.18 3.40
C ALA F 1 2.53 1.74 2.81
N VAL F 2 2.30 0.43 2.83
CA VAL F 2 1.10 -0.12 2.20
C VAL F 2 -0.14 0.39 2.92
N GLY F 3 -1.10 0.90 2.14
CA GLY F 3 -2.35 1.37 2.67
C GLY F 3 -2.35 2.79 3.19
N ILE F 4 -1.24 3.51 3.05
CA ILE F 4 -1.12 4.87 3.57
C ILE F 4 -1.07 5.81 2.36
N GLY F 5 -2.13 6.58 2.17
CA GLY F 5 -2.16 7.51 1.04
C GLY F 5 -3.41 7.43 0.20
N ALA F 6 -4.07 6.27 0.21
CA ALA F 6 -5.39 6.17 -0.39
C ALA F 6 -6.48 6.60 0.57
N VAL F 7 -6.14 6.79 1.84
CA VAL F 7 -7.05 7.31 2.86
C VAL F 7 -7.78 8.55 2.37
N GLN G 1 22.05 -0.26 51.82
CA GLN G 1 22.13 1.19 51.94
C GLN G 1 22.74 1.80 50.68
N VAL G 2 23.15 0.94 49.75
CA VAL G 2 23.79 1.40 48.53
C VAL G 2 22.71 1.83 47.53
N GLN G 3 22.81 3.08 47.07
CA GLN G 3 21.87 3.62 46.11
C GLN G 3 22.63 4.32 44.99
N LEU G 4 22.21 4.06 43.76
CA LEU G 4 22.79 4.66 42.57
C LEU G 4 21.70 5.45 41.86
N VAL G 5 22.04 6.65 41.40
CA VAL G 5 21.05 7.52 40.76
C VAL G 5 21.66 8.09 39.48
N GLU G 6 20.91 7.97 38.38
CA GLU G 6 21.33 8.51 37.09
C GLU G 6 20.77 9.91 36.89
N SER G 7 21.57 10.77 36.27
CA SER G 7 21.16 12.12 35.96
C SER G 7 21.77 12.54 34.63
N GLY G 8 21.13 13.49 33.98
CA GLY G 8 21.59 13.99 32.70
C GLY G 8 20.44 14.54 31.89
N PRO G 9 20.61 14.61 30.58
CA PRO G 9 19.51 15.08 29.72
C PRO G 9 18.54 13.95 29.39
N GLY G 10 17.29 14.35 29.19
CA GLY G 10 16.27 13.37 28.82
C GLY G 10 16.10 13.33 27.34
N LEU G 11 16.54 14.40 26.67
CA LEU G 11 16.51 14.51 25.23
C LEU G 11 17.92 14.87 24.76
N VAL G 12 18.40 14.15 23.75
CA VAL G 12 19.65 14.52 23.10
C VAL G 12 19.39 14.56 21.59
N ARG G 13 19.88 15.61 20.95
CA ARG G 13 19.74 15.73 19.52
C ARG G 13 20.68 14.74 18.83
N PRO G 14 20.35 14.31 17.61
CA PRO G 14 21.22 13.34 16.94
C PRO G 14 22.57 13.98 16.59
N SER G 15 23.57 13.10 16.44
CA SER G 15 24.95 13.48 16.13
C SER G 15 25.62 14.23 17.30
N GLU G 16 24.85 14.53 18.35
CA GLU G 16 25.42 15.17 19.52
C GLU G 16 26.06 14.10 20.42
N THR G 17 26.51 14.52 21.59
CA THR G 17 27.18 13.64 22.53
C THR G 17 26.35 13.53 23.80
N LEU G 18 26.07 12.30 24.21
CA LEU G 18 25.27 12.01 25.39
C LEU G 18 26.16 11.90 26.62
N SER G 19 25.89 12.70 27.64
CA SER G 19 26.57 12.62 28.93
C SER G 19 25.58 12.19 30.00
N LEU G 20 25.94 11.19 30.79
CA LEU G 20 25.10 10.71 31.87
C LEU G 20 25.98 10.47 33.09
N THR G 21 25.46 10.80 34.27
CA THR G 21 26.23 10.68 35.50
C THR G 21 25.47 9.86 36.53
N CYS G 22 26.13 8.85 37.09
CA CYS G 22 25.57 8.02 38.13
C CYS G 22 26.28 8.36 39.44
N ALA G 23 25.50 8.86 40.40
CA ALA G 23 26.00 9.17 41.73
C ALA G 23 25.72 7.98 42.64
N VAL G 24 26.74 7.59 43.40
CA VAL G 24 26.68 6.44 44.29
C VAL G 24 26.72 6.95 45.72
N SER G 25 25.77 6.52 46.53
CA SER G 25 25.79 6.75 47.97
C SER G 25 25.67 5.42 48.68
N GLY G 26 26.21 5.36 49.90
CA GLY G 26 26.16 4.15 50.67
C GLY G 26 27.40 3.28 50.58
N ALA G 27 28.34 3.62 49.70
CA ALA G 27 29.59 2.89 49.58
C ALA G 27 30.58 3.73 48.79
N SER G 28 31.86 3.58 49.12
CA SER G 28 32.91 4.31 48.44
C SER G 28 33.17 3.68 47.08
N ILE G 29 33.44 4.53 46.08
CA ILE G 29 33.64 4.04 44.73
C ILE G 29 34.94 3.26 44.58
N ARG G 30 35.88 3.44 45.50
CA ARG G 30 37.18 2.77 45.40
C ARG G 30 37.18 1.43 46.15
N THR G 31 36.27 0.56 45.73
CA THR G 31 36.16 -0.78 46.26
C THR G 31 36.34 -1.77 45.11
N LYS G 32 36.34 -3.07 45.45
CA LYS G 32 36.56 -4.10 44.45
C LYS G 32 35.26 -4.31 43.68
N ALA G 33 35.00 -3.40 42.75
CA ALA G 33 33.76 -3.42 42.01
C ALA G 33 33.99 -2.80 40.64
N TRP G 34 33.19 -3.24 39.66
CA TRP G 34 33.19 -2.69 38.32
C TRP G 34 31.92 -1.87 38.16
N TRP G 35 32.07 -0.54 38.14
CA TRP G 35 30.91 0.34 38.06
C TRP G 35 30.49 0.43 36.59
N SER G 36 29.30 -0.06 36.29
CA SER G 36 28.93 -0.41 34.93
C SER G 36 27.70 0.35 34.48
N TRP G 37 27.61 0.49 33.16
CA TRP G 37 26.45 1.07 32.47
C TRP G 37 25.87 -0.01 31.57
N ILE G 38 24.54 -0.12 31.61
CA ILE G 38 23.78 -1.12 30.86
C ILE G 38 22.53 -0.44 30.31
N ARG G 39 22.23 -0.67 29.04
CA ARG G 39 21.08 -0.01 28.45
C ARG G 39 20.05 -1.02 27.96
N GLN G 40 18.83 -0.54 27.82
CA GLN G 40 17.67 -1.33 27.47
C GLN G 40 16.82 -0.52 26.49
N PRO G 41 16.80 -0.90 25.22
CA PRO G 41 15.89 -0.23 24.29
C PRO G 41 14.46 -0.53 24.66
N PRO G 42 13.59 0.48 24.63
CA PRO G 42 12.26 0.32 25.26
C PRO G 42 11.51 -0.87 24.68
N GLY G 43 11.01 -1.73 25.57
CA GLY G 43 10.31 -2.91 25.13
C GLY G 43 11.21 -3.97 24.52
N LYS G 44 12.50 -3.97 24.84
CA LYS G 44 13.43 -4.94 24.28
C LYS G 44 14.35 -5.43 25.41
N GLY G 45 15.40 -6.16 25.02
CA GLY G 45 16.29 -6.80 25.97
C GLY G 45 17.36 -5.86 26.51
N LEU G 46 18.21 -6.40 27.37
CA LEU G 46 19.24 -5.63 28.03
C LEU G 46 20.53 -5.67 27.21
N GLU G 47 21.16 -4.51 27.04
CA GLU G 47 22.44 -4.39 26.35
C GLU G 47 23.47 -3.81 27.32
N TRP G 48 24.53 -4.56 27.55
CA TRP G 48 25.62 -4.12 28.43
C TRP G 48 26.47 -3.08 27.70
N ILE G 49 26.62 -1.90 28.29
CA ILE G 49 27.43 -0.86 27.68
C ILE G 49 28.90 -1.00 28.07
N GLY G 50 29.19 -1.08 29.35
CA GLY G 50 30.56 -1.24 29.77
C GLY G 50 30.73 -0.96 31.26
N TYR G 51 31.99 -0.82 31.67
CA TYR G 51 32.29 -0.55 33.07
C TYR G 51 33.58 0.24 33.20
N VAL G 52 33.73 0.87 34.36
CA VAL G 52 35.00 1.45 34.81
C VAL G 52 35.31 0.85 36.17
N SER G 53 36.54 0.41 36.35
CA SER G 53 36.88 -0.30 37.57
C SER G 53 37.14 0.67 38.71
N GLY G 54 36.81 0.22 39.93
CA GLY G 54 37.16 0.99 41.11
C GLY G 54 38.62 0.90 41.50
N GLY G 55 39.34 -0.10 40.97
CA GLY G 55 40.75 -0.24 41.23
C GLY G 55 41.60 0.45 40.18
N TRP G 56 42.67 -0.20 39.73
CA TRP G 56 43.58 0.38 38.76
C TRP G 56 43.54 -0.31 37.42
N ASP G 57 42.59 -1.23 37.20
CA ASP G 57 42.55 -1.93 35.93
C ASP G 57 41.79 -1.10 34.90
N LEU G 58 42.13 -1.33 33.62
CA LEU G 58 41.60 -0.48 32.56
C LEU G 58 40.12 -0.82 32.36
N PRO G 59 39.32 0.14 31.91
CA PRO G 59 37.93 -0.16 31.57
C PRO G 59 37.82 -0.99 30.29
N ASN G 60 36.66 -1.62 30.15
CA ASN G 60 36.32 -2.40 28.96
C ASN G 60 34.90 -2.07 28.55
N TYR G 61 34.67 -1.94 27.25
CA TYR G 61 33.37 -1.55 26.73
C TYR G 61 32.85 -2.60 25.74
N ASN G 62 31.56 -2.48 25.42
CA ASN G 62 30.93 -3.39 24.48
C ASN G 62 31.30 -3.01 23.05
N PRO G 63 31.78 -3.95 22.23
CA PRO G 63 32.11 -3.61 20.84
C PRO G 63 30.94 -3.12 20.01
N SER G 64 29.70 -3.44 20.39
CA SER G 64 28.55 -2.99 19.62
C SER G 64 28.45 -1.47 19.56
N LEU G 65 29.10 -0.76 20.48
CA LEU G 65 29.05 0.69 20.50
C LEU G 65 30.05 1.34 19.57
N LYS G 66 30.91 0.55 18.92
CA LYS G 66 31.84 1.03 17.90
C LYS G 66 32.77 2.12 18.44
N ASN G 67 33.31 1.89 19.63
CA ASN G 67 34.30 2.79 20.23
C ASN G 67 33.76 4.21 20.35
N ARG G 68 32.49 4.32 20.73
CA ARG G 68 31.85 5.61 20.96
C ARG G 68 31.64 5.88 22.44
N VAL G 69 32.03 4.95 23.30
CA VAL G 69 31.72 5.01 24.73
C VAL G 69 33.00 5.31 25.49
N ILE G 70 32.91 6.27 26.42
CA ILE G 70 33.95 6.52 27.40
C ILE G 70 33.28 6.54 28.76
N ILE G 71 33.82 5.79 29.71
CA ILE G 71 33.28 5.75 31.05
C ILE G 71 34.35 6.23 32.02
N LEU G 72 33.99 7.23 32.82
CA LEU G 72 34.95 7.91 33.68
C LEU G 72 34.48 7.79 35.13
N LYS G 73 35.42 7.95 36.06
CA LYS G 73 35.11 7.87 37.47
C LYS G 73 35.74 9.05 38.21
N ASP G 74 35.03 9.54 39.21
CA ASP G 74 35.47 10.65 40.06
C ASP G 74 35.37 10.14 41.49
N THR G 75 36.53 9.80 42.05
CA THR G 75 36.57 9.24 43.41
C THR G 75 36.16 10.29 44.44
N SER G 76 36.59 11.54 44.25
CA SER G 76 36.28 12.59 45.21
C SER G 76 34.78 12.87 45.26
N LEU G 77 34.12 12.92 44.11
CA LEU G 77 32.68 13.13 44.07
C LEU G 77 31.88 11.85 44.25
N ASN G 78 32.55 10.69 44.28
CA ASN G 78 31.87 9.40 44.33
C ASN G 78 30.86 9.30 43.19
N GLN G 79 31.37 9.35 41.96
CA GLN G 79 30.52 9.34 40.78
C GLN G 79 31.20 8.57 39.66
N PHE G 80 30.39 8.06 38.74
CA PHE G 80 30.94 7.56 37.49
C PHE G 80 29.97 7.92 36.36
N SER G 81 30.52 8.16 35.17
CA SER G 81 29.74 8.76 34.10
C SER G 81 30.02 8.10 32.76
N LEU G 82 29.00 8.14 31.90
CA LEU G 82 29.03 7.59 30.55
C LEU G 82 28.94 8.72 29.54
N ARG G 83 29.86 8.73 28.58
CA ARG G 83 29.83 9.64 27.44
C ARG G 83 29.77 8.83 26.16
N LEU G 84 28.73 9.08 25.36
CA LEU G 84 28.48 8.33 24.13
C LEU G 84 28.31 9.31 22.99
N THR G 85 29.26 9.32 22.06
CA THR G 85 29.32 10.31 21.01
C THR G 85 28.53 9.87 19.78
N SER G 86 28.09 10.86 19.00
CA SER G 86 27.45 10.61 17.71
C SER G 86 26.22 9.71 17.87
N VAL G 87 25.29 10.17 18.71
CA VAL G 87 24.13 9.36 19.05
C VAL G 87 23.20 9.27 17.85
N THR G 88 22.50 8.13 17.75
CA THR G 88 21.46 7.90 16.76
C THR G 88 20.18 7.49 17.46
N ALA G 89 19.14 7.26 16.67
CA ALA G 89 17.88 6.79 17.25
C ALA G 89 18.04 5.45 17.95
N ALA G 90 19.00 4.63 17.50
CA ALA G 90 19.24 3.36 18.17
C ALA G 90 19.70 3.54 19.60
N ASP G 91 20.25 4.69 19.94
CA ASP G 91 20.70 4.97 21.29
C ASP G 91 19.59 5.49 22.19
N THR G 92 18.36 5.60 21.68
CA THR G 92 17.21 5.99 22.50
C THR G 92 16.82 4.79 23.34
N ALA G 93 16.98 4.89 24.66
CA ALA G 93 16.76 3.72 25.51
C ALA G 93 16.72 4.15 26.97
N LEU G 94 16.64 3.14 27.84
CA LEU G 94 16.71 3.31 29.29
C LEU G 94 18.11 2.94 29.74
N TYR G 95 18.75 3.83 30.48
CA TYR G 95 20.13 3.65 30.90
C TYR G 95 20.16 3.37 32.40
N TYR G 96 20.81 2.26 32.77
CA TYR G 96 20.93 1.81 34.14
C TYR G 96 22.40 1.84 34.53
N CYS G 97 22.69 2.36 35.71
CA CYS G 97 24.02 2.27 36.29
C CYS G 97 23.99 1.25 37.42
N ALA G 98 24.98 0.36 37.44
CA ALA G 98 24.96 -0.80 38.32
C ALA G 98 26.37 -1.08 38.81
N ARG G 99 26.47 -1.98 39.79
CA ARG G 99 27.75 -2.42 40.33
C ARG G 99 27.83 -3.93 40.17
N GLU G 100 28.84 -4.39 39.43
CA GLU G 100 29.04 -5.82 39.23
C GLU G 100 29.36 -6.52 40.55
N GLY G 101 30.48 -6.14 41.17
CA GLY G 101 30.93 -6.72 42.41
C GLY G 101 31.10 -8.22 42.37
N PRO G 102 31.26 -8.85 43.53
CA PRO G 102 31.43 -10.31 43.56
C PRO G 102 30.17 -11.07 43.23
N GLU G 103 29.01 -10.55 43.62
CA GLU G 103 27.72 -11.09 43.22
C GLU G 103 27.24 -10.22 42.07
N ASP G 104 27.21 -10.78 40.86
CA ASP G 104 27.00 -9.98 39.66
C ASP G 104 25.83 -9.01 39.83
N PHE G 105 26.06 -7.77 39.38
CA PHE G 105 25.05 -6.72 39.30
C PHE G 105 24.16 -6.67 40.55
N ASP G 106 24.74 -6.18 41.64
CA ASP G 106 24.05 -6.16 42.93
C ASP G 106 22.92 -5.13 42.93
N VAL G 107 23.26 -3.88 42.63
CA VAL G 107 22.36 -2.76 42.79
C VAL G 107 22.26 -2.02 41.46
N TRP G 108 21.04 -1.64 41.09
CA TRP G 108 20.78 -0.93 39.85
C TRP G 108 20.20 0.44 40.17
N GLY G 109 20.49 1.41 39.31
CA GLY G 109 19.84 2.69 39.40
C GLY G 109 18.41 2.57 38.89
N PRO G 110 17.59 3.58 39.18
CA PRO G 110 16.17 3.50 38.77
C PRO G 110 15.98 3.45 37.27
N GLY G 111 16.97 3.88 36.50
CA GLY G 111 16.84 3.91 35.05
C GLY G 111 16.52 5.30 34.57
N PHE G 112 17.16 5.73 33.49
CA PHE G 112 16.96 7.08 32.96
C PHE G 112 16.70 6.95 31.47
N LEU G 113 15.62 7.55 31.00
CA LEU G 113 15.20 7.37 29.61
C LEU G 113 15.76 8.53 28.78
N VAL G 114 16.60 8.20 27.81
CA VAL G 114 17.18 9.18 26.90
C VAL G 114 16.58 8.93 25.53
N THR G 115 15.99 9.97 24.96
CA THR G 115 15.35 9.91 23.66
C THR G 115 16.15 10.72 22.66
N VAL G 116 16.54 10.09 21.55
CA VAL G 116 17.34 10.73 20.52
C VAL G 116 16.41 11.15 19.41
N SER G 117 16.14 12.45 19.30
CA SER G 117 15.23 12.95 18.28
C SER G 117 15.54 14.43 18.04
N SER G 118 15.19 14.89 16.84
CA SER G 118 15.32 16.30 16.52
C SER G 118 14.13 17.12 17.00
N ALA G 119 13.08 16.45 17.47
CA ALA G 119 11.84 17.13 17.78
C ALA G 119 12.00 17.96 19.04
N SER G 120 11.23 19.04 19.12
CA SER G 120 11.38 19.99 20.21
C SER G 120 10.59 19.54 21.42
N THR G 121 11.19 19.73 22.60
CA THR G 121 10.52 19.34 23.84
C THR G 121 9.21 20.11 24.00
N LYS G 122 8.19 19.42 24.49
CA LYS G 122 6.91 20.06 24.75
C LYS G 122 6.36 19.57 26.09
N GLY G 123 5.94 20.52 26.93
CA GLY G 123 5.36 20.18 28.20
C GLY G 123 3.90 19.80 28.05
N PRO G 124 3.41 18.96 28.96
CA PRO G 124 2.04 18.47 28.84
C PRO G 124 1.02 19.39 29.52
N SER G 125 -0.21 19.28 29.04
CA SER G 125 -1.34 19.88 29.72
C SER G 125 -2.00 18.83 30.60
N VAL G 126 -2.34 19.21 31.83
CA VAL G 126 -2.90 18.28 32.80
C VAL G 126 -4.33 18.72 33.09
N PHE G 127 -5.27 17.81 32.84
CA PHE G 127 -6.67 18.09 33.10
C PHE G 127 -7.24 17.08 34.09
N PRO G 128 -8.12 17.51 34.98
CA PRO G 128 -8.69 16.56 35.94
C PRO G 128 -9.80 15.72 35.31
N LEU G 129 -9.82 14.44 35.68
CA LEU G 129 -10.91 13.53 35.34
C LEU G 129 -11.68 13.36 36.64
N ALA G 130 -12.73 14.16 36.80
CA ALA G 130 -13.43 14.29 38.06
C ALA G 130 -14.48 13.18 38.21
N PRO G 131 -14.64 12.67 39.43
CA PRO G 131 -15.75 11.76 39.71
C PRO G 131 -17.05 12.52 39.92
N SER G 132 -18.16 11.80 39.77
CA SER G 132 -19.48 12.36 39.98
C SER G 132 -20.30 11.41 40.84
N SER G 133 -21.41 11.91 41.36
CA SER G 133 -22.32 11.06 42.11
C SER G 133 -23.04 10.08 41.19
N LYS G 134 -23.30 10.49 39.94
CA LYS G 134 -23.76 9.60 38.91
C LYS G 134 -22.71 8.53 38.57
N SER G 135 -21.48 8.70 39.05
CA SER G 135 -20.36 7.84 38.68
C SER G 135 -19.91 6.93 39.82
N THR G 136 -20.67 6.87 40.90
CA THR G 136 -20.33 5.97 42.00
C THR G 136 -20.67 4.53 41.60
N SER G 137 -19.66 3.67 41.61
CA SER G 137 -19.84 2.25 41.26
C SER G 137 -19.94 1.49 42.56
N GLY G 138 -21.14 1.51 43.15
CA GLY G 138 -21.32 0.97 44.48
C GLY G 138 -20.90 2.01 45.49
N GLY G 139 -19.97 1.66 46.36
CA GLY G 139 -19.45 2.57 47.36
C GLY G 139 -18.14 3.23 46.99
N THR G 140 -17.56 2.90 45.83
CA THR G 140 -16.30 3.48 45.39
C THR G 140 -16.49 4.20 44.06
N ALA G 141 -15.83 5.34 43.92
CA ALA G 141 -15.78 6.08 42.68
C ALA G 141 -14.32 6.19 42.22
N ALA G 142 -14.14 6.58 40.96
CA ALA G 142 -12.81 6.70 40.37
C ALA G 142 -12.56 8.14 39.96
N LEU G 143 -11.30 8.56 40.08
CA LEU G 143 -10.89 9.90 39.66
C LEU G 143 -9.51 9.79 39.03
N GLY G 144 -9.08 10.85 38.35
CA GLY G 144 -7.79 10.76 37.72
C GLY G 144 -7.29 12.07 37.15
N CYS G 145 -6.19 11.96 36.41
CA CYS G 145 -5.54 13.09 35.76
C CYS G 145 -5.13 12.66 34.35
N LEU G 146 -5.48 13.50 33.37
CA LEU G 146 -5.11 13.29 31.98
C LEU G 146 -3.92 14.18 31.64
N VAL G 147 -2.87 13.58 31.09
CA VAL G 147 -1.63 14.24 30.74
C VAL G 147 -1.52 14.19 29.22
N LYS G 148 -1.68 15.35 28.56
CA LYS G 148 -1.80 15.43 27.12
C LYS G 148 -0.63 16.16 26.48
N ASP G 149 -0.28 15.72 25.27
CA ASP G 149 0.51 16.53 24.34
C ASP G 149 1.86 16.93 24.94
N TYR G 150 2.66 15.91 25.25
CA TYR G 150 4.01 16.13 25.74
C TYR G 150 5.00 15.33 24.89
N PHE G 151 6.26 15.78 24.94
CA PHE G 151 7.35 15.12 24.23
C PHE G 151 8.65 15.55 24.87
N PRO G 152 9.60 14.64 25.07
CA PRO G 152 9.39 13.21 24.80
C PRO G 152 8.98 12.47 26.05
N GLU G 153 8.98 11.13 25.95
CA GLU G 153 8.77 10.31 27.12
C GLU G 153 9.92 10.51 28.11
N PRO G 154 9.69 10.24 29.40
CA PRO G 154 8.42 9.87 30.03
C PRO G 154 7.87 10.95 30.96
N VAL G 155 6.66 10.75 31.46
CA VAL G 155 6.15 11.50 32.60
C VAL G 155 5.92 10.51 33.73
N THR G 156 6.00 11.02 34.96
CA THR G 156 5.71 10.24 36.16
C THR G 156 4.54 10.87 36.90
N VAL G 157 3.64 10.04 37.39
CA VAL G 157 2.47 10.51 38.12
C VAL G 157 2.46 9.88 39.50
N SER G 158 2.33 10.71 40.52
CA SER G 158 2.14 10.24 41.90
C SER G 158 0.85 10.89 42.44
N TRP G 159 0.36 10.35 43.55
CA TRP G 159 -0.85 10.87 44.16
C TRP G 159 -0.59 11.25 45.61
N ASN G 160 -1.03 12.45 45.98
CA ASN G 160 -0.86 12.99 47.33
C ASN G 160 0.59 12.89 47.79
N SER G 161 1.51 13.23 46.89
CA SER G 161 2.96 13.19 47.15
C SER G 161 3.42 11.81 47.62
N GLY G 162 2.75 10.77 47.15
CA GLY G 162 3.09 9.40 47.50
C GLY G 162 2.28 8.83 48.64
N ALA G 163 1.46 9.63 49.31
CA ALA G 163 0.63 9.10 50.39
C ALA G 163 -0.39 8.11 49.86
N LEU G 164 -0.96 8.38 48.69
CA LEU G 164 -1.93 7.49 48.05
C LEU G 164 -1.22 6.62 47.04
N THR G 165 -1.20 5.31 47.29
CA THR G 165 -0.57 4.36 46.38
C THR G 165 -1.49 3.23 45.97
N SER G 166 -2.32 2.73 46.88
CA SER G 166 -3.14 1.56 46.59
C SER G 166 -4.25 1.93 45.62
N GLY G 167 -4.46 1.09 44.60
CA GLY G 167 -5.51 1.32 43.65
C GLY G 167 -5.19 2.30 42.55
N VAL G 168 -3.95 2.78 42.48
CA VAL G 168 -3.54 3.71 41.45
C VAL G 168 -3.09 2.94 40.22
N HIS G 169 -3.54 3.39 39.05
CA HIS G 169 -3.11 2.85 37.77
C HIS G 169 -2.65 4.01 36.90
N THR G 170 -1.36 4.04 36.58
CA THR G 170 -0.84 4.96 35.57
C THR G 170 -0.64 4.18 34.28
N PHE G 171 -1.35 4.59 33.25
CA PHE G 171 -1.41 3.82 32.02
C PHE G 171 -0.20 4.10 31.13
N PRO G 172 0.19 3.14 30.29
CA PRO G 172 1.20 3.42 29.27
C PRO G 172 0.78 4.57 28.38
N ALA G 173 1.74 5.41 28.03
CA ALA G 173 1.47 6.51 27.12
C ALA G 173 1.17 5.98 25.72
N VAL G 174 0.25 6.65 25.03
CA VAL G 174 -0.10 6.33 23.65
C VAL G 174 0.28 7.51 22.78
N LEU G 175 0.89 7.22 21.63
CA LEU G 175 1.36 8.27 20.74
C LEU G 175 0.18 8.82 19.95
N GLN G 176 -0.05 10.13 20.08
CA GLN G 176 -1.17 10.78 19.40
C GLN G 176 -0.92 10.87 17.90
N SER G 177 -1.95 11.32 17.18
CA SER G 177 -1.80 11.63 15.77
C SER G 177 -0.94 12.87 15.56
N SER G 178 -0.82 13.72 16.58
CA SER G 178 0.02 14.91 16.48
C SER G 178 1.51 14.58 16.51
N GLY G 179 1.87 13.36 16.91
CA GLY G 179 3.26 13.03 17.14
C GLY G 179 3.68 13.19 18.58
N LEU G 180 2.75 13.59 19.45
CA LEU G 180 3.00 13.76 20.88
C LEU G 180 2.38 12.61 21.66
N TYR G 181 2.71 12.54 22.94
CA TYR G 181 2.26 11.46 23.80
C TYR G 181 1.16 11.96 24.74
N SER G 182 0.33 11.02 25.18
CA SER G 182 -0.71 11.30 26.16
C SER G 182 -0.94 10.05 26.98
N LEU G 183 -1.16 10.23 28.28
CA LEU G 183 -1.54 9.13 29.15
C LEU G 183 -2.53 9.62 30.20
N SER G 184 -3.03 8.68 30.99
CA SER G 184 -3.96 8.97 32.06
C SER G 184 -3.53 8.19 33.30
N SER G 185 -3.74 8.79 34.46
CA SER G 185 -3.47 8.14 35.73
C SER G 185 -4.72 8.24 36.59
N VAL G 186 -5.29 7.08 36.96
CA VAL G 186 -6.54 7.06 37.69
C VAL G 186 -6.34 6.32 39.01
N VAL G 187 -7.29 6.52 39.91
CA VAL G 187 -7.30 5.84 41.20
C VAL G 187 -8.75 5.64 41.61
N THR G 188 -9.04 4.47 42.19
CA THR G 188 -10.34 4.16 42.75
C THR G 188 -10.30 4.41 44.26
N VAL G 189 -11.39 4.93 44.79
CA VAL G 189 -11.42 5.42 46.17
C VAL G 189 -12.85 5.37 46.68
N PRO G 190 -13.06 5.01 47.95
CA PRO G 190 -14.43 5.01 48.50
C PRO G 190 -15.11 6.36 48.32
N SER G 191 -16.36 6.32 47.85
CA SER G 191 -17.09 7.54 47.55
C SER G 191 -17.32 8.41 48.78
N SER G 192 -17.31 7.81 49.97
CA SER G 192 -17.40 8.62 51.20
C SER G 192 -16.22 9.58 51.30
N SER G 193 -15.00 9.08 51.02
CA SER G 193 -13.81 9.92 51.08
C SER G 193 -13.92 11.14 50.18
N LEU G 194 -14.67 11.03 49.08
CA LEU G 194 -14.73 12.13 48.11
C LEU G 194 -15.23 13.41 48.74
N GLY G 195 -16.11 13.31 49.74
CA GLY G 195 -16.64 14.51 50.37
C GLY G 195 -15.67 15.14 51.34
N THR G 196 -14.76 14.36 51.91
CA THR G 196 -13.88 14.82 52.97
C THR G 196 -12.41 14.87 52.58
N GLN G 197 -11.88 13.81 51.96
CA GLN G 197 -10.45 13.76 51.65
C GLN G 197 -10.18 14.40 50.30
N THR G 198 -9.15 15.24 50.25
CA THR G 198 -8.77 15.93 49.02
C THR G 198 -7.69 15.15 48.28
N TYR G 199 -7.78 15.16 46.96
CA TYR G 199 -6.96 14.30 46.11
C TYR G 199 -6.21 15.15 45.09
N ILE G 200 -4.88 15.01 45.07
CA ILE G 200 -3.99 15.81 44.25
C ILE G 200 -3.08 14.89 43.47
N CYS G 201 -3.01 15.09 42.15
CA CYS G 201 -2.08 14.36 41.29
C CYS G 201 -0.86 15.22 41.02
N ASN G 202 0.32 14.62 41.15
CA ASN G 202 1.61 15.27 40.92
C ASN G 202 2.21 14.65 39.67
N VAL G 203 2.29 15.45 38.60
CA VAL G 203 2.84 15.04 37.31
C VAL G 203 4.22 15.64 37.14
N ASN G 204 5.15 14.85 36.61
CA ASN G 204 6.52 15.29 36.38
C ASN G 204 6.91 14.97 34.95
N HIS G 205 7.39 15.98 34.23
CA HIS G 205 7.95 15.81 32.88
C HIS G 205 9.27 16.57 32.92
N LYS G 206 10.35 15.86 33.21
CA LYS G 206 11.67 16.46 33.37
C LYS G 206 12.22 17.06 32.08
N PRO G 207 12.11 16.38 30.92
CA PRO G 207 12.64 16.98 29.68
C PRO G 207 12.14 18.38 29.41
N SER G 208 10.92 18.71 29.85
CA SER G 208 10.40 20.07 29.72
C SER G 208 10.47 20.82 31.05
N ASN G 209 11.09 20.21 32.06
CA ASN G 209 11.25 20.80 33.39
C ASN G 209 9.91 21.30 33.93
N THR G 210 8.89 20.45 33.82
CA THR G 210 7.55 20.78 34.30
C THR G 210 7.16 19.87 35.45
N LYS G 211 6.64 20.47 36.51
CA LYS G 211 6.08 19.75 37.64
C LYS G 211 4.73 20.39 37.96
N VAL G 212 3.68 19.58 37.95
CA VAL G 212 2.32 20.07 38.05
C VAL G 212 1.62 19.36 39.20
N ASP G 213 1.07 20.13 40.13
CA ASP G 213 0.23 19.60 41.20
C ASP G 213 -1.19 20.06 40.93
N LYS G 214 -2.09 19.12 40.62
CA LYS G 214 -3.45 19.44 40.21
C LYS G 214 -4.42 18.69 41.11
N LYS G 215 -5.32 19.43 41.74
CA LYS G 215 -6.29 18.84 42.65
C LYS G 215 -7.56 18.47 41.89
N VAL G 216 -8.07 17.28 42.20
CA VAL G 216 -9.22 16.71 41.50
C VAL G 216 -10.42 16.78 42.45
N GLU G 217 -11.45 17.50 42.05
CA GLU G 217 -12.64 17.67 42.86
C GLU G 217 -13.87 17.47 41.98
N PRO G 218 -14.99 17.05 42.57
CA PRO G 218 -16.21 16.87 41.76
C PRO G 218 -16.68 18.21 41.22
N LYS G 219 -17.52 18.14 40.19
CA LYS G 219 -17.95 19.35 39.51
C LYS G 219 -18.84 20.18 40.43
N SER G 220 -18.92 21.48 40.11
CA SER G 220 -19.59 22.42 40.98
C SER G 220 -21.11 22.24 41.01
N CYS G 221 -21.67 21.53 40.04
CA CYS G 221 -23.11 21.30 40.00
C CYS G 221 -23.52 19.93 40.54
N ASP G 222 -22.57 19.09 40.92
CA ASP G 222 -22.90 17.77 41.46
C ASP G 222 -23.01 17.84 42.98
N ASP H 1 29.96 -12.68 20.51
CA ASP H 1 29.23 -12.60 21.77
C ASP H 1 28.94 -13.99 22.31
N VAL H 2 28.68 -14.07 23.62
CA VAL H 2 28.18 -15.28 24.26
C VAL H 2 26.66 -15.24 24.19
N VAL H 3 26.07 -16.12 23.38
CA VAL H 3 24.64 -16.06 23.11
C VAL H 3 23.89 -16.74 24.24
N MET H 4 22.96 -16.01 24.86
CA MET H 4 22.10 -16.54 25.90
C MET H 4 20.68 -16.66 25.36
N THR H 5 20.10 -17.84 25.48
CA THR H 5 18.77 -18.12 24.96
C THR H 5 17.89 -18.67 26.08
N GLN H 6 16.74 -18.02 26.31
CA GLN H 6 15.79 -18.47 27.31
C GLN H 6 14.61 -19.17 26.65
N SER H 7 13.97 -20.06 27.41
CA SER H 7 12.84 -20.83 26.94
C SER H 7 11.95 -21.18 28.11
N PRO H 8 10.65 -20.87 28.05
CA PRO H 8 9.98 -20.20 26.93
C PRO H 8 10.08 -18.69 27.01
N LEU H 9 9.66 -18.00 25.95
CA LEU H 9 9.69 -16.54 25.94
C LEU H 9 8.49 -15.92 26.63
N SER H 10 7.42 -16.70 26.84
CA SER H 10 6.23 -16.23 27.54
C SER H 10 5.72 -17.38 28.38
N LEU H 11 5.60 -17.16 29.69
CA LEU H 11 5.28 -18.23 30.63
C LEU H 11 4.17 -17.77 31.57
N SER H 12 3.00 -18.39 31.43
CA SER H 12 1.88 -18.16 32.35
C SER H 12 1.88 -19.28 33.38
N ILE H 13 2.07 -18.91 34.63
CA ILE H 13 2.23 -19.90 35.69
C ILE H 13 0.90 -20.11 36.40
N THR H 14 0.67 -21.34 36.84
CA THR H 14 -0.57 -21.73 37.51
C THR H 14 -0.35 -21.77 39.01
N PRO H 15 -1.22 -21.16 39.81
CA PRO H 15 -0.96 -21.06 41.25
C PRO H 15 -0.82 -22.42 41.90
N GLY H 16 -0.03 -22.45 42.98
CA GLY H 16 0.24 -23.67 43.71
C GLY H 16 1.15 -24.65 43.00
N GLN H 17 1.64 -24.33 41.81
CA GLN H 17 2.47 -25.22 41.01
C GLN H 17 3.87 -24.65 40.84
N PRO H 18 4.83 -25.48 40.45
CA PRO H 18 6.17 -24.97 40.14
C PRO H 18 6.22 -24.42 38.74
N ALA H 19 7.28 -23.64 38.49
CA ALA H 19 7.48 -22.99 37.20
C ALA H 19 8.96 -23.08 36.82
N SER H 20 9.22 -23.17 35.52
CA SER H 20 10.56 -23.49 35.06
C SER H 20 10.93 -22.62 33.85
N ILE H 21 12.05 -21.93 33.96
CA ILE H 21 12.66 -21.18 32.86
C ILE H 21 13.99 -21.82 32.57
N SER H 22 14.34 -21.93 31.29
CA SER H 22 15.60 -22.51 30.87
C SER H 22 16.45 -21.45 30.19
N CYS H 23 17.76 -21.53 30.41
CA CYS H 23 18.71 -20.58 29.85
C CYS H 23 19.92 -21.36 29.36
N ARG H 24 20.23 -21.20 28.09
CA ARG H 24 21.28 -21.96 27.43
C ARG H 24 22.29 -20.99 26.83
N SER H 25 23.57 -21.28 27.01
CA SER H 25 24.63 -20.40 26.56
C SER H 25 25.41 -21.03 25.42
N SER H 26 25.94 -20.18 24.54
CA SER H 26 26.69 -20.67 23.39
C SER H 26 28.08 -21.17 23.77
N GLN H 27 28.57 -20.80 24.95
CA GLN H 27 29.85 -21.26 25.45
C GLN H 27 29.70 -21.68 26.90
N SER H 28 30.66 -22.46 27.38
CA SER H 28 30.64 -22.87 28.78
C SER H 28 30.86 -21.66 29.68
N LEU H 29 30.10 -21.60 30.78
CA LEU H 29 30.23 -20.53 31.75
C LEU H 29 31.06 -20.94 32.96
N VAL H 30 31.86 -22.00 32.84
CA VAL H 30 32.73 -22.44 33.92
C VAL H 30 34.04 -21.65 33.83
N HIS H 31 34.38 -20.97 34.92
CA HIS H 31 35.61 -20.20 34.98
C HIS H 31 36.74 -21.06 35.58
N SER H 32 37.98 -20.56 35.42
CA SER H 32 39.13 -21.29 35.92
C SER H 32 39.19 -21.35 37.44
N ASP H 33 38.40 -20.52 38.13
CA ASP H 33 38.37 -20.55 39.60
C ASP H 33 37.48 -21.66 40.15
N GLY H 34 36.89 -22.48 39.29
CA GLY H 34 36.04 -23.56 39.72
C GLY H 34 34.58 -23.19 39.87
N LYS H 35 34.25 -21.91 39.78
CA LYS H 35 32.88 -21.44 39.94
C LYS H 35 32.22 -21.27 38.58
N THR H 36 30.89 -21.37 38.57
CA THR H 36 30.07 -21.16 37.38
C THR H 36 29.32 -19.86 37.55
N TYR H 37 29.53 -18.92 36.63
CA TYR H 37 29.04 -17.55 36.80
C TYR H 37 27.81 -17.34 35.93
N LEU H 38 26.66 -17.76 36.47
CA LEU H 38 25.35 -17.53 35.86
C LEU H 38 24.46 -16.88 36.90
N SER H 39 23.66 -15.92 36.47
CA SER H 39 22.82 -15.17 37.40
C SER H 39 21.42 -14.99 36.82
N TRP H 40 20.45 -14.87 37.73
CA TRP H 40 19.04 -14.71 37.41
C TRP H 40 18.53 -13.43 38.05
N TYR H 41 17.90 -12.57 37.25
CA TYR H 41 17.40 -11.27 37.66
C TYR H 41 15.91 -11.17 37.34
N GLN H 42 15.19 -10.43 38.17
CA GLN H 42 13.76 -10.16 37.98
C GLN H 42 13.53 -8.67 37.84
N GLN H 43 12.73 -8.29 36.84
CA GLN H 43 12.45 -6.89 36.53
C GLN H 43 10.94 -6.72 36.47
N LYS H 44 10.40 -6.06 37.49
CA LYS H 44 8.99 -5.69 37.52
C LYS H 44 8.78 -4.46 36.63
N PRO H 45 7.56 -4.24 36.13
CA PRO H 45 7.39 -3.16 35.14
C PRO H 45 7.65 -1.80 35.75
N GLY H 46 8.37 -0.97 35.00
CA GLY H 46 8.69 0.37 35.47
C GLY H 46 9.82 0.45 36.47
N GLN H 47 10.57 -0.63 36.67
CA GLN H 47 11.64 -0.68 37.64
C GLN H 47 12.87 -1.33 37.03
N PRO H 48 14.04 -1.11 37.62
CA PRO H 48 15.25 -1.80 37.15
C PRO H 48 15.22 -3.25 37.56
N PRO H 49 16.06 -4.09 36.94
CA PRO H 49 16.10 -5.50 37.34
C PRO H 49 16.51 -5.65 38.80
N ARG H 50 16.09 -6.76 39.38
CA ARG H 50 16.49 -7.15 40.73
C ARG H 50 17.34 -8.40 40.67
N LEU H 51 18.43 -8.41 41.44
CA LEU H 51 19.26 -9.61 41.52
C LEU H 51 18.57 -10.65 42.40
N LEU H 52 18.31 -11.82 41.83
CA LEU H 52 17.75 -12.95 42.59
C LEU H 52 18.81 -13.98 42.91
N ILE H 53 19.48 -14.51 41.88
CA ILE H 53 20.45 -15.58 42.06
C ILE H 53 21.74 -15.20 41.35
N TYR H 54 22.86 -15.45 42.01
CA TYR H 54 24.17 -15.46 41.35
C TYR H 54 24.77 -16.84 41.54
N GLN H 55 25.71 -17.22 40.65
CA GLN H 55 26.41 -18.48 40.85
C GLN H 55 25.43 -19.65 40.97
N VAL H 56 25.01 -20.21 39.84
CA VAL H 56 23.66 -20.67 39.49
C VAL H 56 22.76 -21.04 40.67
N SER H 57 23.30 -21.51 41.78
CA SER H 57 22.43 -22.01 42.83
C SER H 57 22.49 -21.23 44.15
N ASN H 58 23.34 -20.21 44.26
CA ASN H 58 23.38 -19.38 45.45
C ASN H 58 22.33 -18.26 45.42
N TRP H 59 21.70 -18.03 46.56
CA TRP H 59 20.67 -17.01 46.68
C TRP H 59 21.28 -15.69 47.15
N TYR H 60 20.85 -14.60 46.54
CA TYR H 60 21.24 -13.29 47.02
C TYR H 60 20.51 -12.98 48.33
N SER H 61 21.13 -12.13 49.15
CA SER H 61 20.53 -11.76 50.43
C SER H 61 19.10 -11.27 50.23
N GLY H 62 18.18 -11.89 50.97
CA GLY H 62 16.78 -11.49 50.95
C GLY H 62 15.90 -12.21 49.95
N VAL H 63 16.45 -13.12 49.14
CA VAL H 63 15.64 -13.83 48.15
C VAL H 63 15.07 -15.10 48.78
N PRO H 64 13.78 -15.37 48.57
CA PRO H 64 13.14 -16.50 49.24
C PRO H 64 13.59 -17.87 48.71
N ASP H 65 13.41 -18.87 49.58
CA ASP H 65 13.74 -20.24 49.23
C ASP H 65 12.91 -20.77 48.08
N ARG H 66 11.83 -20.08 47.68
CA ARG H 66 10.99 -20.58 46.60
C ARG H 66 11.68 -20.44 45.25
N PHE H 67 12.69 -19.59 45.15
CA PHE H 67 13.47 -19.44 43.94
C PHE H 67 14.64 -20.41 44.00
N SER H 68 14.77 -21.24 42.96
CA SER H 68 15.84 -22.23 42.97
C SER H 68 16.51 -22.26 41.60
N GLY H 69 17.79 -22.58 41.60
CA GLY H 69 18.56 -22.62 40.36
C GLY H 69 19.31 -23.92 40.24
N SER H 70 19.32 -24.46 39.01
CA SER H 70 20.01 -25.69 38.71
C SER H 70 20.71 -25.54 37.38
N GLY H 71 21.52 -26.53 37.03
CA GLY H 71 22.16 -26.58 35.73
C GLY H 71 23.67 -26.71 35.84
N THR H 72 24.26 -27.00 34.69
CA THR H 72 25.69 -27.18 34.54
C THR H 72 26.10 -26.75 33.14
N GLY H 73 27.33 -26.27 33.03
CA GLY H 73 27.90 -26.02 31.71
C GLY H 73 27.16 -24.91 30.97
N THR H 74 26.34 -25.32 30.00
CA THR H 74 25.58 -24.38 29.21
C THR H 74 24.08 -24.41 29.51
N ASN H 75 23.58 -25.41 30.21
CA ASN H 75 22.15 -25.52 30.49
C ASN H 75 21.87 -25.12 31.93
N PHE H 76 20.92 -24.21 32.13
CA PHE H 76 20.56 -23.75 33.46
C PHE H 76 19.05 -23.59 33.54
N THR H 77 18.52 -23.75 34.75
CA THR H 77 17.07 -23.76 34.95
C THR H 77 16.72 -23.04 36.25
N LEU H 78 15.82 -22.07 36.15
CA LEU H 78 15.28 -21.37 37.31
C LEU H 78 13.88 -21.86 37.58
N LYS H 79 13.62 -22.26 38.82
CA LYS H 79 12.33 -22.78 39.24
C LYS H 79 11.71 -21.86 40.29
N ILE H 80 10.43 -21.55 40.09
CA ILE H 80 9.61 -20.82 41.03
C ILE H 80 8.68 -21.85 41.67
N SER H 81 8.96 -22.20 42.93
CA SER H 81 8.29 -23.34 43.54
C SER H 81 6.84 -23.03 43.85
N ARG H 82 6.59 -21.93 44.57
CA ARG H 82 5.23 -21.51 44.87
C ARG H 82 5.17 -19.99 44.76
N VAL H 83 4.36 -19.51 43.81
CA VAL H 83 4.47 -18.14 43.34
C VAL H 83 3.74 -17.20 44.29
N GLU H 84 4.09 -15.92 44.19
CA GLU H 84 3.35 -14.83 44.82
C GLU H 84 2.76 -13.97 43.72
N ALA H 85 1.78 -13.14 44.10
CA ALA H 85 1.21 -12.22 43.11
C ALA H 85 2.24 -11.21 42.66
N ALA H 86 3.15 -10.82 43.55
CA ALA H 86 4.19 -9.85 43.22
C ALA H 86 5.19 -10.37 42.19
N ASP H 87 5.19 -11.67 41.89
CA ASP H 87 6.27 -12.26 41.10
C ASP H 87 6.08 -12.09 39.60
N VAL H 88 5.10 -11.31 39.16
CA VAL H 88 4.96 -11.05 37.73
C VAL H 88 6.12 -10.16 37.26
N GLY H 89 6.46 -10.28 35.98
CA GLY H 89 7.50 -9.43 35.44
C GLY H 89 8.34 -10.18 34.44
N VAL H 90 9.50 -9.62 34.09
CA VAL H 90 10.38 -10.22 33.10
C VAL H 90 11.64 -10.72 33.80
N TYR H 91 12.03 -11.95 33.50
CA TYR H 91 13.18 -12.59 34.12
C TYR H 91 14.29 -12.75 33.09
N TYR H 92 15.52 -12.42 33.50
CA TYR H 92 16.67 -12.49 32.62
C TYR H 92 17.76 -13.35 33.25
N CYS H 93 18.44 -14.13 32.41
CA CYS H 93 19.67 -14.78 32.82
C CYS H 93 20.86 -14.03 32.24
N GLY H 94 21.95 -13.99 33.00
CA GLY H 94 23.12 -13.25 32.59
C GLY H 94 24.41 -13.92 33.00
N GLN H 95 25.37 -13.98 32.08
CA GLN H 95 26.67 -14.55 32.38
C GLN H 95 27.61 -13.44 32.87
N GLY H 96 28.38 -13.77 33.90
CA GLY H 96 29.30 -12.81 34.48
C GLY H 96 30.72 -13.30 34.43
N VAL H 97 31.05 -14.04 33.37
CA VAL H 97 32.37 -14.61 33.19
C VAL H 97 33.05 -14.09 31.93
N HIS H 98 32.28 -13.88 30.85
CA HIS H 98 32.83 -13.48 29.57
C HIS H 98 32.48 -12.03 29.26
N LEU H 99 33.41 -11.34 28.61
CA LEU H 99 33.21 -9.98 28.15
C LEU H 99 33.01 -9.98 26.63
N PRO H 100 31.99 -9.29 26.11
CA PRO H 100 31.07 -8.42 26.85
C PRO H 100 30.04 -9.18 27.68
N ARG H 101 29.60 -8.60 28.78
CA ARG H 101 28.51 -9.19 29.53
C ARG H 101 27.27 -9.28 28.66
N THR H 102 26.53 -10.38 28.79
CA THR H 102 25.36 -10.62 27.97
C THR H 102 24.22 -11.11 28.84
N PHE H 103 23.00 -10.84 28.38
CA PHE H 103 21.80 -11.29 29.06
C PHE H 103 20.91 -12.03 28.06
N GLY H 104 20.00 -12.81 28.62
CA GLY H 104 18.97 -13.43 27.80
C GLY H 104 17.99 -12.40 27.27
N GLN H 105 17.18 -12.85 26.32
CA GLN H 105 16.14 -11.99 25.77
C GLN H 105 15.02 -11.74 26.76
N GLY H 106 14.85 -12.62 27.76
CA GLY H 106 13.90 -12.39 28.82
C GLY H 106 12.65 -13.22 28.69
N THR H 107 12.13 -13.70 29.83
CA THR H 107 10.91 -14.48 29.88
C THR H 107 9.87 -13.67 30.65
N LYS H 108 8.74 -13.40 30.00
CA LYS H 108 7.66 -12.64 30.61
C LYS H 108 6.76 -13.58 31.40
N VAL H 109 6.61 -13.32 32.69
CA VAL H 109 5.86 -14.16 33.62
C VAL H 109 4.61 -13.41 34.04
N ASP H 110 3.46 -14.01 33.73
CA ASP H 110 2.15 -13.53 34.14
C ASP H 110 1.42 -14.67 34.82
N ILE H 111 0.58 -14.34 35.79
CA ILE H 111 -0.09 -15.34 36.62
C ILE H 111 -1.51 -15.57 36.11
N LYS H 112 -1.97 -16.81 36.27
CA LYS H 112 -3.36 -17.17 35.97
C LYS H 112 -4.19 -17.04 37.24
N ARG H 113 -5.39 -16.47 37.11
CA ARG H 113 -6.23 -16.26 38.28
C ARG H 113 -7.70 -16.29 37.88
N THR H 114 -8.56 -16.13 38.89
CA THR H 114 -10.00 -16.20 38.69
C THR H 114 -10.51 -15.03 37.86
N VAL H 115 -11.49 -15.30 36.99
CA VAL H 115 -12.07 -14.27 36.16
C VAL H 115 -12.71 -13.20 37.03
N ALA H 116 -12.64 -11.95 36.58
CA ALA H 116 -13.27 -10.84 37.28
C ALA H 116 -13.74 -9.81 36.26
N ALA H 117 -15.00 -9.42 36.36
CA ALA H 117 -15.55 -8.42 35.44
C ALA H 117 -14.99 -7.04 35.77
N PRO H 118 -14.78 -6.20 34.75
CA PRO H 118 -14.24 -4.86 35.00
C PRO H 118 -15.28 -3.92 35.58
N SER H 119 -14.81 -3.04 36.46
CA SER H 119 -15.61 -1.91 36.90
C SER H 119 -15.43 -0.76 35.91
N VAL H 120 -16.52 -0.27 35.37
CA VAL H 120 -16.48 0.69 34.26
C VAL H 120 -16.84 2.07 34.78
N PHE H 121 -16.04 3.07 34.38
CA PHE H 121 -16.29 4.46 34.73
C PHE H 121 -16.13 5.31 33.47
N ILE H 122 -16.84 6.43 33.44
CA ILE H 122 -16.68 7.40 32.35
C ILE H 122 -16.33 8.76 32.94
N PHE H 123 -15.42 9.45 32.27
CA PHE H 123 -14.95 10.77 32.69
C PHE H 123 -15.19 11.75 31.55
N PRO H 124 -16.13 12.69 31.74
CA PRO H 124 -16.33 13.76 30.77
C PRO H 124 -15.22 14.79 30.88
N PRO H 125 -14.99 15.57 29.83
CA PRO H 125 -13.91 16.56 29.87
C PRO H 125 -14.25 17.74 30.78
N SER H 126 -13.21 18.28 31.41
CA SER H 126 -13.33 19.51 32.17
C SER H 126 -13.56 20.69 31.23
N GLU H 127 -14.13 21.77 31.79
CA GLU H 127 -14.34 22.99 31.02
C GLU H 127 -13.05 23.53 30.43
N ASP H 128 -11.93 23.36 31.14
CA ASP H 128 -10.64 23.78 30.61
C ASP H 128 -10.36 23.16 29.25
N GLN H 129 -10.66 21.86 29.10
CA GLN H 129 -10.47 21.21 27.82
C GLN H 129 -11.33 21.83 26.73
N VAL H 130 -12.60 22.15 27.07
CA VAL H 130 -13.48 22.77 26.09
C VAL H 130 -12.94 24.11 25.65
N LYS H 131 -12.43 24.90 26.59
CA LYS H 131 -11.78 26.16 26.22
C LYS H 131 -10.53 25.92 25.38
N SER H 132 -9.85 24.80 25.63
CA SER H 132 -8.50 24.60 25.09
C SER H 132 -8.47 24.36 23.60
N GLY H 133 -9.58 23.94 22.99
CA GLY H 133 -9.57 23.64 21.58
C GLY H 133 -9.91 22.20 21.24
N THR H 134 -9.47 21.25 22.07
CA THR H 134 -9.76 19.84 21.85
C THR H 134 -10.17 19.18 23.16
N VAL H 135 -10.93 18.09 23.03
CA VAL H 135 -11.61 17.44 24.13
C VAL H 135 -11.30 15.94 24.10
N SER H 136 -11.09 15.36 25.28
CA SER H 136 -10.82 13.94 25.43
C SER H 136 -11.78 13.36 26.47
N VAL H 137 -12.63 12.43 26.04
CA VAL H 137 -13.54 11.70 26.91
C VAL H 137 -12.90 10.37 27.24
N VAL H 138 -12.91 10.00 28.53
CA VAL H 138 -12.15 8.84 28.99
C VAL H 138 -13.10 7.77 29.52
N CYS H 139 -12.89 6.53 29.10
CA CYS H 139 -13.63 5.39 29.63
C CYS H 139 -12.62 4.45 30.27
N LEU H 140 -12.85 4.11 31.54
CA LEU H 140 -11.90 3.35 32.34
C LEU H 140 -12.50 1.99 32.69
N LEU H 141 -11.73 0.93 32.44
CA LEU H 141 -12.05 -0.43 32.82
C LEU H 141 -11.07 -0.82 33.91
N ASN H 142 -11.58 -1.05 35.12
CA ASN H 142 -10.73 -1.26 36.29
C ASN H 142 -10.80 -2.72 36.72
N ASN H 143 -9.62 -3.33 36.90
CA ASN H 143 -9.45 -4.56 37.67
C ASN H 143 -10.31 -5.70 37.11
N PHE H 144 -9.96 -6.11 35.89
CA PHE H 144 -10.61 -7.25 35.25
C PHE H 144 -9.56 -8.31 34.90
N TYR H 145 -10.08 -9.50 34.59
CA TYR H 145 -9.28 -10.63 34.13
C TYR H 145 -10.21 -11.52 33.31
N PRO H 146 -9.76 -12.06 32.18
CA PRO H 146 -8.44 -11.91 31.55
C PRO H 146 -8.27 -10.61 30.76
N ARG H 147 -7.17 -10.53 30.00
CA ARG H 147 -6.80 -9.27 29.38
C ARG H 147 -7.75 -8.86 28.26
N GLU H 148 -8.32 -9.82 27.56
CA GLU H 148 -9.12 -9.51 26.38
C GLU H 148 -10.41 -8.81 26.77
N ALA H 149 -10.66 -7.67 26.12
CA ALA H 149 -11.87 -6.87 26.33
C ALA H 149 -12.04 -5.94 25.15
N SER H 150 -13.27 -5.46 24.95
CA SER H 150 -13.57 -4.59 23.83
C SER H 150 -14.33 -3.37 24.33
N VAL H 151 -13.94 -2.20 23.85
CA VAL H 151 -14.57 -0.93 24.20
C VAL H 151 -15.11 -0.30 22.92
N LYS H 152 -16.38 0.08 22.92
CA LYS H 152 -16.98 0.78 21.81
C LYS H 152 -17.49 2.14 22.27
N TRP H 153 -17.27 3.16 21.45
CA TRP H 153 -17.68 4.52 21.76
C TRP H 153 -18.97 4.86 21.02
N LYS H 154 -19.93 5.44 21.73
CA LYS H 154 -21.23 5.76 21.17
C LYS H 154 -21.54 7.22 21.43
N VAL H 155 -21.78 7.97 20.37
CA VAL H 155 -22.13 9.37 20.44
C VAL H 155 -23.57 9.49 19.98
N ASP H 156 -24.42 10.07 20.83
CA ASP H 156 -25.86 10.16 20.57
C ASP H 156 -26.42 8.80 20.15
N GLY H 157 -25.87 7.73 20.74
CA GLY H 157 -26.35 6.40 20.50
C GLY H 157 -25.69 5.66 19.35
N VAL H 158 -24.99 6.36 18.47
CA VAL H 158 -24.44 5.74 17.26
C VAL H 158 -22.96 5.46 17.47
N LEU H 159 -22.50 4.35 16.87
CA LEU H 159 -21.10 3.97 16.94
C LEU H 159 -20.21 5.05 16.33
N LYS H 160 -19.13 5.40 17.04
CA LYS H 160 -18.14 6.36 16.58
C LYS H 160 -16.80 5.65 16.49
N THR H 161 -16.20 5.68 15.30
CA THR H 161 -14.94 4.98 15.05
C THR H 161 -13.87 5.96 14.60
N GLY H 162 -12.62 5.55 14.75
CA GLY H 162 -11.49 6.26 14.20
C GLY H 162 -11.00 7.45 15.01
N ASN H 163 -11.44 7.60 16.26
CA ASN H 163 -10.98 8.69 17.11
C ASN H 163 -10.61 8.19 18.50
N SER H 164 -10.38 6.89 18.67
CA SER H 164 -10.21 6.29 19.97
C SER H 164 -8.82 5.69 20.11
N GLN H 165 -8.32 5.68 21.35
CA GLN H 165 -7.02 5.10 21.67
C GLN H 165 -7.15 4.25 22.91
N GLU H 166 -6.50 3.09 22.91
CA GLU H 166 -6.54 2.18 24.05
C GLU H 166 -5.16 2.06 24.68
N SER H 167 -5.14 1.89 26.00
CA SER H 167 -3.92 1.65 26.73
C SER H 167 -4.21 0.66 27.84
N VAL H 168 -3.38 -0.36 27.97
CA VAL H 168 -3.60 -1.45 28.92
C VAL H 168 -2.43 -1.51 29.89
N THR H 169 -2.74 -1.66 31.17
CA THR H 169 -1.70 -1.81 32.19
C THR H 169 -1.10 -3.21 32.13
N GLU H 170 -0.02 -3.39 32.89
CA GLU H 170 0.54 -4.71 33.07
C GLU H 170 -0.20 -5.41 34.21
N GLN H 171 -0.03 -6.73 34.28
CA GLN H 171 -0.74 -7.50 35.29
C GLN H 171 -0.33 -7.03 36.68
N ASP H 172 -1.33 -6.70 37.49
CA ASP H 172 -1.09 -6.02 38.76
C ASP H 172 -0.34 -6.91 39.74
N SER H 173 0.55 -6.30 40.51
CA SER H 173 1.35 -7.07 41.46
C SER H 173 0.56 -7.48 42.70
N LYS H 174 -0.60 -6.88 42.95
CA LYS H 174 -1.38 -7.20 44.13
C LYS H 174 -2.44 -8.27 43.87
N ASP H 175 -3.28 -8.10 42.84
CA ASP H 175 -4.44 -8.97 42.59
C ASP H 175 -4.36 -9.62 41.21
N ASN H 176 -3.25 -9.41 40.51
CA ASN H 176 -2.82 -9.96 39.26
C ASN H 176 -3.87 -9.61 38.18
N THR H 177 -4.39 -8.38 38.19
CA THR H 177 -5.49 -7.99 37.31
C THR H 177 -5.01 -6.96 36.31
N TYR H 178 -5.84 -6.72 35.30
CA TYR H 178 -5.53 -5.73 34.27
C TYR H 178 -6.49 -4.55 34.33
N SER H 179 -6.05 -3.41 33.80
CA SER H 179 -6.89 -2.23 33.68
C SER H 179 -6.62 -1.56 32.35
N LEU H 180 -7.63 -0.86 31.82
CA LEU H 180 -7.56 -0.31 30.48
C LEU H 180 -8.20 1.06 30.44
N SER H 181 -7.61 1.97 29.67
CA SER H 181 -8.18 3.29 29.44
C SER H 181 -8.42 3.46 27.95
N SER H 182 -9.59 3.97 27.59
CA SER H 182 -9.94 4.30 26.21
C SER H 182 -10.25 5.78 26.14
N THR H 183 -9.52 6.50 25.29
CA THR H 183 -9.62 7.94 25.17
C THR H 183 -10.14 8.31 23.79
N LEU H 184 -11.24 9.06 23.77
CA LEU H 184 -11.85 9.55 22.53
C LEU H 184 -11.54 11.03 22.41
N THR H 185 -10.91 11.41 21.29
CA THR H 185 -10.45 12.78 21.09
C THR H 185 -11.23 13.44 19.96
N LEU H 186 -11.80 14.61 20.25
CA LEU H 186 -12.55 15.38 19.26
C LEU H 186 -12.22 16.85 19.40
N SER H 187 -12.63 17.64 18.41
CA SER H 187 -12.63 19.09 18.58
C SER H 187 -13.84 19.50 19.40
N ASN H 188 -13.76 20.70 19.99
CA ASN H 188 -14.91 21.20 20.75
C ASN H 188 -16.12 21.42 19.88
N THR H 189 -15.91 21.84 18.63
CA THR H 189 -17.03 21.95 17.69
C THR H 189 -17.77 20.62 17.58
N ASP H 190 -17.04 19.55 17.27
CA ASP H 190 -17.66 18.24 17.17
C ASP H 190 -18.20 17.77 18.51
N TYR H 191 -17.50 18.09 19.60
CA TYR H 191 -17.93 17.62 20.92
C TYR H 191 -19.27 18.23 21.31
N GLN H 192 -19.42 19.54 21.09
CA GLN H 192 -20.65 20.22 21.44
C GLN H 192 -21.71 20.09 20.35
N SER H 193 -21.35 19.49 19.22
CA SER H 193 -22.34 19.16 18.18
C SER H 193 -23.25 18.02 18.62
N HIS H 194 -22.96 17.37 19.74
CA HIS H 194 -23.72 16.25 20.24
C HIS H 194 -23.95 16.42 21.73
N ASN H 195 -24.78 15.55 22.30
CA ASN H 195 -25.25 15.71 23.67
C ASN H 195 -24.93 14.52 24.56
N VAL H 196 -25.12 13.29 24.09
CA VAL H 196 -25.03 12.09 24.91
C VAL H 196 -23.78 11.31 24.49
N TYR H 197 -22.93 10.99 25.45
CA TYR H 197 -21.72 10.22 25.19
C TYR H 197 -21.69 8.97 26.07
N ALA H 198 -21.31 7.84 25.48
CA ALA H 198 -21.31 6.58 26.22
C ALA H 198 -20.17 5.70 25.74
N CYS H 199 -19.68 4.85 26.63
CA CYS H 199 -18.80 3.76 26.26
C CYS H 199 -19.45 2.44 26.67
N GLU H 200 -19.43 1.49 25.75
CA GLU H 200 -19.98 0.15 25.94
C GLU H 200 -18.83 -0.84 26.03
N VAL H 201 -18.73 -1.51 27.17
CA VAL H 201 -17.66 -2.45 27.46
C VAL H 201 -18.21 -3.87 27.32
N THR H 202 -17.51 -4.68 26.53
CA THR H 202 -17.77 -6.11 26.42
C THR H 202 -16.57 -6.87 26.97
N HIS H 203 -16.85 -7.85 27.84
CA HIS H 203 -15.80 -8.60 28.49
C HIS H 203 -16.34 -9.97 28.87
N GLN H 204 -15.42 -10.92 29.00
CA GLN H 204 -15.80 -12.30 29.26
C GLN H 204 -16.60 -12.45 30.54
N GLY H 205 -16.23 -11.70 31.58
CA GLY H 205 -16.88 -11.76 32.86
C GLY H 205 -18.20 -11.00 32.96
N LEU H 206 -18.76 -10.53 31.84
CA LEU H 206 -20.00 -9.78 31.85
C LEU H 206 -21.05 -10.54 31.04
N SER H 207 -22.18 -10.82 31.69
CA SER H 207 -23.28 -11.51 31.00
C SER H 207 -23.85 -10.68 29.85
N SER H 208 -23.74 -9.35 29.95
CA SER H 208 -24.23 -8.45 28.94
C SER H 208 -23.30 -7.25 28.89
N PRO H 209 -23.13 -6.65 27.70
CA PRO H 209 -22.26 -5.45 27.62
C PRO H 209 -22.77 -4.35 28.53
N VAL H 210 -21.84 -3.70 29.23
CA VAL H 210 -22.18 -2.67 30.20
C VAL H 210 -21.90 -1.31 29.59
N THR H 211 -22.87 -0.41 29.67
CA THR H 211 -22.75 0.91 29.08
C THR H 211 -22.72 1.96 30.17
N LYS H 212 -21.75 2.87 30.10
CA LYS H 212 -21.70 4.03 30.98
C LYS H 212 -21.75 5.28 30.13
N SER H 213 -22.56 6.25 30.55
CA SER H 213 -22.86 7.39 29.71
C SER H 213 -22.95 8.66 30.55
N PHE H 214 -23.00 9.78 29.84
CA PHE H 214 -23.25 11.07 30.45
C PHE H 214 -23.89 11.98 29.40
N ASN H 215 -24.53 13.03 29.90
CA ASN H 215 -25.17 14.06 29.09
C ASN H 215 -24.29 15.29 29.13
N ARG H 216 -24.02 15.88 27.96
CA ARG H 216 -23.09 17.00 27.88
C ARG H 216 -23.57 18.18 28.72
N GLY H 217 -22.86 18.46 29.81
CA GLY H 217 -23.26 19.51 30.73
C GLY H 217 -24.11 18.99 31.88
N ALA I 1 30.83 -11.31 37.72
CA ALA I 1 31.57 -11.00 38.94
C ALA I 1 32.78 -10.14 38.62
N VAL I 2 33.13 -9.25 39.56
CA VAL I 2 34.22 -8.31 39.32
C VAL I 2 35.52 -9.09 39.14
N GLY I 3 36.27 -8.75 38.09
CA GLY I 3 37.54 -9.37 37.82
C GLY I 3 37.48 -10.65 37.02
N ILE I 4 36.30 -11.03 36.56
CA ILE I 4 36.11 -12.27 35.80
C ILE I 4 35.79 -11.86 34.37
N GLY I 5 36.72 -12.09 33.45
CA GLY I 5 36.51 -11.73 32.06
C GLY I 5 37.67 -10.95 31.49
N ALA I 6 38.40 -10.25 32.36
CA ALA I 6 39.67 -9.65 31.98
C ALA I 6 40.84 -10.61 32.14
N VAL I 7 40.60 -11.77 32.77
CA VAL I 7 41.59 -12.83 32.93
C VAL I 7 42.31 -13.14 31.62
N GLN J 1 -23.30 -20.42 -9.01
CA GLN J 1 -22.42 -21.59 -9.02
C GLN J 1 -21.74 -21.77 -7.67
N VAL J 2 -21.97 -20.83 -6.75
CA VAL J 2 -21.31 -20.84 -5.46
C VAL J 2 -22.02 -21.81 -4.53
N GLN J 3 -21.29 -22.79 -4.00
CA GLN J 3 -21.81 -23.77 -3.06
C GLN J 3 -20.85 -23.95 -1.90
N LEU J 4 -21.43 -23.99 -0.69
CA LEU J 4 -20.68 -24.22 0.54
C LEU J 4 -21.21 -25.49 1.21
N VAL J 5 -20.29 -26.31 1.72
CA VAL J 5 -20.67 -27.59 2.31
C VAL J 5 -19.98 -27.75 3.66
N GLU J 6 -20.76 -28.07 4.69
CA GLU J 6 -20.24 -28.28 6.03
C GLU J 6 -19.95 -29.76 6.27
N SER J 7 -18.86 -30.03 6.98
CA SER J 7 -18.50 -31.40 7.33
C SER J 7 -17.84 -31.40 8.71
N GLY J 8 -17.90 -32.57 9.35
CA GLY J 8 -17.28 -32.73 10.66
C GLY J 8 -17.94 -33.83 11.46
N PRO J 9 -17.74 -33.80 12.78
CA PRO J 9 -18.35 -34.80 13.65
C PRO J 9 -19.77 -34.43 14.06
N GLY J 10 -20.56 -35.47 14.33
CA GLY J 10 -21.91 -35.28 14.77
C GLY J 10 -22.02 -35.36 16.29
N LEU J 11 -21.01 -35.96 16.92
CA LEU J 11 -20.93 -36.08 18.36
C LEU J 11 -19.60 -35.55 18.85
N VAL J 12 -19.64 -34.71 19.88
CA VAL J 12 -18.45 -34.31 20.61
C VAL J 12 -18.74 -34.48 22.09
N ARG J 13 -17.78 -35.06 22.82
CA ARG J 13 -17.94 -35.22 24.25
C ARG J 13 -17.79 -33.86 24.92
N PRO J 14 -18.37 -33.67 26.11
CA PRO J 14 -18.27 -32.36 26.76
C PRO J 14 -16.83 -32.02 27.10
N SER J 15 -16.57 -30.71 27.21
CA SER J 15 -15.27 -30.15 27.51
C SER J 15 -14.26 -30.34 26.37
N GLU J 16 -14.65 -31.07 25.33
CA GLU J 16 -13.77 -31.25 24.18
C GLU J 16 -13.91 -30.06 23.24
N THR J 17 -13.26 -30.14 22.08
CA THR J 17 -13.23 -29.06 21.11
C THR J 17 -13.93 -29.50 19.83
N LEU J 18 -14.86 -28.67 19.36
CA LEU J 18 -15.63 -28.94 18.15
C LEU J 18 -14.90 -28.34 16.94
N SER J 19 -14.62 -29.17 15.95
CA SER J 19 -14.05 -28.72 14.70
C SER J 19 -15.04 -28.96 13.57
N LEU J 20 -15.26 -27.93 12.75
CA LEU J 20 -16.15 -28.04 11.60
C LEU J 20 -15.47 -27.39 10.41
N THR J 21 -15.65 -27.97 9.23
CA THR J 21 -14.97 -27.47 8.03
C THR J 21 -15.99 -27.21 6.94
N CYS J 22 -15.95 -26.02 6.36
CA CYS J 22 -16.80 -25.62 5.26
C CYS J 22 -15.94 -25.52 4.01
N ALA J 23 -16.25 -26.36 3.02
CA ALA J 23 -15.58 -26.36 1.74
C ALA J 23 -16.39 -25.52 0.76
N VAL J 24 -15.71 -24.65 0.03
CA VAL J 24 -16.32 -23.71 -0.90
C VAL J 24 -15.95 -24.12 -2.31
N SER J 25 -16.96 -24.25 -3.18
CA SER J 25 -16.73 -24.44 -4.61
C SER J 25 -17.52 -23.38 -5.36
N GLY J 26 -17.04 -23.06 -6.57
CA GLY J 26 -17.68 -22.06 -7.40
C GLY J 26 -17.07 -20.67 -7.30
N ALA J 27 -16.14 -20.45 -6.39
CA ALA J 27 -15.46 -19.17 -6.24
C ALA J 27 -14.24 -19.37 -5.37
N SER J 28 -13.21 -18.56 -5.62
CA SER J 28 -11.98 -18.65 -4.85
C SER J 28 -12.18 -18.04 -3.46
N ILE J 29 -11.57 -18.68 -2.46
CA ILE J 29 -11.76 -18.23 -1.09
C ILE J 29 -11.05 -16.91 -0.80
N ARG J 30 -10.06 -16.54 -1.61
CA ARG J 30 -9.31 -15.31 -1.39
C ARG J 30 -9.95 -14.15 -2.17
N THR J 31 -11.23 -13.94 -1.90
CA THR J 31 -12.01 -12.89 -2.56
C THR J 31 -12.56 -11.95 -1.50
N LYS J 32 -13.25 -10.90 -1.97
CA LYS J 32 -13.75 -9.87 -1.06
C LYS J 32 -15.03 -10.38 -0.39
N ALA J 33 -14.83 -11.23 0.60
CA ALA J 33 -15.93 -11.85 1.32
C ALA J 33 -15.48 -12.18 2.73
N TRP J 34 -16.43 -12.18 3.66
CA TRP J 34 -16.19 -12.59 5.04
C TRP J 34 -16.81 -13.97 5.22
N TRP J 35 -15.97 -14.99 5.35
CA TRP J 35 -16.44 -16.35 5.47
C TRP J 35 -16.86 -16.58 6.92
N SER J 36 -18.15 -16.80 7.14
CA SER J 36 -18.72 -16.67 8.47
C SER J 36 -19.38 -17.97 8.90
N TRP J 37 -19.45 -18.15 10.21
CA TRP J 37 -20.14 -19.25 10.86
C TRP J 37 -21.26 -18.68 11.71
N ILE J 38 -22.43 -19.31 11.61
CA ILE J 38 -23.64 -18.92 12.32
C ILE J 38 -24.32 -20.18 12.83
N ARG J 39 -24.74 -20.17 14.09
CA ARG J 39 -25.37 -21.36 14.64
C ARG J 39 -26.78 -21.04 15.12
N GLN J 40 -27.60 -22.08 15.16
CA GLN J 40 -29.01 -21.98 15.51
C GLN J 40 -29.40 -23.23 16.28
N PRO J 41 -29.67 -23.13 17.57
CA PRO J 41 -30.16 -24.29 18.30
C PRO J 41 -31.57 -24.64 17.82
N PRO J 42 -31.87 -25.93 17.66
CA PRO J 42 -33.09 -26.32 16.95
C PRO J 42 -34.33 -25.71 17.56
N GLY J 43 -35.17 -25.12 16.71
CA GLY J 43 -36.36 -24.44 17.17
C GLY J 43 -36.12 -23.10 17.83
N LYS J 44 -34.98 -22.46 17.54
CA LYS J 44 -34.68 -21.15 18.09
C LYS J 44 -34.10 -20.27 17.00
N GLY J 45 -33.62 -19.09 17.39
CA GLY J 45 -33.16 -18.10 16.46
C GLY J 45 -31.73 -18.33 16.01
N LEU J 46 -31.25 -17.44 15.15
CA LEU J 46 -29.91 -17.55 14.59
C LEU J 46 -28.94 -16.81 15.50
N GLU J 47 -27.82 -17.45 15.80
CA GLU J 47 -26.75 -16.85 16.60
C GLU J 47 -25.50 -16.77 15.75
N TRP J 48 -25.00 -15.55 15.55
CA TRP J 48 -23.80 -15.33 14.75
C TRP J 48 -22.57 -15.72 15.55
N ILE J 49 -21.77 -16.64 15.00
CA ILE J 49 -20.56 -17.07 15.68
C ILE J 49 -19.39 -16.17 15.33
N GLY J 50 -19.14 -15.95 14.05
CA GLY J 50 -18.06 -15.07 13.67
C GLY J 50 -17.69 -15.21 12.22
N TYR J 51 -16.53 -14.64 11.87
CA TYR J 51 -16.08 -14.69 10.49
C TYR J 51 -14.56 -14.70 10.44
N VAL J 52 -14.05 -15.14 9.30
CA VAL J 52 -12.65 -14.98 8.92
C VAL J 52 -12.64 -14.25 7.59
N SER J 53 -11.78 -13.25 7.47
CA SER J 53 -11.80 -12.44 6.27
C SER J 53 -11.07 -13.14 5.14
N GLY J 54 -11.53 -12.89 3.92
CA GLY J 54 -10.83 -13.41 2.76
C GLY J 54 -9.56 -12.66 2.44
N GLY J 55 -9.39 -11.46 2.99
CA GLY J 55 -8.18 -10.69 2.81
C GLY J 55 -7.17 -10.92 3.93
N TRP J 56 -6.57 -9.83 4.38
CA TRP J 56 -5.53 -9.88 5.41
C TRP J 56 -5.96 -9.23 6.72
N ASP J 57 -7.22 -8.86 6.84
CA ASP J 57 -7.70 -8.22 8.06
C ASP J 57 -8.04 -9.27 9.12
N LEU J 58 -8.00 -8.86 10.38
CA LEU J 58 -8.15 -9.78 11.49
C LEU J 58 -9.59 -10.30 11.57
N PRO J 59 -9.76 -11.53 12.04
CA PRO J 59 -11.12 -12.03 12.28
C PRO J 59 -11.76 -11.38 13.50
N ASN J 60 -13.09 -11.48 13.55
CA ASN J 60 -13.87 -10.98 14.68
C ASN J 60 -14.90 -12.03 15.07
N TYR J 61 -15.07 -12.22 16.37
CA TYR J 61 -15.95 -13.26 16.89
C TYR J 61 -16.98 -12.63 17.82
N ASN J 62 -17.99 -13.43 18.16
CA ASN J 62 -19.04 -12.98 19.05
C ASN J 62 -18.56 -13.02 20.50
N PRO J 63 -18.70 -11.92 21.25
CA PRO J 63 -18.34 -11.97 22.68
C PRO J 63 -19.18 -12.96 23.46
N SER J 64 -20.38 -13.30 22.98
CA SER J 64 -21.23 -14.27 23.67
C SER J 64 -20.59 -15.64 23.75
N LEU J 65 -19.60 -15.91 22.89
CA LEU J 65 -18.93 -17.20 22.87
C LEU J 65 -17.83 -17.31 23.91
N LYS J 66 -17.58 -16.24 24.67
CA LYS J 66 -16.65 -16.25 25.80
C LYS J 66 -15.24 -16.65 25.36
N ASN J 67 -14.79 -16.08 24.24
CA ASN J 67 -13.43 -16.28 23.74
C ASN J 67 -13.12 -17.76 23.56
N ARG J 68 -14.08 -18.50 23.03
CA ARG J 68 -13.91 -19.92 22.74
C ARG J 68 -13.80 -20.22 21.26
N VAL J 69 -13.87 -19.22 20.39
CA VAL J 69 -13.99 -19.43 18.95
C VAL J 69 -12.68 -19.03 18.27
N ILE J 70 -12.20 -19.89 17.39
CA ILE J 70 -11.12 -19.58 16.46
C ILE J 70 -11.59 -20.02 15.07
N ILE J 71 -11.49 -19.13 14.10
CA ILE J 71 -11.90 -19.46 12.74
C ILE J 71 -10.69 -19.30 11.82
N LEU J 72 -10.37 -20.36 11.08
CA LEU J 72 -9.16 -20.42 10.29
C LEU J 72 -9.52 -20.68 8.82
N LYS J 73 -8.61 -20.34 7.93
CA LYS J 73 -8.82 -20.56 6.50
C LYS J 73 -7.58 -21.18 5.88
N ASP J 74 -7.80 -22.04 4.89
CA ASP J 74 -6.71 -22.69 4.15
C ASP J 74 -6.99 -22.38 2.69
N THR J 75 -6.23 -21.42 2.14
CA THR J 75 -6.45 -20.99 0.77
C THR J 75 -6.12 -22.10 -0.21
N SER J 76 -5.06 -22.87 0.07
CA SER J 76 -4.64 -23.93 -0.83
C SER J 76 -5.71 -25.00 -0.95
N LEU J 77 -6.33 -25.37 0.17
CA LEU J 77 -7.40 -26.37 0.17
C LEU J 77 -8.76 -25.79 -0.15
N ASN J 78 -8.87 -24.46 -0.24
CA ASN J 78 -10.15 -23.78 -0.45
C ASN J 78 -11.19 -24.24 0.58
N GLN J 79 -10.85 -24.01 1.84
CA GLN J 79 -11.71 -24.38 2.95
C GLN J 79 -11.57 -23.34 4.05
N PHE J 80 -12.59 -23.26 4.89
CA PHE J 80 -12.44 -22.50 6.14
C PHE J 80 -13.15 -23.26 7.24
N SER J 81 -12.62 -23.16 8.44
CA SER J 81 -13.04 -24.05 9.51
C SER J 81 -13.20 -23.30 10.82
N LEU J 82 -14.08 -23.84 11.66
CA LEU J 82 -14.40 -23.32 12.98
C LEU J 82 -13.89 -24.29 14.03
N ARG J 83 -13.17 -23.76 15.02
CA ARG J 83 -12.75 -24.51 16.19
C ARG J 83 -13.38 -23.83 17.40
N LEU J 84 -14.14 -24.60 18.16
CA LEU J 84 -14.90 -24.07 19.30
C LEU J 84 -14.54 -24.90 20.53
N THR J 85 -13.85 -24.28 21.47
CA THR J 85 -13.28 -25.01 22.59
C THR J 85 -14.24 -25.06 23.77
N SER J 86 -14.08 -26.10 24.59
CA SER J 86 -14.81 -26.24 25.85
C SER J 86 -16.32 -26.23 25.63
N VAL J 87 -16.78 -27.16 24.80
CA VAL J 87 -18.19 -27.19 24.44
C VAL J 87 -19.02 -27.68 25.62
N THR J 88 -20.27 -27.20 25.69
CA THR J 88 -21.24 -27.65 26.66
C THR J 88 -22.50 -28.09 25.92
N ALA J 89 -23.50 -28.55 26.68
CA ALA J 89 -24.77 -28.93 26.08
C ALA J 89 -25.42 -27.76 25.35
N ALA J 90 -25.17 -26.53 25.83
CA ALA J 90 -25.71 -25.35 25.17
C ALA J 90 -25.17 -25.18 23.76
N ASP J 91 -24.02 -25.78 23.44
CA ASP J 91 -23.43 -25.67 22.12
C ASP J 91 -23.99 -26.66 21.11
N THR J 92 -24.96 -27.48 21.51
CA THR J 92 -25.64 -28.40 20.60
C THR J 92 -26.58 -27.62 19.70
N ALA J 93 -26.33 -27.63 18.39
CA ALA J 93 -27.12 -26.78 17.50
C ALA J 93 -26.86 -27.16 16.05
N LEU J 94 -27.45 -26.39 15.14
CA LEU J 94 -27.23 -26.51 13.71
C LEU J 94 -26.26 -25.41 13.29
N TYR J 95 -25.20 -25.79 12.61
CA TYR J 95 -24.12 -24.88 12.25
C TYR J 95 -24.18 -24.64 10.74
N TYR J 96 -24.21 -23.38 10.35
CA TYR J 96 -24.27 -22.95 8.96
C TYR J 96 -22.99 -22.17 8.65
N CYS J 97 -22.40 -22.48 7.51
CA CYS J 97 -21.30 -21.68 6.99
C CYS J 97 -21.83 -20.83 5.84
N ALA J 98 -21.48 -19.55 5.84
CA ALA J 98 -22.10 -18.57 4.98
C ALA J 98 -21.03 -17.59 4.49
N ARG J 99 -21.40 -16.78 3.51
CA ARG J 99 -20.52 -15.75 2.98
C ARG J 99 -21.19 -14.40 3.15
N GLU J 100 -20.64 -13.55 4.04
CA GLU J 100 -21.08 -12.17 4.10
C GLU J 100 -20.35 -11.40 3.01
N GLY J 101 -21.11 -10.96 2.01
CA GLY J 101 -20.56 -10.22 0.89
C GLY J 101 -21.20 -8.85 0.82
N PRO J 102 -21.14 -8.20 -0.34
CA PRO J 102 -21.81 -6.90 -0.45
C PRO J 102 -23.31 -7.02 -0.31
N GLU J 103 -23.86 -8.15 -0.70
CA GLU J 103 -25.25 -8.51 -0.44
C GLU J 103 -25.20 -9.41 0.78
N ASP J 104 -25.63 -8.88 1.94
CA ASP J 104 -25.40 -9.57 3.19
C ASP J 104 -25.81 -11.04 3.12
N PHE J 105 -24.97 -11.89 3.70
CA PHE J 105 -25.21 -13.33 3.85
C PHE J 105 -25.84 -13.90 2.58
N ASP J 106 -25.00 -13.99 1.53
CA ASP J 106 -25.46 -14.38 0.20
C ASP J 106 -25.82 -15.86 0.14
N VAL J 107 -24.88 -16.73 0.48
CA VAL J 107 -25.00 -18.15 0.25
C VAL J 107 -24.80 -18.88 1.57
N TRP J 108 -25.65 -19.87 1.83
CA TRP J 108 -25.59 -20.64 3.06
C TRP J 108 -25.32 -22.11 2.75
N GLY J 109 -24.63 -22.76 3.66
CA GLY J 109 -24.51 -24.20 3.60
C GLY J 109 -25.77 -24.88 4.06
N PRO J 110 -25.88 -26.18 3.76
CA PRO J 110 -27.11 -26.91 4.12
C PRO J 110 -27.34 -27.02 5.62
N GLY J 111 -26.30 -26.83 6.44
CA GLY J 111 -26.46 -26.97 7.86
C GLY J 111 -25.99 -28.30 8.40
N PHE J 112 -25.28 -28.29 9.52
CA PHE J 112 -24.75 -29.52 10.11
C PHE J 112 -25.10 -29.53 11.59
N LEU J 113 -25.70 -30.63 12.05
CA LEU J 113 -26.18 -30.70 13.42
C LEU J 113 -25.13 -31.34 14.30
N VAL J 114 -24.67 -30.60 15.31
CA VAL J 114 -23.68 -31.09 16.26
C VAL J 114 -24.38 -31.24 17.61
N THR J 115 -24.29 -32.44 18.17
CA THR J 115 -24.89 -32.78 19.45
C THR J 115 -23.78 -32.97 20.46
N VAL J 116 -23.87 -32.26 21.58
CA VAL J 116 -22.85 -32.33 22.63
C VAL J 116 -23.40 -33.25 23.71
N SER J 117 -22.88 -34.47 23.77
CA SER J 117 -23.34 -35.44 24.75
C SER J 117 -22.26 -36.50 24.94
N SER J 118 -22.30 -37.12 26.11
CA SER J 118 -21.39 -38.22 26.42
C SER J 118 -21.90 -39.57 25.92
N ALA J 119 -23.14 -39.63 25.44
CA ALA J 119 -23.77 -40.91 25.17
C ALA J 119 -23.19 -41.56 23.91
N SER J 120 -23.22 -42.88 23.90
CA SER J 120 -22.60 -43.66 22.83
C SER J 120 -23.57 -43.84 21.67
N THR J 121 -23.04 -43.79 20.45
CA THR J 121 -23.85 -43.91 19.26
C THR J 121 -24.60 -45.24 19.22
N LYS J 122 -25.85 -45.20 18.75
CA LYS J 122 -26.65 -46.39 18.57
C LYS J 122 -27.38 -46.31 17.24
N GLY J 123 -27.32 -47.39 16.47
CA GLY J 123 -28.00 -47.46 15.21
C GLY J 123 -29.48 -47.76 15.37
N PRO J 124 -30.27 -47.35 14.39
CA PRO J 124 -31.73 -47.48 14.52
C PRO J 124 -32.25 -48.83 14.05
N SER J 125 -33.41 -49.19 14.60
CA SER J 125 -34.20 -50.30 14.11
C SER J 125 -35.27 -49.77 13.17
N VAL J 126 -35.45 -50.46 12.04
CA VAL J 126 -36.38 -50.06 11.01
C VAL J 126 -37.48 -51.10 10.93
N PHE J 127 -38.72 -50.69 11.15
CA PHE J 127 -39.84 -51.60 11.08
C PHE J 127 -40.85 -51.12 10.03
N PRO J 128 -41.46 -52.03 9.29
CA PRO J 128 -42.45 -51.60 8.30
C PRO J 128 -43.80 -51.30 8.94
N LEU J 129 -44.44 -50.25 8.45
CA LEU J 129 -45.81 -49.90 8.78
C LEU J 129 -46.63 -50.24 7.55
N ALA J 130 -47.19 -51.44 7.53
CA ALA J 130 -47.83 -51.99 6.34
C ALA J 130 -49.27 -51.49 6.24
N PRO J 131 -49.76 -51.23 5.03
CA PRO J 131 -51.17 -50.94 4.87
C PRO J 131 -52.01 -52.21 4.89
N SER J 132 -53.28 -52.03 5.22
CA SER J 132 -54.23 -53.13 5.27
C SER J 132 -55.53 -52.71 4.59
N SER J 133 -56.38 -53.69 4.31
CA SER J 133 -57.69 -53.39 3.76
C SER J 133 -58.59 -52.74 4.80
N LYS J 134 -58.40 -53.09 6.08
CA LYS J 134 -59.07 -52.40 7.18
C LYS J 134 -58.66 -50.92 7.26
N SER J 135 -57.58 -50.53 6.58
CA SER J 135 -57.04 -49.19 6.69
C SER J 135 -57.18 -48.37 5.41
N THR J 136 -57.89 -48.88 4.41
CA THR J 136 -58.11 -48.11 3.18
C THR J 136 -59.16 -47.05 3.42
N SER J 137 -58.78 -45.78 3.27
CA SER J 137 -59.70 -44.65 3.43
C SER J 137 -60.09 -44.13 2.05
N GLY J 138 -61.06 -44.79 1.44
CA GLY J 138 -61.44 -44.44 0.08
C GLY J 138 -60.51 -45.08 -0.93
N GLY J 139 -59.93 -44.25 -1.80
CA GLY J 139 -59.01 -44.71 -2.82
C GLY J 139 -57.54 -44.60 -2.50
N THR J 140 -57.19 -44.08 -1.33
CA THR J 140 -55.79 -43.97 -0.91
C THR J 140 -55.57 -44.74 0.38
N ALA J 141 -54.42 -45.40 0.46
CA ALA J 141 -53.96 -46.08 1.66
C ALA J 141 -52.65 -45.43 2.10
N ALA J 142 -52.25 -45.73 3.33
CA ALA J 142 -51.02 -45.16 3.89
C ALA J 142 -50.06 -46.29 4.25
N LEU J 143 -48.77 -46.05 4.05
CA LEU J 143 -47.74 -47.00 4.46
C LEU J 143 -46.56 -46.21 4.98
N GLY J 144 -45.64 -46.90 5.66
CA GLY J 144 -44.52 -46.16 6.21
C GLY J 144 -43.44 -47.05 6.80
N CYS J 145 -42.51 -46.37 7.48
CA CYS J 145 -41.39 -47.00 8.15
C CYS J 145 -41.19 -46.32 9.49
N LEU J 146 -41.09 -47.12 10.55
CA LEU J 146 -40.81 -46.60 11.89
C LEU J 146 -39.33 -46.80 12.18
N VAL J 147 -38.66 -45.72 12.57
CA VAL J 147 -37.23 -45.72 12.82
C VAL J 147 -37.06 -45.44 14.31
N LYS J 148 -36.67 -46.47 15.07
CA LYS J 148 -36.65 -46.40 16.52
C LYS J 148 -35.23 -46.54 17.06
N ASP J 149 -35.01 -45.92 18.22
CA ASP J 149 -33.87 -46.24 19.08
C ASP J 149 -32.53 -45.98 18.38
N TYR J 150 -32.34 -44.72 17.99
CA TYR J 150 -31.07 -44.27 17.42
C TYR J 150 -30.59 -43.04 18.17
N PHE J 151 -29.27 -42.79 18.07
CA PHE J 151 -28.67 -41.63 18.69
C PHE J 151 -27.34 -41.37 18.02
N PRO J 152 -27.00 -40.11 17.72
CA PRO J 152 -27.89 -38.96 17.86
C PRO J 152 -28.61 -38.65 16.56
N GLU J 153 -29.25 -37.49 16.51
CA GLU J 153 -29.81 -37.02 15.26
C GLU J 153 -28.65 -36.76 14.28
N PRO J 154 -28.93 -36.81 12.97
CA PRO J 154 -30.20 -37.15 12.33
C PRO J 154 -30.17 -38.49 11.60
N VAL J 155 -31.34 -38.90 11.13
CA VAL J 155 -31.45 -39.95 10.12
C VAL J 155 -32.05 -39.31 8.88
N THR J 156 -31.76 -39.91 7.72
CA THR J 156 -32.37 -39.49 6.48
C THR J 156 -33.20 -40.63 5.93
N VAL J 157 -34.42 -40.31 5.48
CA VAL J 157 -35.33 -41.31 4.96
C VAL J 157 -35.73 -40.90 3.55
N SER J 158 -35.55 -41.83 2.61
CA SER J 158 -36.03 -41.64 1.25
C SER J 158 -36.93 -42.81 0.89
N TRP J 159 -37.69 -42.65 -0.19
CA TRP J 159 -38.58 -43.70 -0.66
C TRP J 159 -38.25 -44.00 -2.11
N ASN J 160 -38.07 -45.28 -2.43
CA ASN J 160 -37.68 -45.72 -3.77
C ASN J 160 -36.46 -44.94 -4.27
N SER J 161 -35.48 -44.78 -3.38
CA SER J 161 -34.23 -44.07 -3.70
C SER J 161 -34.47 -42.65 -4.18
N GLY J 162 -35.53 -42.01 -3.70
CA GLY J 162 -35.84 -40.65 -4.07
C GLY J 162 -36.82 -40.49 -5.22
N ALA J 163 -37.19 -41.59 -5.89
CA ALA J 163 -38.16 -41.48 -6.96
C ALA J 163 -39.53 -41.06 -6.45
N LEU J 164 -39.92 -41.54 -5.26
CA LEU J 164 -41.20 -41.23 -4.66
C LEU J 164 -41.02 -40.07 -3.68
N THR J 165 -41.66 -38.94 -3.97
CA THR J 165 -41.57 -37.76 -3.12
C THR J 165 -42.92 -37.21 -2.71
N SER J 166 -43.91 -37.23 -3.60
CA SER J 166 -45.19 -36.58 -3.33
C SER J 166 -45.96 -37.34 -2.26
N GLY J 167 -46.49 -36.60 -1.28
CA GLY J 167 -47.29 -37.18 -0.23
C GLY J 167 -46.51 -37.82 0.90
N VAL J 168 -45.20 -37.69 0.90
CA VAL J 168 -44.36 -38.26 1.95
C VAL J 168 -44.26 -37.27 3.11
N HIS J 169 -44.40 -37.79 4.32
CA HIS J 169 -44.22 -37.00 5.54
C HIS J 169 -43.22 -37.74 6.43
N THR J 170 -42.06 -37.14 6.66
CA THR J 170 -41.11 -37.61 7.65
C THR J 170 -41.24 -36.71 8.87
N PHE J 171 -41.62 -37.29 9.99
CA PHE J 171 -41.95 -36.48 11.15
C PHE J 171 -40.69 -36.09 11.91
N PRO J 172 -40.74 -34.96 12.63
CA PRO J 172 -39.64 -34.64 13.55
C PRO J 172 -39.44 -35.76 14.55
N ALA J 173 -38.18 -36.05 14.84
CA ALA J 173 -37.88 -37.07 15.83
C ALA J 173 -38.29 -36.58 17.22
N VAL J 174 -38.77 -37.52 18.05
CA VAL J 174 -39.13 -37.24 19.43
C VAL J 174 -38.20 -38.05 20.32
N LEU J 175 -37.65 -37.40 21.35
CA LEU J 175 -36.70 -38.06 22.22
C LEU J 175 -37.42 -38.89 23.26
N GLN J 176 -37.12 -40.19 23.30
CA GLN J 176 -37.75 -41.07 24.27
C GLN J 176 -37.23 -40.79 25.68
N SER J 177 -37.85 -41.46 26.65
CA SER J 177 -37.32 -41.44 28.00
C SER J 177 -36.03 -42.23 28.11
N SER J 178 -35.77 -43.15 27.18
CA SER J 178 -34.56 -43.94 27.18
C SER J 178 -33.33 -43.14 26.81
N GLY J 179 -33.52 -41.94 26.24
CA GLY J 179 -32.42 -41.16 25.74
C GLY J 179 -32.16 -41.33 24.27
N LEU J 180 -32.93 -42.15 23.57
CA LEU J 180 -32.81 -42.37 22.14
C LEU J 180 -33.96 -41.69 21.41
N TYR J 181 -33.82 -41.61 20.09
CA TYR J 181 -34.79 -40.92 19.26
C TYR J 181 -35.64 -41.93 18.49
N SER J 182 -36.84 -41.47 18.09
CA SER J 182 -37.71 -42.28 17.27
C SER J 182 -38.51 -41.36 16.36
N LEU J 183 -38.68 -41.78 15.10
CA LEU J 183 -39.54 -41.05 14.17
C LEU J 183 -40.23 -42.05 13.25
N SER J 184 -41.13 -41.52 12.42
CA SER J 184 -41.86 -42.31 11.45
C SER J 184 -41.89 -41.56 10.13
N SER J 185 -41.85 -42.31 9.03
CA SER J 185 -41.95 -41.74 7.70
C SER J 185 -43.09 -42.44 6.97
N VAL J 186 -44.10 -41.68 6.57
CA VAL J 186 -45.29 -42.27 5.96
C VAL J 186 -45.51 -41.65 4.59
N VAL J 187 -46.30 -42.34 3.79
CA VAL J 187 -46.68 -41.87 2.45
C VAL J 187 -48.08 -42.38 2.14
N THR J 188 -48.85 -41.53 1.49
CA THR J 188 -50.18 -41.88 0.99
C THR J 188 -50.08 -42.26 -0.47
N VAL J 189 -50.85 -43.27 -0.86
CA VAL J 189 -50.67 -43.90 -2.17
C VAL J 189 -51.98 -44.56 -2.61
N PRO J 190 -52.34 -44.48 -3.89
CA PRO J 190 -53.54 -45.20 -4.35
C PRO J 190 -53.46 -46.68 -4.03
N SER J 191 -54.55 -47.21 -3.47
CA SER J 191 -54.59 -48.61 -3.04
C SER J 191 -54.45 -49.57 -4.21
N SER J 192 -54.80 -49.14 -5.43
CA SER J 192 -54.57 -49.98 -6.60
C SER J 192 -53.09 -50.28 -6.79
N SER J 193 -52.24 -49.26 -6.63
CA SER J 193 -50.80 -49.42 -6.79
C SER J 193 -50.23 -50.53 -5.90
N LEU J 194 -50.86 -50.82 -4.76
CA LEU J 194 -50.30 -51.75 -3.80
C LEU J 194 -50.05 -53.13 -4.42
N GLY J 195 -50.86 -53.53 -5.41
CA GLY J 195 -50.66 -54.84 -6.00
C GLY J 195 -49.49 -54.91 -6.96
N THR J 196 -49.14 -53.77 -7.58
CA THR J 196 -48.11 -53.74 -8.60
C THR J 196 -46.88 -52.97 -8.17
N GLN J 197 -47.04 -51.77 -7.62
CA GLN J 197 -45.91 -50.93 -7.27
C GLN J 197 -45.43 -51.26 -5.87
N THR J 198 -44.14 -51.49 -5.73
CA THR J 198 -43.51 -51.81 -4.45
C THR J 198 -42.90 -50.56 -3.83
N TYR J 199 -42.93 -50.50 -2.51
CA TYR J 199 -42.54 -49.31 -1.78
C TYR J 199 -41.43 -49.68 -0.81
N ILE J 200 -40.30 -48.99 -0.93
CA ILE J 200 -39.10 -49.28 -0.16
C ILE J 200 -38.65 -48.01 0.52
N CYS J 201 -38.43 -48.06 1.82
CA CYS J 201 -37.88 -46.95 2.56
C CYS J 201 -36.38 -47.19 2.78
N ASN J 202 -35.59 -46.17 2.49
CA ASN J 202 -34.14 -46.20 2.66
C ASN J 202 -33.82 -45.27 3.81
N VAL J 203 -33.39 -45.85 4.93
CA VAL J 203 -33.02 -45.10 6.12
C VAL J 203 -31.50 -45.09 6.22
N ASN J 204 -30.94 -43.94 6.55
CA ASN J 204 -29.51 -43.77 6.70
C ASN J 204 -29.24 -43.08 8.03
N HIS J 205 -28.35 -43.65 8.83
CA HIS J 205 -27.90 -43.07 10.09
C HIS J 205 -26.38 -43.08 10.02
N LYS J 206 -25.82 -41.95 9.63
CA LYS J 206 -24.39 -41.82 9.41
C LYS J 206 -23.58 -41.96 10.69
N PRO J 207 -23.97 -41.33 11.82
CA PRO J 207 -23.16 -41.51 13.05
C PRO J 207 -22.94 -42.96 13.43
N SER J 208 -23.88 -43.86 13.15
CA SER J 208 -23.71 -45.27 13.42
C SER J 208 -23.38 -46.07 12.18
N ASN J 209 -23.18 -45.40 11.05
CA ASN J 209 -22.85 -46.05 9.78
C ASN J 209 -23.82 -47.19 9.47
N THR J 210 -25.10 -46.91 9.63
CA THR J 210 -26.14 -47.90 9.35
C THR J 210 -26.96 -47.44 8.17
N LYS J 211 -27.19 -48.35 7.22
CA LYS J 211 -28.02 -48.10 6.06
C LYS J 211 -28.97 -49.27 5.91
N VAL J 212 -30.27 -49.00 5.92
CA VAL J 212 -31.29 -50.04 5.92
C VAL J 212 -32.28 -49.75 4.79
N ASP J 213 -32.48 -50.73 3.91
CA ASP J 213 -33.50 -50.65 2.88
C ASP J 213 -34.58 -51.67 3.23
N LYS J 214 -35.78 -51.19 3.55
CA LYS J 214 -36.84 -52.05 4.03
C LYS J 214 -38.07 -51.84 3.16
N LYS J 215 -38.58 -52.91 2.57
CA LYS J 215 -39.74 -52.83 1.72
C LYS J 215 -40.99 -53.09 2.54
N VAL J 216 -42.02 -52.28 2.30
CA VAL J 216 -43.26 -52.32 3.06
C VAL J 216 -44.32 -52.98 2.18
N GLU J 217 -44.83 -54.12 2.62
CA GLU J 217 -45.81 -54.88 1.88
C GLU J 217 -46.94 -55.31 2.82
N PRO J 218 -48.14 -55.53 2.29
CA PRO J 218 -49.27 -55.93 3.15
C PRO J 218 -49.02 -57.28 3.81
N LYS J 219 -49.82 -57.54 4.84
CA LYS J 219 -49.65 -58.72 5.68
C LYS J 219 -49.98 -60.00 4.92
N SER J 220 -49.46 -61.12 5.45
CA SER J 220 -49.60 -62.40 4.76
C SER J 220 -51.01 -62.95 4.82
N CYS J 221 -51.83 -62.48 5.77
CA CYS J 221 -53.22 -62.89 5.89
C CYS J 221 -54.19 -61.89 5.29
N ASP J 222 -53.69 -60.78 4.76
CA ASP J 222 -54.55 -59.75 4.16
C ASP J 222 -54.75 -60.06 2.67
N ASP K 1 -24.42 -5.49 22.36
CA ASP K 1 -24.90 -5.90 21.04
C ASP K 1 -25.94 -4.92 20.51
N VAL K 2 -26.13 -4.92 19.20
CA VAL K 2 -27.24 -4.20 18.58
C VAL K 2 -28.42 -5.16 18.54
N VAL K 3 -29.41 -4.92 19.38
CA VAL K 3 -30.52 -5.85 19.55
C VAL K 3 -31.56 -5.62 18.47
N MET K 4 -31.93 -6.68 17.77
CA MET K 4 -32.96 -6.63 16.73
C MET K 4 -34.21 -7.32 17.26
N THR K 5 -35.35 -6.64 17.15
CA THR K 5 -36.61 -7.14 17.69
C THR K 5 -37.64 -7.21 16.57
N GLN K 6 -38.23 -8.38 16.38
CA GLN K 6 -39.26 -8.59 15.37
C GLN K 6 -40.64 -8.60 16.01
N SER K 7 -41.64 -8.24 15.22
CA SER K 7 -43.01 -8.18 15.67
C SER K 7 -43.93 -8.37 14.47
N PRO K 8 -44.88 -9.31 14.54
CA PRO K 8 -45.12 -10.21 15.67
C PRO K 8 -44.22 -11.43 15.62
N LEU K 9 -44.19 -12.19 16.71
CA LEU K 9 -43.38 -13.40 16.75
C LEU K 9 -44.08 -14.59 16.14
N SER K 10 -45.40 -14.52 15.97
CA SER K 10 -46.16 -15.57 15.30
C SER K 10 -47.23 -14.87 14.48
N LEU K 11 -47.20 -15.07 13.17
CA LEU K 11 -48.06 -14.34 12.25
C LEU K 11 -48.69 -15.31 11.28
N SER K 12 -50.01 -15.48 11.39
CA SER K 12 -50.78 -16.26 10.43
C SER K 12 -51.40 -15.30 9.44
N ILE K 13 -51.03 -15.43 8.18
CA ILE K 13 -51.43 -14.48 7.15
C ILE K 13 -52.67 -14.99 6.45
N THR K 14 -53.52 -14.06 6.03
CA THR K 14 -54.78 -14.41 5.38
C THR K 14 -54.60 -14.33 3.87
N PRO K 15 -55.01 -15.35 3.14
CA PRO K 15 -54.70 -15.41 1.70
C PRO K 15 -55.31 -14.26 0.93
N GLY K 16 -54.66 -13.90 -0.17
CA GLY K 16 -55.08 -12.79 -0.99
C GLY K 16 -54.88 -11.43 -0.37
N GLN K 17 -54.36 -11.36 0.85
CA GLN K 17 -54.19 -10.13 1.59
C GLN K 17 -52.72 -9.84 1.80
N PRO K 18 -52.37 -8.60 2.14
CA PRO K 18 -50.97 -8.30 2.45
C PRO K 18 -50.62 -8.68 3.89
N ALA K 19 -49.31 -8.76 4.13
CA ALA K 19 -48.78 -9.13 5.44
C ALA K 19 -47.57 -8.27 5.74
N SER K 20 -47.39 -7.96 7.03
CA SER K 20 -46.40 -6.97 7.42
C SER K 20 -45.67 -7.43 8.67
N ILE K 21 -44.34 -7.46 8.60
CA ILE K 21 -43.48 -7.75 9.74
C ILE K 21 -42.65 -6.51 10.04
N SER K 22 -42.45 -6.22 11.33
CA SER K 22 -41.69 -5.06 11.75
C SER K 22 -40.43 -5.53 12.47
N CYS K 23 -39.35 -4.77 12.28
CA CYS K 23 -38.05 -5.09 12.86
C CYS K 23 -37.43 -3.78 13.34
N ARG K 24 -37.06 -3.75 14.62
CA ARG K 24 -36.57 -2.54 15.25
C ARG K 24 -35.20 -2.79 15.86
N SER K 25 -34.28 -1.84 15.63
CA SER K 25 -32.91 -1.92 16.08
C SER K 25 -32.64 -0.84 17.12
N SER K 26 -31.69 -1.12 18.02
CA SER K 26 -31.35 -0.14 19.05
C SER K 26 -30.54 1.03 18.53
N GLN K 27 -29.95 0.90 17.33
CA GLN K 27 -29.19 1.97 16.71
C GLN K 27 -29.58 2.12 15.26
N SER K 28 -29.23 3.28 14.69
CA SER K 28 -29.43 3.51 13.27
C SER K 28 -28.52 2.58 12.47
N LEU K 29 -29.05 2.05 11.37
CA LEU K 29 -28.28 1.18 10.49
C LEU K 29 -27.69 1.95 9.31
N VAL K 30 -27.58 3.27 9.42
CA VAL K 30 -26.97 4.08 8.37
C VAL K 30 -25.46 4.09 8.57
N HIS K 31 -24.72 3.71 7.54
CA HIS K 31 -23.27 3.67 7.59
C HIS K 31 -22.69 5.00 7.12
N SER K 32 -21.39 5.18 7.37
CA SER K 32 -20.71 6.41 6.99
C SER K 32 -20.60 6.57 5.47
N ASP K 33 -20.82 5.50 4.71
CA ASP K 33 -20.84 5.60 3.26
C ASP K 33 -22.18 6.04 2.71
N GLY K 34 -23.14 6.36 3.58
CA GLY K 34 -24.45 6.82 3.18
C GLY K 34 -25.48 5.73 2.98
N LYS K 35 -25.09 4.46 3.01
CA LYS K 35 -26.01 3.35 2.78
C LYS K 35 -26.54 2.80 4.09
N THR K 36 -27.72 2.18 4.02
CA THR K 36 -28.37 1.55 5.17
C THR K 36 -28.33 0.04 4.98
N TYR K 37 -27.72 -0.67 5.91
CA TYR K 37 -27.42 -2.09 5.78
C TYR K 37 -28.38 -2.92 6.64
N LEU K 38 -29.56 -3.19 6.09
CA LEU K 38 -30.55 -4.06 6.71
C LEU K 38 -30.96 -5.12 5.69
N SER K 39 -31.16 -6.34 6.18
CA SER K 39 -31.47 -7.46 5.29
C SER K 39 -32.61 -8.28 5.86
N TRP K 40 -33.34 -8.92 4.96
CA TRP K 40 -34.49 -9.77 5.27
C TRP K 40 -34.23 -11.14 4.66
N TYR K 41 -34.37 -12.18 5.48
CA TYR K 41 -34.08 -13.55 5.10
C TYR K 41 -35.32 -14.41 5.36
N GLN K 42 -35.49 -15.42 4.51
CA GLN K 42 -36.57 -16.39 4.64
C GLN K 42 -35.97 -17.78 4.82
N GLN K 43 -36.51 -18.55 5.75
CA GLN K 43 -36.02 -19.88 6.09
C GLN K 43 -37.20 -20.82 5.98
N LYS K 44 -37.21 -21.60 4.92
CA LYS K 44 -38.20 -22.64 4.71
C LYS K 44 -37.81 -23.86 5.56
N PRO K 45 -38.77 -24.71 5.92
CA PRO K 45 -38.44 -25.76 6.90
C PRO K 45 -37.47 -26.77 6.31
N GLY K 46 -36.49 -27.16 7.13
CA GLY K 46 -35.50 -28.12 6.70
C GLY K 46 -34.43 -27.57 5.79
N GLN K 47 -34.33 -26.26 5.65
CA GLN K 47 -33.39 -25.61 4.75
C GLN K 47 -32.67 -24.48 5.46
N PRO K 48 -31.52 -24.05 4.93
CA PRO K 48 -30.87 -22.86 5.45
C PRO K 48 -31.65 -21.62 5.02
N PRO K 49 -31.40 -20.47 5.66
CA PRO K 49 -32.12 -19.25 5.27
C PRO K 49 -31.86 -18.88 3.81
N ARG K 50 -32.80 -18.14 3.25
CA ARG K 50 -32.70 -17.57 1.92
C ARG K 50 -32.58 -16.06 2.05
N LEU K 51 -31.65 -15.47 1.31
CA LEU K 51 -31.56 -14.02 1.28
C LEU K 51 -32.68 -13.48 0.40
N LEU K 52 -33.52 -12.62 0.97
CA LEU K 52 -34.58 -11.97 0.21
C LEU K 52 -34.21 -10.54 -0.14
N ILE K 53 -33.91 -9.73 0.87
CA ILE K 53 -33.63 -8.31 0.67
C ILE K 53 -32.35 -7.94 1.40
N TYR K 54 -31.51 -7.14 0.75
CA TYR K 54 -30.43 -6.43 1.41
C TYR K 54 -30.69 -4.95 1.19
N GLN K 55 -30.17 -4.09 2.08
CA GLN K 55 -30.30 -2.65 1.83
C GLN K 55 -31.75 -2.26 1.61
N VAL K 56 -32.48 -2.01 2.70
CA VAL K 56 -33.87 -2.40 2.97
C VAL K 56 -34.76 -2.67 1.76
N SER K 57 -34.52 -2.07 0.58
CA SER K 57 -35.51 -2.19 -0.50
C SER K 57 -35.06 -2.86 -1.78
N ASN K 58 -33.77 -3.12 -1.89
CA ASN K 58 -33.22 -3.95 -2.94
C ASN K 58 -33.44 -5.50 -2.76
N TRP K 59 -33.85 -6.10 -3.88
CA TRP K 59 -34.17 -7.51 -3.96
C TRP K 59 -32.96 -8.29 -4.47
N TYR K 60 -32.68 -9.42 -3.84
CA TYR K 60 -31.66 -10.30 -4.36
C TYR K 60 -32.17 -11.00 -5.61
N SER K 61 -31.23 -11.39 -6.47
CA SER K 61 -31.56 -12.06 -7.72
C SER K 61 -32.50 -13.22 -7.48
N GLY K 62 -33.62 -13.23 -8.21
CA GLY K 62 -34.60 -14.28 -8.10
C GLY K 62 -35.69 -14.05 -7.09
N VAL K 63 -35.67 -12.93 -6.37
CA VAL K 63 -36.68 -12.64 -5.36
C VAL K 63 -37.84 -11.94 -6.05
N PRO K 64 -39.09 -12.35 -5.80
CA PRO K 64 -40.21 -11.77 -6.53
C PRO K 64 -40.56 -10.37 -6.07
N ASP K 65 -41.19 -9.61 -6.98
CA ASP K 65 -41.60 -8.25 -6.70
C ASP K 65 -42.63 -8.14 -5.59
N ARG K 66 -43.26 -9.25 -5.19
CA ARG K 66 -44.26 -9.16 -4.13
C ARG K 66 -43.66 -8.94 -2.75
N PHE K 67 -42.38 -9.25 -2.57
CA PHE K 67 -41.69 -8.97 -1.32
C PHE K 67 -41.10 -7.57 -1.39
N SER K 68 -41.43 -6.73 -0.41
CA SER K 68 -40.97 -5.35 -0.42
C SER K 68 -40.49 -4.97 0.97
N GLY K 69 -39.54 -4.04 1.01
CA GLY K 69 -38.98 -3.58 2.26
C GLY K 69 -38.99 -2.07 2.33
N SER K 70 -39.36 -1.56 3.51
CA SER K 70 -39.40 -0.13 3.76
C SER K 70 -38.84 0.14 5.15
N GLY K 71 -38.71 1.42 5.48
CA GLY K 71 -38.29 1.83 6.79
C GLY K 71 -37.10 2.77 6.75
N THR K 72 -36.82 3.34 7.92
CA THR K 72 -35.73 4.29 8.10
C THR K 72 -35.17 4.15 9.50
N GLY K 73 -33.87 4.44 9.63
CA GLY K 73 -33.28 4.54 10.94
C GLY K 73 -33.30 3.23 11.69
N THR K 74 -34.21 3.13 12.65
CA THR K 74 -34.35 1.96 13.49
C THR K 74 -35.59 1.13 13.18
N ASN K 75 -36.55 1.66 12.43
CA ASN K 75 -37.77 0.94 12.12
C ASN K 75 -37.74 0.42 10.69
N PHE K 76 -38.04 -0.85 10.51
CA PHE K 76 -38.05 -1.46 9.19
C PHE K 76 -39.25 -2.39 9.08
N THR K 77 -39.77 -2.53 7.87
CA THR K 77 -41.00 -3.27 7.64
C THR K 77 -40.90 -4.06 6.35
N LEU K 78 -41.20 -5.35 6.45
CA LEU K 78 -41.29 -6.24 5.29
C LEU K 78 -42.76 -6.47 4.96
N LYS K 79 -43.10 -6.28 3.69
CA LYS K 79 -44.46 -6.45 3.21
C LYS K 79 -44.49 -7.58 2.20
N ILE K 80 -45.43 -8.50 2.40
CA ILE K 80 -45.76 -9.56 1.46
C ILE K 80 -47.09 -9.18 0.84
N SER K 81 -47.06 -8.76 -0.42
CA SER K 81 -48.22 -8.11 -1.01
C SER K 81 -49.36 -9.09 -1.23
N ARG K 82 -49.10 -10.19 -1.93
CA ARG K 82 -50.10 -11.24 -2.11
C ARG K 82 -49.38 -12.58 -2.05
N VAL K 83 -49.77 -13.40 -1.08
CA VAL K 83 -48.95 -14.53 -0.66
C VAL K 83 -49.13 -15.71 -1.61
N GLU K 84 -48.16 -16.62 -1.54
CA GLU K 84 -48.23 -17.91 -2.19
C GLU K 84 -48.24 -19.00 -1.11
N ALA K 85 -48.63 -20.21 -1.52
CA ALA K 85 -48.64 -21.32 -0.57
C ALA K 85 -47.23 -21.70 -0.13
N ALA K 86 -46.25 -21.58 -1.02
CA ALA K 86 -44.87 -21.94 -0.72
C ALA K 86 -44.22 -21.06 0.33
N ASP K 87 -44.85 -19.95 0.71
CA ASP K 87 -44.20 -18.91 1.50
C ASP K 87 -44.19 -19.21 3.01
N VAL K 88 -44.55 -20.42 3.44
CA VAL K 88 -44.47 -20.76 4.85
C VAL K 88 -43.02 -20.80 5.31
N GLY K 89 -42.80 -20.58 6.60
CA GLY K 89 -41.45 -20.66 7.12
C GLY K 89 -41.22 -19.64 8.22
N VAL K 90 -39.95 -19.40 8.52
CA VAL K 90 -39.55 -18.43 9.55
C VAL K 90 -38.80 -17.30 8.84
N TYR K 91 -39.18 -16.06 9.17
CA TYR K 91 -38.58 -14.89 8.54
C TYR K 91 -37.75 -14.13 9.56
N TYR K 92 -36.55 -13.72 9.14
CA TYR K 92 -35.60 -13.05 10.03
C TYR K 92 -35.17 -11.72 9.42
N CYS K 93 -34.98 -10.72 10.27
CA CYS K 93 -34.28 -9.50 9.89
C CYS K 93 -32.87 -9.52 10.47
N GLY K 94 -31.93 -8.98 9.73
CA GLY K 94 -30.55 -8.97 10.17
C GLY K 94 -29.79 -7.71 9.77
N GLN K 95 -29.05 -7.14 10.70
CA GLN K 95 -28.24 -5.96 10.42
C GLN K 95 -26.86 -6.40 9.96
N GLY K 96 -26.34 -5.73 8.93
CA GLY K 96 -25.06 -6.09 8.39
C GLY K 96 -24.06 -4.96 8.42
N VAL K 97 -24.13 -4.12 9.45
CA VAL K 97 -23.24 -2.97 9.58
C VAL K 97 -22.41 -3.03 10.86
N HIS K 98 -23.00 -3.49 11.96
CA HIS K 98 -22.33 -3.49 13.26
C HIS K 98 -21.98 -4.90 13.71
N LEU K 99 -20.84 -5.00 14.41
CA LEU K 99 -20.35 -6.23 15.00
C LEU K 99 -20.56 -6.21 16.51
N PRO K 100 -21.09 -7.28 17.10
CA PRO K 100 -21.40 -8.55 16.42
C PRO K 100 -22.63 -8.47 15.53
N ARG K 101 -22.63 -9.26 14.45
CA ARG K 101 -23.82 -9.37 13.63
C ARG K 101 -24.97 -9.91 14.47
N THR K 102 -26.17 -9.37 14.23
CA THR K 102 -27.33 -9.78 14.99
C THR K 102 -28.51 -10.00 14.06
N PHE K 103 -29.42 -10.86 14.50
CA PHE K 103 -30.64 -11.16 13.78
C PHE K 103 -31.81 -10.98 14.73
N GLY K 104 -33.00 -10.85 14.17
CA GLY K 104 -34.20 -10.89 14.98
C GLY K 104 -34.42 -12.29 15.52
N GLN K 105 -35.33 -12.38 16.49
CA GLN K 105 -35.67 -13.69 17.04
C GLN K 105 -36.45 -14.54 16.06
N GLY K 106 -37.07 -13.92 15.07
CA GLY K 106 -37.74 -14.64 13.99
C GLY K 106 -39.25 -14.60 14.11
N THR K 107 -39.91 -14.47 12.97
CA THR K 107 -41.36 -14.44 12.88
C THR K 107 -41.80 -15.66 12.11
N LYS K 108 -42.64 -16.49 12.72
CA LYS K 108 -43.11 -17.71 12.06
C LYS K 108 -44.35 -17.37 11.23
N VAL K 109 -44.27 -17.65 9.94
CA VAL K 109 -45.33 -17.36 9.00
C VAL K 109 -45.95 -18.70 8.58
N ASP K 110 -47.22 -18.85 8.89
CA ASP K 110 -48.04 -19.98 8.49
C ASP K 110 -49.30 -19.40 7.85
N ILE K 111 -49.82 -20.09 6.87
CA ILE K 111 -50.93 -19.55 6.09
C ILE K 111 -52.24 -20.11 6.62
N LYS K 112 -53.28 -19.29 6.55
CA LYS K 112 -54.63 -19.70 6.90
C LYS K 112 -55.35 -20.19 5.65
N ARG K 113 -56.09 -21.31 5.80
CA ARG K 113 -56.78 -21.87 4.65
C ARG K 113 -58.02 -22.63 5.13
N THR K 114 -58.75 -23.19 4.17
CA THR K 114 -59.99 -23.88 4.45
C THR K 114 -59.75 -25.14 5.28
N VAL K 115 -60.69 -25.41 6.20
CA VAL K 115 -60.60 -26.57 7.07
C VAL K 115 -60.59 -27.86 6.24
N ALA K 116 -59.87 -28.86 6.74
CA ALA K 116 -59.82 -30.17 6.10
C ALA K 116 -59.72 -31.24 7.18
N ALA K 117 -60.59 -32.23 7.08
CA ALA K 117 -60.60 -33.31 8.05
C ALA K 117 -59.39 -34.22 7.86
N PRO K 118 -58.84 -34.76 8.93
CA PRO K 118 -57.67 -35.64 8.81
C PRO K 118 -58.06 -37.00 8.29
N SER K 119 -57.17 -37.59 7.48
CA SER K 119 -57.29 -38.99 7.13
C SER K 119 -56.59 -39.80 8.21
N VAL K 120 -57.30 -40.73 8.84
CA VAL K 120 -56.79 -41.44 10.01
C VAL K 120 -56.43 -42.85 9.60
N PHE K 121 -55.23 -43.28 9.99
CA PHE K 121 -54.78 -44.64 9.74
C PHE K 121 -54.14 -45.18 11.02
N ILE K 122 -54.21 -46.49 11.20
CA ILE K 122 -53.54 -47.15 12.31
C ILE K 122 -52.61 -48.21 11.77
N PHE K 123 -51.44 -48.32 12.39
CA PHE K 123 -50.39 -49.26 12.02
C PHE K 123 -50.09 -50.13 13.22
N PRO K 124 -50.43 -51.42 13.16
CA PRO K 124 -50.05 -52.35 14.22
C PRO K 124 -48.56 -52.66 14.13
N PRO K 125 -47.97 -53.10 15.22
CA PRO K 125 -46.53 -53.39 15.21
C PRO K 125 -46.22 -54.65 14.42
N SER K 126 -45.04 -54.65 13.79
CA SER K 126 -44.56 -55.85 13.14
C SER K 126 -44.19 -56.90 14.18
N GLU K 127 -44.20 -58.17 13.73
CA GLU K 127 -43.81 -59.28 14.60
C GLU K 127 -42.39 -59.11 15.11
N ASP K 128 -41.51 -58.55 14.28
CA ASP K 128 -40.15 -58.26 14.71
C ASP K 128 -40.14 -57.38 15.94
N GLN K 129 -41.03 -56.38 15.98
CA GLN K 129 -41.13 -55.52 17.16
C GLN K 129 -41.50 -56.32 18.39
N VAL K 130 -42.46 -57.25 18.25
CA VAL K 130 -42.88 -58.08 19.37
C VAL K 130 -41.70 -58.90 19.88
N LYS K 131 -40.91 -59.46 18.97
CA LYS K 131 -39.71 -60.18 19.38
C LYS K 131 -38.70 -59.26 20.06
N SER K 132 -38.68 -57.98 19.66
CA SER K 132 -37.57 -57.09 20.01
C SER K 132 -37.52 -56.72 21.49
N GLY K 133 -38.64 -56.85 22.23
CA GLY K 133 -38.70 -56.45 23.63
C GLY K 133 -39.70 -55.35 23.90
N THR K 134 -39.85 -54.42 22.95
CA THR K 134 -40.81 -53.33 23.09
C THR K 134 -41.57 -53.16 21.79
N VAL K 135 -42.76 -52.59 21.90
CA VAL K 135 -43.75 -52.53 20.82
C VAL K 135 -44.22 -51.10 20.66
N SER K 136 -44.37 -50.66 19.42
CA SER K 136 -44.87 -49.32 19.11
C SER K 136 -46.01 -49.41 18.10
N VAL K 137 -47.20 -48.99 18.53
CA VAL K 137 -48.37 -48.89 17.66
C VAL K 137 -48.50 -47.44 17.20
N VAL K 138 -48.73 -47.23 15.90
CA VAL K 138 -48.65 -45.89 15.33
C VAL K 138 -50.02 -45.48 14.83
N CYS K 139 -50.44 -44.26 15.16
CA CYS K 139 -51.67 -43.68 14.62
C CYS K 139 -51.31 -42.43 13.85
N LEU K 140 -51.71 -42.37 12.58
CA LEU K 140 -51.33 -41.29 11.68
C LEU K 140 -52.55 -40.48 11.28
N LEU K 141 -52.41 -39.16 11.41
CA LEU K 141 -53.40 -38.18 10.95
C LEU K 141 -52.79 -37.45 9.77
N ASN K 142 -53.37 -37.62 8.60
CA ASN K 142 -52.80 -37.14 7.34
C ASN K 142 -53.59 -35.94 6.84
N ASN K 143 -52.88 -34.85 6.55
CA ASN K 143 -53.37 -33.75 5.72
C ASN K 143 -54.68 -33.17 6.27
N PHE K 144 -54.57 -32.55 7.44
CA PHE K 144 -55.69 -31.87 8.06
C PHE K 144 -55.35 -30.40 8.29
N TYR K 145 -56.41 -29.62 8.55
CA TYR K 145 -56.28 -28.21 8.89
C TYR K 145 -57.52 -27.84 9.69
N PRO K 146 -57.39 -27.05 10.76
CA PRO K 146 -56.13 -26.48 11.28
C PRO K 146 -55.28 -27.42 12.09
N ARG K 147 -54.22 -26.87 12.70
CA ARG K 147 -53.20 -27.69 13.34
C ARG K 147 -53.73 -28.35 14.61
N GLU K 148 -54.68 -27.72 15.28
CA GLU K 148 -55.16 -28.23 16.56
C GLU K 148 -55.90 -29.54 16.34
N ALA K 149 -55.50 -30.57 17.09
CA ALA K 149 -56.13 -31.87 17.00
C ALA K 149 -55.81 -32.65 18.26
N SER K 150 -56.64 -33.64 18.57
CA SER K 150 -56.45 -34.43 19.77
C SER K 150 -56.49 -35.91 19.41
N VAL K 151 -55.54 -36.67 19.94
CA VAL K 151 -55.47 -38.11 19.74
C VAL K 151 -55.52 -38.76 21.12
N LYS K 152 -56.42 -39.72 21.30
CA LYS K 152 -56.51 -40.50 22.53
C LYS K 152 -56.25 -41.96 22.20
N TRP K 153 -55.47 -42.62 23.04
CA TRP K 153 -55.14 -44.03 22.86
C TRP K 153 -56.03 -44.87 23.77
N LYS K 154 -56.63 -45.92 23.21
CA LYS K 154 -57.57 -46.75 23.93
C LYS K 154 -57.18 -48.21 23.78
N VAL K 155 -56.92 -48.88 24.90
CA VAL K 155 -56.57 -50.29 24.91
C VAL K 155 -57.71 -51.05 25.55
N ASP K 156 -58.28 -52.01 24.82
CA ASP K 156 -59.47 -52.74 25.26
C ASP K 156 -60.57 -51.78 25.72
N GLY K 157 -60.67 -50.64 25.03
CA GLY K 157 -61.71 -49.68 25.29
C GLY K 157 -61.38 -48.59 26.30
N VAL K 158 -60.35 -48.76 27.11
CA VAL K 158 -60.05 -47.81 28.19
C VAL K 158 -58.91 -46.89 27.75
N LEU K 159 -58.98 -45.64 28.19
CA LEU K 159 -57.93 -44.67 27.88
C LEU K 159 -56.60 -45.10 28.48
N LYS K 160 -55.54 -45.02 27.68
CA LYS K 160 -54.17 -45.32 28.11
C LYS K 160 -53.33 -44.07 27.96
N THR K 161 -52.71 -43.64 29.07
CA THR K 161 -51.90 -42.43 29.08
C THR K 161 -50.48 -42.75 29.52
N GLY K 162 -49.56 -41.84 29.19
CA GLY K 162 -48.21 -41.92 29.68
C GLY K 162 -47.30 -42.86 28.92
N ASN K 163 -47.73 -43.32 27.74
CA ASN K 163 -46.90 -44.18 26.90
C ASN K 163 -46.93 -43.72 25.45
N SER K 164 -47.33 -42.47 25.22
CA SER K 164 -47.55 -41.95 23.88
C SER K 164 -46.63 -40.78 23.60
N GLN K 165 -46.30 -40.60 22.32
CA GLN K 165 -45.47 -39.51 21.86
C GLN K 165 -46.10 -38.90 20.61
N GLU K 166 -46.08 -37.58 20.51
CA GLU K 166 -46.67 -36.89 19.38
C GLU K 166 -45.59 -36.20 18.57
N SER K 167 -45.80 -36.17 17.25
CA SER K 167 -44.91 -35.47 16.34
C SER K 167 -45.74 -34.83 15.24
N VAL K 168 -45.48 -33.55 14.97
CA VAL K 168 -46.28 -32.78 14.01
C VAL K 168 -45.36 -32.28 12.89
N THR K 169 -45.83 -32.41 11.65
CA THR K 169 -45.09 -31.86 10.54
C THR K 169 -45.26 -30.35 10.48
N GLU K 170 -44.47 -29.71 9.63
CA GLU K 170 -44.65 -28.30 9.36
C GLU K 170 -45.69 -28.12 8.26
N GLN K 171 -46.23 -26.90 8.17
CA GLN K 171 -47.26 -26.64 7.19
C GLN K 171 -46.74 -26.85 5.77
N ASP K 172 -47.42 -27.70 5.01
CA ASP K 172 -46.93 -28.12 3.71
C ASP K 172 -46.93 -26.95 2.74
N SER K 173 -45.91 -26.90 1.88
CA SER K 173 -45.79 -25.80 0.93
C SER K 173 -46.76 -25.91 -0.24
N LYS K 174 -47.34 -27.09 -0.46
CA LYS K 174 -48.24 -27.29 -1.59
C LYS K 174 -49.71 -27.05 -1.22
N ASP K 175 -50.18 -27.67 -0.14
CA ASP K 175 -51.59 -27.61 0.22
C ASP K 175 -51.84 -26.99 1.58
N ASN K 176 -50.80 -26.47 2.25
CA ASN K 176 -50.94 -25.69 3.49
C ASN K 176 -51.63 -26.51 4.58
N THR K 177 -51.34 -27.80 4.64
CA THR K 177 -51.97 -28.69 5.61
C THR K 177 -50.94 -29.25 6.58
N TYR K 178 -51.43 -29.82 7.67
CA TYR K 178 -50.58 -30.43 8.69
C TYR K 178 -50.83 -31.94 8.76
N SER K 179 -49.84 -32.65 9.30
CA SER K 179 -49.96 -34.08 9.56
C SER K 179 -49.28 -34.40 10.88
N LEU K 180 -49.78 -35.44 11.56
CA LEU K 180 -49.34 -35.77 12.91
C LEU K 180 -49.23 -37.27 13.09
N SER K 181 -48.23 -37.71 13.84
CA SER K 181 -48.06 -39.10 14.22
C SER K 181 -48.08 -39.23 15.73
N SER K 182 -48.81 -40.22 16.22
CA SER K 182 -48.84 -40.55 17.65
C SER K 182 -48.38 -41.99 17.81
N THR K 183 -47.33 -42.18 18.61
CA THR K 183 -46.69 -43.48 18.78
C THR K 183 -46.89 -43.94 20.21
N LEU K 184 -47.46 -45.14 20.38
CA LEU K 184 -47.70 -45.73 21.69
C LEU K 184 -46.68 -46.85 21.91
N THR K 185 -45.92 -46.75 22.99
CA THR K 185 -44.84 -47.68 23.28
C THR K 185 -45.16 -48.48 24.54
N LEU K 186 -45.08 -49.81 24.42
CA LEU K 186 -45.34 -50.72 25.54
C LEU K 186 -44.31 -51.83 25.53
N SER K 187 -44.26 -52.59 26.62
CA SER K 187 -43.53 -53.84 26.60
C SER K 187 -44.39 -54.91 25.91
N ASN K 188 -43.73 -55.97 25.42
CA ASN K 188 -44.50 -57.05 24.82
C ASN K 188 -45.39 -57.74 25.84
N THR K 189 -44.94 -57.81 27.10
CA THR K 189 -45.79 -58.29 28.17
C THR K 189 -47.07 -57.47 28.23
N ASP K 190 -46.93 -56.15 28.30
CA ASP K 190 -48.09 -55.27 28.33
C ASP K 190 -48.86 -55.34 27.01
N TYR K 191 -48.14 -55.49 25.88
CA TYR K 191 -48.80 -55.49 24.58
C TYR K 191 -49.72 -56.69 24.42
N GLN K 192 -49.24 -57.88 24.77
CA GLN K 192 -50.02 -59.10 24.63
C GLN K 192 -50.93 -59.35 25.82
N SER K 193 -50.84 -58.52 26.86
CA SER K 193 -51.80 -58.58 27.96
C SER K 193 -53.18 -58.08 27.56
N HIS K 194 -53.32 -57.50 26.36
CA HIS K 194 -54.58 -56.92 25.91
C HIS K 194 -54.82 -57.34 24.48
N ASN K 195 -56.01 -56.99 23.96
CA ASN K 195 -56.46 -57.50 22.66
C ASN K 195 -56.76 -56.40 21.65
N VAL K 196 -57.48 -55.36 22.05
CA VAL K 196 -57.99 -54.36 21.11
C VAL K 196 -57.25 -53.05 21.32
N TYR K 197 -56.72 -52.49 20.23
CA TYR K 197 -56.00 -51.23 20.27
C TYR K 197 -56.67 -50.25 19.33
N ALA K 198 -56.85 -49.01 19.79
CA ALA K 198 -57.54 -48.01 19.00
C ALA K 198 -56.97 -46.64 19.27
N CYS K 199 -57.04 -45.77 18.26
CA CYS K 199 -56.80 -44.35 18.43
C CYS K 199 -58.06 -43.59 18.04
N GLU K 200 -58.44 -42.63 18.88
CA GLU K 200 -59.60 -41.79 18.67
C GLU K 200 -59.11 -40.38 18.36
N VAL K 201 -59.44 -39.90 17.17
CA VAL K 201 -59.03 -38.59 16.69
C VAL K 201 -60.21 -37.65 16.80
N THR K 202 -60.00 -36.52 17.47
CA THR K 202 -60.96 -35.43 17.50
C THR K 202 -60.34 -34.23 16.82
N HIS K 203 -61.08 -33.64 15.89
CA HIS K 203 -60.63 -32.50 15.11
C HIS K 203 -61.87 -31.76 14.64
N GLN K 204 -61.72 -30.46 14.40
CA GLN K 204 -62.88 -29.63 14.06
C GLN K 204 -63.55 -30.12 12.78
N GLY K 205 -62.77 -30.56 11.79
CA GLY K 205 -63.33 -30.95 10.52
C GLY K 205 -64.03 -32.29 10.51
N LEU K 206 -64.26 -32.86 11.70
CA LEU K 206 -64.94 -34.14 11.84
C LEU K 206 -66.22 -33.92 12.62
N SER K 207 -67.36 -34.31 12.03
CA SER K 207 -68.64 -34.17 12.70
C SER K 207 -68.70 -35.00 13.98
N SER K 208 -67.94 -36.08 14.04
CA SER K 208 -67.88 -36.94 15.21
C SER K 208 -66.46 -37.47 15.33
N PRO K 209 -65.97 -37.69 16.54
CA PRO K 209 -64.62 -38.24 16.69
C PRO K 209 -64.50 -39.59 15.99
N VAL K 210 -63.39 -39.78 15.29
CA VAL K 210 -63.20 -40.98 14.47
C VAL K 210 -62.23 -41.91 15.17
N THR K 211 -62.63 -43.17 15.31
CA THR K 211 -61.82 -44.17 15.98
C THR K 211 -61.36 -45.21 14.97
N LYS K 212 -60.07 -45.51 14.96
CA LYS K 212 -59.54 -46.60 14.16
C LYS K 212 -58.86 -47.59 15.09
N SER K 213 -59.12 -48.88 14.86
CA SER K 213 -58.71 -49.91 15.80
C SER K 213 -58.27 -51.16 15.06
N PHE K 214 -57.67 -52.07 15.84
CA PHE K 214 -57.34 -53.39 15.36
C PHE K 214 -57.33 -54.34 16.55
N ASN K 215 -57.47 -55.63 16.24
CA ASN K 215 -57.43 -56.70 17.22
C ASN K 215 -56.11 -57.44 17.08
N ARG K 216 -55.43 -57.67 18.20
CA ARG K 216 -54.12 -58.28 18.17
C ARG K 216 -54.20 -59.68 17.57
N GLY K 217 -53.65 -59.86 16.37
CA GLY K 217 -53.73 -61.13 15.68
C GLY K 217 -54.92 -61.20 14.73
N ALA L 1 -22.66 -6.94 5.76
CA ALA L 1 -21.95 -6.71 4.52
C ALA L 1 -20.45 -6.80 4.72
N VAL L 2 -19.75 -7.31 3.70
CA VAL L 2 -18.31 -7.51 3.82
C VAL L 2 -17.61 -6.17 3.98
N GLY L 3 -16.74 -6.08 4.98
CA GLY L 3 -15.95 -4.89 5.19
C GLY L 3 -16.63 -3.77 5.95
N ILE L 4 -17.86 -3.97 6.42
CA ILE L 4 -18.61 -2.94 7.12
C ILE L 4 -18.72 -3.36 8.57
N GLY L 5 -17.99 -2.66 9.45
CA GLY L 5 -18.03 -2.95 10.87
C GLY L 5 -16.65 -3.15 11.45
N ALA L 6 -15.73 -3.64 10.62
CA ALA L 6 -14.31 -3.66 10.96
C ALA L 6 -13.60 -2.37 10.57
N VAL L 7 -14.25 -1.53 9.76
CA VAL L 7 -13.72 -0.23 9.37
C VAL L 7 -13.23 0.56 10.58
#